data_3NNC
# 
_entry.id   3NNC 
# 
_audit_conform.dict_name       mmcif_pdbx.dic 
_audit_conform.dict_version    5.379 
_audit_conform.dict_location   http://mmcif.pdb.org/dictionaries/ascii/mmcif_pdbx.dic 
# 
loop_
_database_2.database_id 
_database_2.database_code 
_database_2.pdbx_database_accession 
_database_2.pdbx_DOI 
PDB   3NNC         pdb_00003nnc 10.2210/pdb3nnc/pdb 
NDB   NA0612       ?            ?                   
RCSB  RCSB060042   ?            ?                   
WWPDB D_1000060042 ?            ?                   
# 
loop_
_pdbx_database_related.db_name 
_pdbx_database_related.db_id 
_pdbx_database_related.details 
_pdbx_database_related.content_type 
PDB 3NMR 'The same protein complexed with GUUGUUUUGUUU RNA'              unspecified 
PDB 3NNA 'The same protein complexed with GUUGUUUUUGUU RNA'              unspecified 
PDB 3NNH 'The same protein RRM1 domain complexed with GUUGUUUUGUUU RNA.' unspecified 
# 
_pdbx_database_status.status_code                     REL 
_pdbx_database_status.entry_id                        3NNC 
_pdbx_database_status.recvd_initial_deposition_date   2010-06-23 
_pdbx_database_status.deposit_site                    RCSB 
_pdbx_database_status.process_site                    RCSB 
_pdbx_database_status.status_code_sf                  REL 
_pdbx_database_status.status_code_mr                  ? 
_pdbx_database_status.SG_entry                        ? 
_pdbx_database_status.status_code_cs                  ? 
_pdbx_database_status.methods_development_category    ? 
_pdbx_database_status.pdb_format_compatible           Y 
_pdbx_database_status.status_code_nmr_data            ? 
# 
loop_
_audit_author.name 
_audit_author.pdbx_ordinal 
'Teplova, M.' 1 
'Song, J.'    2 
'Gaw, H.'     3 
'Teplov, A.'  4 
'Patel, D.J.' 5 
# 
_citation.id                        primary 
_citation.title                     
'Structural Insights into RNA Recognition by the Alternate-Splicing Regulator CUG-Binding Protein 1.' 
_citation.journal_abbrev            Structure 
_citation.journal_volume            18 
_citation.page_first                1364 
_citation.page_last                 1377 
_citation.year                      2010 
_citation.journal_id_ASTM           STRUE6 
_citation.country                   UK 
_citation.journal_id_ISSN           0969-2126 
_citation.journal_id_CSD            2005 
_citation.book_publisher            ? 
_citation.pdbx_database_id_PubMed   20947024 
_citation.pdbx_database_id_DOI      10.1016/j.str.2010.06.018 
# 
loop_
_citation_author.citation_id 
_citation_author.name 
_citation_author.ordinal 
_citation_author.identifier_ORCID 
primary 'Teplova, M.' 1 ? 
primary 'Song, J.'    2 ? 
primary 'Gaw, H.Y.'   3 ? 
primary 'Teplov, A.'  4 ? 
primary 'Patel, D.J.' 5 ? 
# 
_cell.entry_id           3NNC 
_cell.length_a           47.713 
_cell.length_b           70.039 
_cell.length_c           132.548 
_cell.angle_alpha        90.00 
_cell.angle_beta         90.00 
_cell.angle_gamma        90.00 
_cell.Z_PDB              8 
_cell.pdbx_unique_axis   ? 
_cell.length_a_esd       ? 
_cell.length_b_esd       ? 
_cell.length_c_esd       ? 
_cell.angle_alpha_esd    ? 
_cell.angle_beta_esd     ? 
_cell.angle_gamma_esd    ? 
# 
_symmetry.entry_id                         3NNC 
_symmetry.space_group_name_H-M             'I 2 2 2' 
_symmetry.pdbx_full_space_group_name_H-M   ? 
_symmetry.cell_setting                     ? 
_symmetry.Int_Tables_number                23 
_symmetry.space_group_name_Hall            ? 
# 
loop_
_entity.id 
_entity.type 
_entity.src_method 
_entity.pdbx_description 
_entity.formula_weight 
_entity.pdbx_number_of_molecules 
_entity.pdbx_ec 
_entity.pdbx_mutation 
_entity.pdbx_fragment 
_entity.details 
1 polymer man 'CUGBP Elav-like family member 1'                       19757.828 1  ? ? 'RRM1-RRM2 domain (UNP Residues 14-187)' ? 
2 polymer syn 
;RNA (5'-R(*UP*GP*UP*GP*UP*GP*UP*UP*GP*UP*GP*UP*G)-3')
;
4169.438  1  ? ? ?                                        ? 
3 water   nat water                                                   18.015    63 ? ? ?                                        ? 
# 
_entity_name_com.entity_id   1 
_entity_name_com.name        
;CELF-1, CUG-BP- and ETR-3-like factor 1, Bruno-like protein 2, RNA-binding protein BRUNOL-2, CUG triplet repeat RNA-binding protein 1, CUG-BP1, Deadenylation factor CUG-BP, 50 kDa nuclear polyadenylated RNA-binding protein, Embryo deadenylation element-binding protein homolog, EDEN-BP homolog
;
# 
loop_
_entity_poly.entity_id 
_entity_poly.type 
_entity_poly.nstd_linkage 
_entity_poly.nstd_monomer 
_entity_poly.pdbx_seq_one_letter_code 
_entity_poly.pdbx_seq_one_letter_code_can 
_entity_poly.pdbx_strand_id 
_entity_poly.pdbx_target_identifier 
1 'polypeptide(L)'   no no 
;SDAIKMFVGQVPRTWSEKDLRELFEQYGAVYEINVLRDRSQNPPQSKGCCFVTFYTRKAALEAQNALHNMKVLPGMHHPI
QMKPADSEKNNAVEDRKLFIGMISKKCTENDIRVMFSSFGQIEECRILRGPDGLSRGCAFVTFTTRAMAQTAIKAMHQAQ
TMEGCSSPMVVKFAD
;
;SDAIKMFVGQVPRTWSEKDLRELFEQYGAVYEINVLRDRSQNPPQSKGCCFVTFYTRKAALEAQNALHNMKVLPGMHHPI
QMKPADSEKNNAVEDRKLFIGMISKKCTENDIRVMFSSFGQIEECRILRGPDGLSRGCAFVTFTTRAMAQTAIKAMHQAQ
TMEGCSSPMVVKFAD
;
A ? 
2 polyribonucleotide no no UGUGUGUUGUGUG UGUGUGUUGUGUG B ? 
# 
loop_
_entity_poly_seq.entity_id 
_entity_poly_seq.num 
_entity_poly_seq.mon_id 
_entity_poly_seq.hetero 
1 1   SER n 
1 2   ASP n 
1 3   ALA n 
1 4   ILE n 
1 5   LYS n 
1 6   MET n 
1 7   PHE n 
1 8   VAL n 
1 9   GLY n 
1 10  GLN n 
1 11  VAL n 
1 12  PRO n 
1 13  ARG n 
1 14  THR n 
1 15  TRP n 
1 16  SER n 
1 17  GLU n 
1 18  LYS n 
1 19  ASP n 
1 20  LEU n 
1 21  ARG n 
1 22  GLU n 
1 23  LEU n 
1 24  PHE n 
1 25  GLU n 
1 26  GLN n 
1 27  TYR n 
1 28  GLY n 
1 29  ALA n 
1 30  VAL n 
1 31  TYR n 
1 32  GLU n 
1 33  ILE n 
1 34  ASN n 
1 35  VAL n 
1 36  LEU n 
1 37  ARG n 
1 38  ASP n 
1 39  ARG n 
1 40  SER n 
1 41  GLN n 
1 42  ASN n 
1 43  PRO n 
1 44  PRO n 
1 45  GLN n 
1 46  SER n 
1 47  LYS n 
1 48  GLY n 
1 49  CYS n 
1 50  CYS n 
1 51  PHE n 
1 52  VAL n 
1 53  THR n 
1 54  PHE n 
1 55  TYR n 
1 56  THR n 
1 57  ARG n 
1 58  LYS n 
1 59  ALA n 
1 60  ALA n 
1 61  LEU n 
1 62  GLU n 
1 63  ALA n 
1 64  GLN n 
1 65  ASN n 
1 66  ALA n 
1 67  LEU n 
1 68  HIS n 
1 69  ASN n 
1 70  MET n 
1 71  LYS n 
1 72  VAL n 
1 73  LEU n 
1 74  PRO n 
1 75  GLY n 
1 76  MET n 
1 77  HIS n 
1 78  HIS n 
1 79  PRO n 
1 80  ILE n 
1 81  GLN n 
1 82  MET n 
1 83  LYS n 
1 84  PRO n 
1 85  ALA n 
1 86  ASP n 
1 87  SER n 
1 88  GLU n 
1 89  LYS n 
1 90  ASN n 
1 91  ASN n 
1 92  ALA n 
1 93  VAL n 
1 94  GLU n 
1 95  ASP n 
1 96  ARG n 
1 97  LYS n 
1 98  LEU n 
1 99  PHE n 
1 100 ILE n 
1 101 GLY n 
1 102 MET n 
1 103 ILE n 
1 104 SER n 
1 105 LYS n 
1 106 LYS n 
1 107 CYS n 
1 108 THR n 
1 109 GLU n 
1 110 ASN n 
1 111 ASP n 
1 112 ILE n 
1 113 ARG n 
1 114 VAL n 
1 115 MET n 
1 116 PHE n 
1 117 SER n 
1 118 SER n 
1 119 PHE n 
1 120 GLY n 
1 121 GLN n 
1 122 ILE n 
1 123 GLU n 
1 124 GLU n 
1 125 CYS n 
1 126 ARG n 
1 127 ILE n 
1 128 LEU n 
1 129 ARG n 
1 130 GLY n 
1 131 PRO n 
1 132 ASP n 
1 133 GLY n 
1 134 LEU n 
1 135 SER n 
1 136 ARG n 
1 137 GLY n 
1 138 CYS n 
1 139 ALA n 
1 140 PHE n 
1 141 VAL n 
1 142 THR n 
1 143 PHE n 
1 144 THR n 
1 145 THR n 
1 146 ARG n 
1 147 ALA n 
1 148 MET n 
1 149 ALA n 
1 150 GLN n 
1 151 THR n 
1 152 ALA n 
1 153 ILE n 
1 154 LYS n 
1 155 ALA n 
1 156 MET n 
1 157 HIS n 
1 158 GLN n 
1 159 ALA n 
1 160 GLN n 
1 161 THR n 
1 162 MET n 
1 163 GLU n 
1 164 GLY n 
1 165 CYS n 
1 166 SER n 
1 167 SER n 
1 168 PRO n 
1 169 MET n 
1 170 VAL n 
1 171 VAL n 
1 172 LYS n 
1 173 PHE n 
1 174 ALA n 
1 175 ASP n 
2 1   U   n 
2 2   G   n 
2 3   U   n 
2 4   G   n 
2 5   U   n 
2 6   G   n 
2 7   U   n 
2 8   U   n 
2 9   G   n 
2 10  U   n 
2 11  G   n 
2 12  U   n 
2 13  G   n 
# 
_entity_src_gen.entity_id                          1 
_entity_src_gen.pdbx_src_id                        1 
_entity_src_gen.pdbx_alt_source_flag               sample 
_entity_src_gen.pdbx_seq_type                      ? 
_entity_src_gen.pdbx_beg_seq_num                   ? 
_entity_src_gen.pdbx_end_seq_num                   ? 
_entity_src_gen.gene_src_common_name               human 
_entity_src_gen.gene_src_genus                     ? 
_entity_src_gen.pdbx_gene_src_gene                 'BRUNOL2, CELF1, CUGBP, CUGBP1, CUGPB1, NAB50' 
_entity_src_gen.gene_src_species                   ? 
_entity_src_gen.gene_src_strain                    ? 
_entity_src_gen.gene_src_tissue                    ? 
_entity_src_gen.gene_src_tissue_fraction           ? 
_entity_src_gen.gene_src_details                   ? 
_entity_src_gen.pdbx_gene_src_fragment             ? 
_entity_src_gen.pdbx_gene_src_scientific_name      'Homo sapiens' 
_entity_src_gen.pdbx_gene_src_ncbi_taxonomy_id     9606 
_entity_src_gen.pdbx_gene_src_variant              ? 
_entity_src_gen.pdbx_gene_src_cell_line            ? 
_entity_src_gen.pdbx_gene_src_atcc                 ? 
_entity_src_gen.pdbx_gene_src_organ                ? 
_entity_src_gen.pdbx_gene_src_organelle            ? 
_entity_src_gen.pdbx_gene_src_cell                 ? 
_entity_src_gen.pdbx_gene_src_cellular_location    ? 
_entity_src_gen.host_org_common_name               ? 
_entity_src_gen.pdbx_host_org_scientific_name      'Escherichia coli' 
_entity_src_gen.pdbx_host_org_ncbi_taxonomy_id     469008 
_entity_src_gen.host_org_genus                     ? 
_entity_src_gen.pdbx_host_org_gene                 ? 
_entity_src_gen.pdbx_host_org_organ                ? 
_entity_src_gen.host_org_species                   ? 
_entity_src_gen.pdbx_host_org_tissue               ? 
_entity_src_gen.pdbx_host_org_tissue_fraction      ? 
_entity_src_gen.pdbx_host_org_strain               'BL21(DE3)RIL' 
_entity_src_gen.pdbx_host_org_variant              ? 
_entity_src_gen.pdbx_host_org_cell_line            ? 
_entity_src_gen.pdbx_host_org_atcc                 ? 
_entity_src_gen.pdbx_host_org_culture_collection   ? 
_entity_src_gen.pdbx_host_org_cell                 ? 
_entity_src_gen.pdbx_host_org_organelle            ? 
_entity_src_gen.pdbx_host_org_cellular_location    ? 
_entity_src_gen.pdbx_host_org_vector_type          PLASMID 
_entity_src_gen.pdbx_host_org_vector               ? 
_entity_src_gen.host_org_details                   ? 
_entity_src_gen.expression_system_id               ? 
_entity_src_gen.plasmid_name                       pET28b 
_entity_src_gen.plasmid_details                    ? 
_entity_src_gen.pdbx_description                   ? 
# 
_pdbx_entity_src_syn.entity_id              2 
_pdbx_entity_src_syn.pdbx_src_id            1 
_pdbx_entity_src_syn.pdbx_alt_source_flag   sample 
_pdbx_entity_src_syn.pdbx_beg_seq_num       ? 
_pdbx_entity_src_syn.pdbx_end_seq_num       ? 
_pdbx_entity_src_syn.organism_scientific    'Homo sapiens' 
_pdbx_entity_src_syn.organism_common_name   Human 
_pdbx_entity_src_syn.ncbi_taxonomy_id       9606 
_pdbx_entity_src_syn.details                'This sequence occurs naturally in humans.' 
# 
loop_
_struct_ref.id 
_struct_ref.db_name 
_struct_ref.db_code 
_struct_ref.pdbx_db_accession 
_struct_ref.entity_id 
_struct_ref.pdbx_seq_one_letter_code 
_struct_ref.pdbx_align_begin 
_struct_ref.pdbx_db_isoform 
1 UNP CELF1_HUMAN Q92879 1 
;DAIKMFVGQVPRTWSEKDLRELFEQYGAVYEINVLRDRSQNPPQSKGCCFVTFYTRKAALEAQNALHNMKVLPGMHHPIQ
MKPADSEKNNAVEDRKLFIGMISKKCTENDIRVMFSSFGQIEECRILRGPDGLSRGCAFVTFTTRAMAQTAIKAMHQAQT
MEGCSSPMVVKFAD
;
14 ? 
2 PDB 3NNC        3NNC   2 UGUGUGUUGUGUG -5 ? 
# 
loop_
_struct_ref_seq.align_id 
_struct_ref_seq.ref_id 
_struct_ref_seq.pdbx_PDB_id_code 
_struct_ref_seq.pdbx_strand_id 
_struct_ref_seq.seq_align_beg 
_struct_ref_seq.pdbx_seq_align_beg_ins_code 
_struct_ref_seq.seq_align_end 
_struct_ref_seq.pdbx_seq_align_end_ins_code 
_struct_ref_seq.pdbx_db_accession 
_struct_ref_seq.db_align_beg 
_struct_ref_seq.pdbx_db_align_beg_ins_code 
_struct_ref_seq.db_align_end 
_struct_ref_seq.pdbx_db_align_end_ins_code 
_struct_ref_seq.pdbx_auth_seq_align_beg 
_struct_ref_seq.pdbx_auth_seq_align_end 
1 1 3NNC A 2 ? 175 ? Q92879 14 ? 187 ? 14 187 
2 2 3NNC B 1 ? 13  ? 3NNC   -5 ? 7   ? -5 7   
# 
_struct_ref_seq_dif.align_id                     1 
_struct_ref_seq_dif.pdbx_pdb_id_code             3NNC 
_struct_ref_seq_dif.mon_id                       SER 
_struct_ref_seq_dif.pdbx_pdb_strand_id           A 
_struct_ref_seq_dif.seq_num                      1 
_struct_ref_seq_dif.pdbx_pdb_ins_code            ? 
_struct_ref_seq_dif.pdbx_seq_db_name             UNP 
_struct_ref_seq_dif.pdbx_seq_db_accession_code   Q92879 
_struct_ref_seq_dif.db_mon_id                    ? 
_struct_ref_seq_dif.pdbx_seq_db_seq_num          ? 
_struct_ref_seq_dif.details                      'expression tag' 
_struct_ref_seq_dif.pdbx_auth_seq_num            13 
_struct_ref_seq_dif.pdbx_ordinal                 1 
# 
loop_
_chem_comp.id 
_chem_comp.type 
_chem_comp.mon_nstd_flag 
_chem_comp.name 
_chem_comp.pdbx_synonyms 
_chem_comp.formula 
_chem_comp.formula_weight 
ALA 'L-peptide linking' y ALANINE                      ? 'C3 H7 N O2'      89.093  
ARG 'L-peptide linking' y ARGININE                     ? 'C6 H15 N4 O2 1'  175.209 
ASN 'L-peptide linking' y ASPARAGINE                   ? 'C4 H8 N2 O3'     132.118 
ASP 'L-peptide linking' y 'ASPARTIC ACID'              ? 'C4 H7 N O4'      133.103 
CYS 'L-peptide linking' y CYSTEINE                     ? 'C3 H7 N O2 S'    121.158 
G   'RNA linking'       y "GUANOSINE-5'-MONOPHOSPHATE" ? 'C10 H14 N5 O8 P' 363.221 
GLN 'L-peptide linking' y GLUTAMINE                    ? 'C5 H10 N2 O3'    146.144 
GLU 'L-peptide linking' y 'GLUTAMIC ACID'              ? 'C5 H9 N O4'      147.129 
GLY 'peptide linking'   y GLYCINE                      ? 'C2 H5 N O2'      75.067  
HIS 'L-peptide linking' y HISTIDINE                    ? 'C6 H10 N3 O2 1'  156.162 
HOH non-polymer         . WATER                        ? 'H2 O'            18.015  
ILE 'L-peptide linking' y ISOLEUCINE                   ? 'C6 H13 N O2'     131.173 
LEU 'L-peptide linking' y LEUCINE                      ? 'C6 H13 N O2'     131.173 
LYS 'L-peptide linking' y LYSINE                       ? 'C6 H15 N2 O2 1'  147.195 
MET 'L-peptide linking' y METHIONINE                   ? 'C5 H11 N O2 S'   149.211 
PHE 'L-peptide linking' y PHENYLALANINE                ? 'C9 H11 N O2'     165.189 
PRO 'L-peptide linking' y PROLINE                      ? 'C5 H9 N O2'      115.130 
SER 'L-peptide linking' y SERINE                       ? 'C3 H7 N O3'      105.093 
THR 'L-peptide linking' y THREONINE                    ? 'C4 H9 N O3'      119.119 
TRP 'L-peptide linking' y TRYPTOPHAN                   ? 'C11 H12 N2 O2'   204.225 
TYR 'L-peptide linking' y TYROSINE                     ? 'C9 H11 N O3'     181.189 
U   'RNA linking'       y "URIDINE-5'-MONOPHOSPHATE"   ? 'C9 H13 N2 O9 P'  324.181 
VAL 'L-peptide linking' y VALINE                       ? 'C5 H11 N O2'     117.146 
# 
_exptl.entry_id          3NNC 
_exptl.method            'X-RAY DIFFRACTION' 
_exptl.crystals_number   1 
# 
_exptl_crystal.id                    1 
_exptl_crystal.density_meas          ? 
_exptl_crystal.density_Matthews      2.31 
_exptl_crystal.density_percent_sol   46.85 
_exptl_crystal.description           ? 
_exptl_crystal.F_000                 ? 
_exptl_crystal.preparation           ? 
# 
_exptl_crystal_grow.crystal_id      1 
_exptl_crystal_grow.method          'VAPOR DIFFUSION, HANGING DROP' 
_exptl_crystal_grow.temp            277 
_exptl_crystal_grow.temp_details    ? 
_exptl_crystal_grow.pH              8.5 
_exptl_crystal_grow.pdbx_details    
'0.2 M ammonium acetate, 45% MPD, 0.1 M Tris pH 8.5, VAPOR DIFFUSION, HANGING DROP, temperature 277K' 
_exptl_crystal_grow.pdbx_pH_range   ? 
# 
_diffrn.id                     1 
_diffrn.ambient_temp           100 
_diffrn.ambient_temp_details   ? 
_diffrn.crystal_id             1 
# 
_diffrn_detector.diffrn_id              1 
_diffrn_detector.detector               CCD 
_diffrn_detector.type                   'ADSC QUANTUM 315' 
_diffrn_detector.pdbx_collection_date   2008-11-11 
_diffrn_detector.details                ? 
# 
_diffrn_radiation.diffrn_id                        1 
_diffrn_radiation.wavelength_id                    1 
_diffrn_radiation.pdbx_monochromatic_or_laue_m_l   M 
_diffrn_radiation.monochromator                    ? 
_diffrn_radiation.pdbx_diffrn_protocol             'SINGLE WAVELENGTH' 
_diffrn_radiation.pdbx_scattering_type             x-ray 
# 
_diffrn_radiation_wavelength.id           1 
_diffrn_radiation_wavelength.wavelength   0.97918 
_diffrn_radiation_wavelength.wt           1.0 
# 
_diffrn_source.diffrn_id                   1 
_diffrn_source.source                      SYNCHROTRON 
_diffrn_source.type                        'APS BEAMLINE 24-ID-E' 
_diffrn_source.pdbx_synchrotron_site       APS 
_diffrn_source.pdbx_synchrotron_beamline   24-ID-E 
_diffrn_source.pdbx_wavelength             ? 
_diffrn_source.pdbx_wavelength_list        0.97918 
# 
_reflns.entry_id                     3NNC 
_reflns.observed_criterion_sigma_I   2.0 
_reflns.observed_criterion_sigma_F   2.0 
_reflns.d_resolution_low             40 
_reflns.d_resolution_high            2.2 
_reflns.number_obs                   11418 
_reflns.number_all                   ? 
_reflns.percent_possible_obs         98.2 
_reflns.pdbx_Rmerge_I_obs            0.122 
_reflns.pdbx_Rsym_value              ? 
_reflns.pdbx_netI_over_sigmaI        11.5 
_reflns.B_iso_Wilson_estimate        ? 
_reflns.pdbx_redundancy              5.5 
_reflns.R_free_details               ? 
_reflns.limit_h_max                  ? 
_reflns.limit_h_min                  ? 
_reflns.limit_k_max                  ? 
_reflns.limit_k_min                  ? 
_reflns.limit_l_max                  ? 
_reflns.limit_l_min                  ? 
_reflns.observed_criterion_F_max     ? 
_reflns.observed_criterion_F_min     ? 
_reflns.pdbx_chi_squared             ? 
_reflns.pdbx_scaling_rejects         ? 
_reflns.pdbx_ordinal                 1 
_reflns.pdbx_diffrn_id               1 
# 
_reflns_shell.d_res_high             2.20 
_reflns_shell.d_res_low              2.28 
_reflns_shell.percent_possible_all   95.3 
_reflns_shell.Rmerge_I_obs           0.429 
_reflns_shell.pdbx_Rsym_value        ? 
_reflns_shell.meanI_over_sigI_obs    3 
_reflns_shell.pdbx_redundancy        4.8 
_reflns_shell.percent_possible_obs   ? 
_reflns_shell.number_unique_all      1083 
_reflns_shell.number_measured_all    ? 
_reflns_shell.number_measured_obs    ? 
_reflns_shell.number_unique_obs      ? 
_reflns_shell.pdbx_chi_squared       ? 
_reflns_shell.pdbx_ordinal           1 
_reflns_shell.pdbx_diffrn_id         1 
# 
_refine.entry_id                                 3NNC 
_refine.ls_number_reflns_obs                     11390 
_refine.ls_number_reflns_all                     11418 
_refine.pdbx_ls_sigma_I                          ? 
_refine.pdbx_ls_sigma_F                          1.34 
_refine.pdbx_data_cutoff_high_absF               ? 
_refine.pdbx_data_cutoff_low_absF                ? 
_refine.pdbx_data_cutoff_high_rms_absF           ? 
_refine.ls_d_res_low                             39.432 
_refine.ls_d_res_high                            2.2005 
_refine.ls_percent_reflns_obs                    97.70 
_refine.ls_R_factor_obs                          0.1979 
_refine.ls_R_factor_all                          ? 
_refine.ls_R_factor_R_work                       0.1950 
_refine.ls_R_factor_R_free                       0.2555 
_refine.ls_R_factor_R_free_error                 ? 
_refine.ls_R_factor_R_free_error_details         ? 
_refine.ls_percent_reflns_R_free                 4.73 
_refine.ls_number_reflns_R_free                  539 
_refine.ls_number_parameters                     ? 
_refine.ls_number_restraints                     ? 
_refine.occupancy_min                            ? 
_refine.occupancy_max                            ? 
_refine.correlation_coeff_Fo_to_Fc               ? 
_refine.correlation_coeff_Fo_to_Fc_free          ? 
_refine.B_iso_mean                               ? 
_refine.aniso_B[1][1]                            -1.4571 
_refine.aniso_B[2][2]                            -3.1880 
_refine.aniso_B[3][3]                            4.6450 
_refine.aniso_B[1][2]                            -0.0000 
_refine.aniso_B[1][3]                            0.0000 
_refine.aniso_B[2][3]                            0.0000 
_refine.solvent_model_details                    'FLAT BULK SOLVENT MODEL' 
_refine.solvent_model_param_ksol                 0.340 
_refine.solvent_model_param_bsol                 35.731 
_refine.pdbx_solvent_vdw_probe_radii             1.10 
_refine.pdbx_solvent_ion_probe_radii             ? 
_refine.pdbx_solvent_shrinkage_radii             0.83 
_refine.pdbx_ls_cross_valid_method               ? 
_refine.details                                  ? 
_refine.pdbx_starting_model                      'PDB ENTRY 3NMR' 
_refine.pdbx_method_to_determine_struct          'MOLECULAR REPLACEMENT' 
_refine.pdbx_isotropic_thermal_model             ? 
_refine.pdbx_stereochemistry_target_values       ML 
_refine.pdbx_stereochem_target_val_spec_case     ? 
_refine.pdbx_R_Free_selection_details            RANDOM 
_refine.pdbx_overall_ESU_R_Free                  ? 
_refine.overall_SU_ML                            0.22 
_refine.overall_SU_B                             ? 
_refine.overall_SU_R_Cruickshank_DPI             ? 
_refine.ls_redundancy_reflns_obs                 ? 
_refine.B_iso_min                                ? 
_refine.B_iso_max                                ? 
_refine.overall_SU_R_free                        ? 
_refine.ls_wR_factor_R_free                      ? 
_refine.ls_wR_factor_R_work                      ? 
_refine.overall_FOM_free_R_set                   ? 
_refine.overall_FOM_work_R_set                   ? 
_refine.pdbx_overall_phase_error                 24.17 
_refine.pdbx_refine_id                           'X-RAY DIFFRACTION' 
_refine.pdbx_overall_ESU_R                       ? 
_refine.pdbx_diffrn_id                           1 
_refine.pdbx_TLS_residual_ADP_flag               ? 
_refine.pdbx_overall_SU_R_free_Cruickshank_DPI   ? 
_refine.pdbx_overall_SU_R_Blow_DPI               ? 
_refine.pdbx_overall_SU_R_free_Blow_DPI          ? 
# 
_refine_hist.pdbx_refine_id                   'X-RAY DIFFRACTION' 
_refine_hist.cycle_id                         LAST 
_refine_hist.pdbx_number_atoms_protein        1375 
_refine_hist.pdbx_number_atoms_nucleic_acid   130 
_refine_hist.pdbx_number_atoms_ligand         0 
_refine_hist.number_atoms_solvent             63 
_refine_hist.number_atoms_total               1568 
_refine_hist.d_res_high                       2.2005 
_refine_hist.d_res_low                        39.432 
# 
loop_
_refine_ls_restr.type 
_refine_ls_restr.dev_ideal 
_refine_ls_restr.dev_ideal_target 
_refine_ls_restr.weight 
_refine_ls_restr.number 
_refine_ls_restr.pdbx_refine_id 
_refine_ls_restr.pdbx_restraint_function 
f_bond_d           0.009  ? ? 1546 'X-RAY DIFFRACTION' ? 
f_angle_d          1.071  ? ? 2107 'X-RAY DIFFRACTION' ? 
f_dihedral_angle_d 17.250 ? ? 608  'X-RAY DIFFRACTION' ? 
f_chiral_restr     0.072  ? ? 234  'X-RAY DIFFRACTION' ? 
f_plane_restr      0.005  ? ? 253  'X-RAY DIFFRACTION' ? 
# 
loop_
_refine_ls_shell.pdbx_total_number_of_bins_used 
_refine_ls_shell.d_res_high 
_refine_ls_shell.d_res_low 
_refine_ls_shell.number_reflns_R_work 
_refine_ls_shell.R_factor_R_work 
_refine_ls_shell.percent_reflns_obs 
_refine_ls_shell.R_factor_R_free 
_refine_ls_shell.R_factor_R_free_error 
_refine_ls_shell.percent_reflns_R_free 
_refine_ls_shell.number_reflns_R_free 
_refine_ls_shell.number_reflns_all 
_refine_ls_shell.R_factor_all 
_refine_ls_shell.number_reflns_obs 
_refine_ls_shell.redundancy_reflns_obs 
_refine_ls_shell.pdbx_refine_id 
. 2.2005 2.4219  2594 0.2081 95.00 0.2893 . . 121 . . . . 'X-RAY DIFFRACTION' 
. 2.4219 2.7723  2699 0.2186 99.00 0.3121 . . 155 . . . . 'X-RAY DIFFRACTION' 
. 2.7723 3.4924  2731 0.1946 99.00 0.2738 . . 141 . . . . 'X-RAY DIFFRACTION' 
. 3.4924 39.4388 2827 0.1846 97.00 0.2163 . . 122 . . . . 'X-RAY DIFFRACTION' 
# 
_struct.entry_id                  3NNC 
_struct.title                     'Crystal Structure of CUGBP1 RRM1/2-RNA Complex' 
_struct.pdbx_model_details        ? 
_struct.pdbx_CASP_flag            ? 
_struct.pdbx_model_type_details   ? 
# 
_struct_keywords.entry_id        3NNC 
_struct_keywords.pdbx_keywords   'RNA BINDING PROTEIN/RNA' 
_struct_keywords.text            'RRM, pre-mRNA splicing, RNA, RNA BINDING PROTEIN-RNA complex' 
# 
loop_
_struct_asym.id 
_struct_asym.pdbx_blank_PDB_chainid_flag 
_struct_asym.pdbx_modified 
_struct_asym.entity_id 
_struct_asym.details 
A N N 1 ? 
B N N 2 ? 
C N N 3 ? 
D N N 3 ? 
# 
_struct_biol.id        1 
_struct_biol.details   ? 
# 
loop_
_struct_conf.conf_type_id 
_struct_conf.id 
_struct_conf.pdbx_PDB_helix_id 
_struct_conf.beg_label_comp_id 
_struct_conf.beg_label_asym_id 
_struct_conf.beg_label_seq_id 
_struct_conf.pdbx_beg_PDB_ins_code 
_struct_conf.end_label_comp_id 
_struct_conf.end_label_asym_id 
_struct_conf.end_label_seq_id 
_struct_conf.pdbx_end_PDB_ins_code 
_struct_conf.beg_auth_comp_id 
_struct_conf.beg_auth_asym_id 
_struct_conf.beg_auth_seq_id 
_struct_conf.end_auth_comp_id 
_struct_conf.end_auth_asym_id 
_struct_conf.end_auth_seq_id 
_struct_conf.pdbx_PDB_helix_class 
_struct_conf.details 
_struct_conf.pdbx_PDB_helix_length 
HELX_P HELX_P1 1 SER A 16  ? GLU A 25  ? SER A 28  GLU A 37  1 ? 10 
HELX_P HELX_P2 2 THR A 56  ? HIS A 68  ? THR A 68  HIS A 80  1 ? 13 
HELX_P HELX_P3 3 ASP A 86  ? LYS A 89  ? ASP A 98  LYS A 101 5 ? 4  
HELX_P HELX_P4 4 ALA A 92  ? ASP A 95  ? ALA A 104 ASP A 107 5 ? 4  
HELX_P HELX_P5 5 THR A 108 ? SER A 118 ? THR A 120 SER A 130 1 ? 11 
HELX_P HELX_P6 6 THR A 145 ? HIS A 157 ? THR A 157 HIS A 169 1 ? 13 
# 
_struct_conf_type.id          HELX_P 
_struct_conf_type.criteria    ? 
_struct_conf_type.reference   ? 
# 
_struct_mon_prot_cis.pdbx_id                1 
_struct_mon_prot_cis.label_comp_id          ASN 
_struct_mon_prot_cis.label_seq_id           42 
_struct_mon_prot_cis.label_asym_id          A 
_struct_mon_prot_cis.label_alt_id           . 
_struct_mon_prot_cis.pdbx_PDB_ins_code      ? 
_struct_mon_prot_cis.auth_comp_id           ASN 
_struct_mon_prot_cis.auth_seq_id            54 
_struct_mon_prot_cis.auth_asym_id           A 
_struct_mon_prot_cis.pdbx_label_comp_id_2   PRO 
_struct_mon_prot_cis.pdbx_label_seq_id_2    43 
_struct_mon_prot_cis.pdbx_label_asym_id_2   A 
_struct_mon_prot_cis.pdbx_PDB_ins_code_2    ? 
_struct_mon_prot_cis.pdbx_auth_comp_id_2    PRO 
_struct_mon_prot_cis.pdbx_auth_seq_id_2     55 
_struct_mon_prot_cis.pdbx_auth_asym_id_2    A 
_struct_mon_prot_cis.pdbx_PDB_model_num     1 
_struct_mon_prot_cis.pdbx_omega_angle       -3.45 
# 
loop_
_struct_sheet.id 
_struct_sheet.type 
_struct_sheet.number_strands 
_struct_sheet.details 
A ? 4 ? 
B ? 4 ? 
# 
loop_
_struct_sheet_order.sheet_id 
_struct_sheet_order.range_id_1 
_struct_sheet_order.range_id_2 
_struct_sheet_order.offset 
_struct_sheet_order.sense 
A 1 2 ? anti-parallel 
A 2 3 ? anti-parallel 
A 3 4 ? anti-parallel 
B 1 2 ? anti-parallel 
B 2 3 ? anti-parallel 
B 3 4 ? anti-parallel 
# 
loop_
_struct_sheet_range.sheet_id 
_struct_sheet_range.id 
_struct_sheet_range.beg_label_comp_id 
_struct_sheet_range.beg_label_asym_id 
_struct_sheet_range.beg_label_seq_id 
_struct_sheet_range.pdbx_beg_PDB_ins_code 
_struct_sheet_range.end_label_comp_id 
_struct_sheet_range.end_label_asym_id 
_struct_sheet_range.end_label_seq_id 
_struct_sheet_range.pdbx_end_PDB_ins_code 
_struct_sheet_range.beg_auth_comp_id 
_struct_sheet_range.beg_auth_asym_id 
_struct_sheet_range.beg_auth_seq_id 
_struct_sheet_range.end_auth_comp_id 
_struct_sheet_range.end_auth_asym_id 
_struct_sheet_range.end_auth_seq_id 
A 1 VAL A 30  ? ASP A 38  ? VAL A 42  ASP A 50  
A 2 GLN A 45  ? PHE A 54  ? GLN A 57  PHE A 66  
A 3 ILE A 4   ? GLY A 9   ? ILE A 16  GLY A 21  
A 4 GLN A 81  ? PRO A 84  ? GLN A 93  PRO A 96  
B 1 ILE A 122 ? ARG A 129 ? ILE A 134 ARG A 141 
B 2 SER A 135 ? PHE A 143 ? SER A 147 PHE A 155 
B 3 LYS A 97  ? GLY A 101 ? LYS A 109 GLY A 113 
B 4 VAL A 170 ? PHE A 173 ? VAL A 182 PHE A 185 
# 
loop_
_pdbx_struct_sheet_hbond.sheet_id 
_pdbx_struct_sheet_hbond.range_id_1 
_pdbx_struct_sheet_hbond.range_id_2 
_pdbx_struct_sheet_hbond.range_1_label_atom_id 
_pdbx_struct_sheet_hbond.range_1_label_comp_id 
_pdbx_struct_sheet_hbond.range_1_label_asym_id 
_pdbx_struct_sheet_hbond.range_1_label_seq_id 
_pdbx_struct_sheet_hbond.range_1_PDB_ins_code 
_pdbx_struct_sheet_hbond.range_1_auth_atom_id 
_pdbx_struct_sheet_hbond.range_1_auth_comp_id 
_pdbx_struct_sheet_hbond.range_1_auth_asym_id 
_pdbx_struct_sheet_hbond.range_1_auth_seq_id 
_pdbx_struct_sheet_hbond.range_2_label_atom_id 
_pdbx_struct_sheet_hbond.range_2_label_comp_id 
_pdbx_struct_sheet_hbond.range_2_label_asym_id 
_pdbx_struct_sheet_hbond.range_2_label_seq_id 
_pdbx_struct_sheet_hbond.range_2_PDB_ins_code 
_pdbx_struct_sheet_hbond.range_2_auth_atom_id 
_pdbx_struct_sheet_hbond.range_2_auth_comp_id 
_pdbx_struct_sheet_hbond.range_2_auth_asym_id 
_pdbx_struct_sheet_hbond.range_2_auth_seq_id 
A 1 2 N GLU A 32  ? N GLU A 44  O THR A 53  ? O THR A 65  
A 2 3 O VAL A 52  ? O VAL A 64  N MET A 6   ? N MET A 18  
A 3 4 N PHE A 7   ? N PHE A 19  O LYS A 83  ? O LYS A 95  
B 1 2 N LEU A 128 ? N LEU A 140 O ARG A 136 ? O ARG A 148 
B 2 3 O ALA A 139 ? O ALA A 151 N ILE A 100 ? N ILE A 112 
B 3 4 N PHE A 99  ? N PHE A 111 O LYS A 172 ? O LYS A 184 
# 
_atom_sites.entry_id                    3NNC 
_atom_sites.fract_transf_matrix[1][1]   0.00313910 
_atom_sites.fract_transf_matrix[1][2]   -0.02050828 
_atom_sites.fract_transf_matrix[1][3]   0.00297258 
_atom_sites.fract_transf_matrix[2][1]   0.01129539 
_atom_sites.fract_transf_matrix[2][2]   0.00292188 
_atom_sites.fract_transf_matrix[2][3]   0.00823031 
_atom_sites.fract_transf_matrix[3][1]   -0.00447405 
_atom_sites.fract_transf_matrix[3][2]   0.00019514 
_atom_sites.fract_transf_matrix[3][3]   0.00607097 
_atom_sites.fract_transf_vector[1]      0.302777 
_atom_sites.fract_transf_vector[2]      0.309766 
_atom_sites.fract_transf_vector[3]      0.567011 
# 
loop_
_atom_type.symbol 
C 
N 
O 
P 
S 
# 
loop_
_atom_site.group_PDB 
_atom_site.id 
_atom_site.type_symbol 
_atom_site.label_atom_id 
_atom_site.label_alt_id 
_atom_site.label_comp_id 
_atom_site.label_asym_id 
_atom_site.label_entity_id 
_atom_site.label_seq_id 
_atom_site.pdbx_PDB_ins_code 
_atom_site.Cartn_x 
_atom_site.Cartn_y 
_atom_site.Cartn_z 
_atom_site.occupancy 
_atom_site.B_iso_or_equiv 
_atom_site.pdbx_formal_charge 
_atom_site.auth_seq_id 
_atom_site.auth_comp_id 
_atom_site.auth_asym_id 
_atom_site.auth_atom_id 
_atom_site.pdbx_PDB_model_num 
ATOM   1    N N     . SER A 1 1   ? -20.464 1.157   -1.004  1.00 33.64 ? 13  SER A N     1 
ATOM   2    C CA    . SER A 1 1   ? -19.853 0.276   -2.024  1.00 47.68 ? 13  SER A CA    1 
ATOM   3    C C     . SER A 1 1   ? -19.769 -1.187  -1.563  1.00 42.74 ? 13  SER A C     1 
ATOM   4    O O     . SER A 1 1   ? -20.666 -1.661  -0.868  1.00 51.75 ? 13  SER A O     1 
ATOM   5    C CB    . SER A 1 1   ? -18.474 0.804   -2.463  1.00 49.00 ? 13  SER A CB    1 
ATOM   6    O OG    . SER A 1 1   ? -17.891 -0.001  -3.479  1.00 55.45 ? 13  SER A OG    1 
ATOM   7    N N     . ASP A 1 2   ? -18.713 -1.904  -1.953  1.00 46.89 ? 14  ASP A N     1 
ATOM   8    C CA    . ASP A 1 2   ? -18.529 -3.300  -1.519  1.00 42.88 ? 14  ASP A CA    1 
ATOM   9    C C     . ASP A 1 2   ? -17.757 -3.414  -0.186  1.00 37.79 ? 14  ASP A C     1 
ATOM   10   O O     . ASP A 1 2   ? -17.271 -2.414  0.340   1.00 40.97 ? 14  ASP A O     1 
ATOM   11   C CB    . ASP A 1 2   ? -17.852 -4.136  -2.609  1.00 46.14 ? 14  ASP A CB    1 
ATOM   12   C CG    . ASP A 1 2   ? -18.171 -5.617  -2.481  1.00 53.29 ? 14  ASP A CG    1 
ATOM   13   O OD1   . ASP A 1 2   ? -19.220 -5.932  -1.861  1.00 49.60 ? 14  ASP A OD1   1 
ATOM   14   O OD2   . ASP A 1 2   ? -17.385 -6.457  -2.992  1.00 45.51 ? 14  ASP A OD2   1 
ATOM   15   N N     . ALA A 1 3   ? -17.660 -4.627  0.354   1.00 35.76 ? 15  ALA A N     1 
ATOM   16   C CA    . ALA A 1 3   ? -17.135 -4.842  1.707   1.00 35.91 ? 15  ALA A CA    1 
ATOM   17   C C     . ALA A 1 3   ? -15.716 -4.311  1.888   1.00 36.50 ? 15  ALA A C     1 
ATOM   18   O O     . ALA A 1 3   ? -14.935 -4.258  0.939   1.00 38.50 ? 15  ALA A O     1 
ATOM   19   C CB    . ALA A 1 3   ? -17.210 -6.327  2.096   1.00 33.01 ? 15  ALA A CB    1 
ATOM   20   N N     . ILE A 1 4   ? -15.404 -3.893  3.109   1.00 34.32 ? 16  ILE A N     1 
ATOM   21   C CA    . ILE A 1 4   ? -14.074 -3.391  3.433   1.00 33.69 ? 16  ILE A CA    1 
ATOM   22   C C     . ILE A 1 4   ? -13.748 -3.536  4.926   1.00 32.34 ? 16  ILE A C     1 
ATOM   23   O O     . ILE A 1 4   ? -14.588 -3.267  5.792   1.00 26.92 ? 16  ILE A O     1 
ATOM   24   C CB    . ILE A 1 4   ? -13.885 -1.927  2.981   1.00 36.63 ? 16  ILE A CB    1 
ATOM   25   C CG1   . ILE A 1 4   ? -12.427 -1.496  3.174   1.00 35.47 ? 16  ILE A CG1   1 
ATOM   26   C CG2   . ILE A 1 4   ? -14.843 -1.014  3.719   1.00 34.39 ? 16  ILE A CG2   1 
ATOM   27   C CD1   . ILE A 1 4   ? -12.157 -0.061  2.795   1.00 39.57 ? 16  ILE A CD1   1 
ATOM   28   N N     . LYS A 1 5   ? -12.528 -3.993  5.211   1.00 30.70 ? 17  LYS A N     1 
ATOM   29   C CA    . LYS A 1 5   ? -12.073 -4.212  6.579   1.00 28.50 ? 17  LYS A CA    1 
ATOM   30   C C     . LYS A 1 5   ? -11.306 -2.980  7.040   1.00 28.14 ? 17  LYS A C     1 
ATOM   31   O O     . LYS A 1 5   ? -10.365 -2.534  6.371   1.00 24.41 ? 17  LYS A O     1 
ATOM   32   C CB    . LYS A 1 5   ? -11.188 -5.475  6.682   1.00 29.57 ? 17  LYS A CB    1 
ATOM   33   C CG    . LYS A 1 5   ? -10.937 -5.940  8.129   1.00 29.74 ? 17  LYS A CG    1 
ATOM   34   C CD    . LYS A 1 5   ? -9.774  -6.930  8.264   1.00 29.96 ? 17  LYS A CD    1 
ATOM   35   C CE    . LYS A 1 5   ? -10.150 -8.315  7.789   1.00 33.24 ? 17  LYS A CE    1 
ATOM   36   N NZ    . LYS A 1 5   ? -9.149  -9.314  8.246   1.00 36.83 ? 17  LYS A NZ    1 
ATOM   37   N N     . MET A 1 6   ? -11.736 -2.405  8.158   1.00 26.12 ? 18  MET A N     1 
ATOM   38   C CA    . MET A 1 6   ? -11.031 -1.259  8.735   1.00 24.15 ? 18  MET A CA    1 
ATOM   39   C C     . MET A 1 6   ? -10.282 -1.693  10.000  1.00 24.35 ? 18  MET A C     1 
ATOM   40   O O     . MET A 1 6   ? -10.736 -2.586  10.732  1.00 22.92 ? 18  MET A O     1 
ATOM   41   C CB    . MET A 1 6   ? -12.005 -0.144  9.087   1.00 23.12 ? 18  MET A CB    1 
ATOM   42   C CG    . MET A 1 6   ? -12.959 0.263   7.945   1.00 27.46 ? 18  MET A CG    1 
ATOM   43   S SD    . MET A 1 6   ? -12.198 1.082   6.540   1.00 18.02 ? 18  MET A SD    1 
ATOM   44   C CE    . MET A 1 6   ? -11.554 2.557   7.310   1.00 18.70 ? 18  MET A CE    1 
ATOM   45   N N     . PHE A 1 7   ? -9.130  -1.066  10.231  1.00 22.36 ? 19  PHE A N     1 
ATOM   46   C CA    . PHE A 1 7   ? -8.388  -1.212  11.470  1.00 20.65 ? 19  PHE A CA    1 
ATOM   47   C C     . PHE A 1 7   ? -8.695  -0.015  12.362  1.00 21.36 ? 19  PHE A C     1 
ATOM   48   O O     . PHE A 1 7   ? -8.684  1.123   11.896  1.00 22.13 ? 19  PHE A O     1 
ATOM   49   C CB    . PHE A 1 7   ? -6.896  -1.297  11.168  1.00 21.78 ? 19  PHE A CB    1 
ATOM   50   C CG    . PHE A 1 7   ? -6.021  -1.242  12.385  1.00 21.82 ? 19  PHE A CG    1 
ATOM   51   C CD1   . PHE A 1 7   ? -5.744  -2.392  13.106  1.00 18.11 ? 19  PHE A CD1   1 
ATOM   52   C CD2   . PHE A 1 7   ? -5.473  -0.028  12.813  1.00 25.90 ? 19  PHE A CD2   1 
ATOM   53   C CE1   . PHE A 1 7   ? -4.932  -2.340  14.245  1.00 25.74 ? 19  PHE A CE1   1 
ATOM   54   C CE2   . PHE A 1 7   ? -4.648  0.033   13.948  1.00 26.60 ? 19  PHE A CE2   1 
ATOM   55   C CZ    . PHE A 1 7   ? -4.373  -1.129  14.661  1.00 23.75 ? 19  PHE A CZ    1 
ATOM   56   N N     . VAL A 1 8   ? -8.970  -0.285  13.638  1.00 21.64 ? 20  VAL A N     1 
ATOM   57   C CA    . VAL A 1 8   ? -9.369  0.727   14.606  1.00 20.77 ? 20  VAL A CA    1 
ATOM   58   C C     . VAL A 1 8   ? -8.507  0.700   15.875  1.00 22.06 ? 20  VAL A C     1 
ATOM   59   O O     . VAL A 1 8   ? -8.445  -0.311  16.553  1.00 22.27 ? 20  VAL A O     1 
ATOM   60   C CB    . VAL A 1 8   ? -10.821 0.487   15.068  1.00 22.43 ? 20  VAL A CB    1 
ATOM   61   C CG1   . VAL A 1 8   ? -11.265 1.613   15.992  1.00 20.68 ? 20  VAL A CG1   1 
ATOM   62   C CG2   . VAL A 1 8   ? -11.765 0.326   13.858  1.00 22.73 ? 20  VAL A CG2   1 
ATOM   63   N N     . GLY A 1 9   ? -7.886  1.824   16.207  1.00 22.20 ? 21  GLY A N     1 
ATOM   64   C CA    . GLY A 1 9   ? -7.032  1.937   17.380  1.00 21.05 ? 21  GLY A CA    1 
ATOM   65   C C     . GLY A 1 9   ? -7.706  2.795   18.447  1.00 27.26 ? 21  GLY A C     1 
ATOM   66   O O     . GLY A 1 9   ? -8.729  3.457   18.185  1.00 22.40 ? 21  GLY A O     1 
ATOM   67   N N     . GLN A 1 10  ? -7.118  2.797   19.643  1.00 21.62 ? 22  GLN A N     1 
ATOM   68   C CA    . GLN A 1 10  ? -7.654  3.506   20.818  1.00 21.36 ? 22  GLN A CA    1 
ATOM   69   C C     . GLN A 1 10  ? -9.021  2.955   21.232  1.00 24.10 ? 22  GLN A C     1 
ATOM   70   O O     . GLN A 1 10  ? -9.951  3.689   21.589  1.00 23.45 ? 22  GLN A O     1 
ATOM   71   C CB    . GLN A 1 10  ? -7.669  5.023   20.612  1.00 22.54 ? 22  GLN A CB    1 
ATOM   72   C CG    . GLN A 1 10  ? -6.304  5.555   20.152  1.00 23.71 ? 22  GLN A CG    1 
ATOM   73   C CD    . GLN A 1 10  ? -5.217  5.373   21.227  1.00 30.01 ? 22  GLN A CD    1 
ATOM   74   O OE1   . GLN A 1 10  ? -5.446  5.612   22.413  1.00 26.39 ? 22  GLN A OE1   1 
ATOM   75   N NE2   . GLN A 1 10  ? -4.043  4.936   20.807  1.00 26.38 ? 22  GLN A NE2   1 
ATOM   76   N N     . VAL A 1 11  ? -9.127  1.636   21.157  1.00 22.42 ? 23  VAL A N     1 
ATOM   77   C CA    . VAL A 1 11  ? -10.238 0.926   21.753  1.00 20.29 ? 23  VAL A CA    1 
ATOM   78   C C     . VAL A 1 11  ? -9.807  0.417   23.130  1.00 20.93 ? 23  VAL A C     1 
ATOM   79   O O     . VAL A 1 11  ? -8.802  -0.279  23.253  1.00 22.84 ? 23  VAL A O     1 
ATOM   80   C CB    . VAL A 1 11  ? -10.683 -0.219  20.837  1.00 24.44 ? 23  VAL A CB    1 
ATOM   81   C CG1   . VAL A 1 11  ? -11.666 -1.149  21.559  1.00 19.92 ? 23  VAL A CG1   1 
ATOM   82   C CG2   . VAL A 1 11  ? -11.276 0.387   19.523  1.00 21.14 ? 23  VAL A CG2   1 
ATOM   83   N N     . PRO A 1 12  ? -10.567 0.770   24.176  1.00 22.13 ? 24  PRO A N     1 
ATOM   84   C CA    . PRO A 1 12  ? -10.202 0.274   25.510  1.00 19.01 ? 24  PRO A CA    1 
ATOM   85   C C     . PRO A 1 12  ? -10.036 -1.246  25.504  1.00 23.18 ? 24  PRO A C     1 
ATOM   86   O O     . PRO A 1 12  ? -10.880 -1.945  24.925  1.00 19.98 ? 24  PRO A O     1 
ATOM   87   C CB    . PRO A 1 12  ? -11.396 0.682   26.396  1.00 22.35 ? 24  PRO A CB    1 
ATOM   88   C CG    . PRO A 1 12  ? -12.132 1.758   25.631  1.00 23.04 ? 24  PRO A CG    1 
ATOM   89   C CD    . PRO A 1 12  ? -11.886 1.441   24.153  1.00 21.12 ? 24  PRO A CD    1 
ATOM   90   N N     . ARG A 1 13  ? -8.952  -1.730  26.120  1.00 20.38 ? 25  ARG A N     1 
ATOM   91   C CA    . ARG A 1 13  ? -8.661  -3.168  26.259  1.00 23.89 ? 25  ARG A CA    1 
ATOM   92   C C     . ARG A 1 13  ? -9.788  -3.979  26.897  1.00 21.54 ? 25  ARG A C     1 
ATOM   93   O O     . ARG A 1 13  ? -9.858  -5.188  26.715  1.00 25.18 ? 25  ARG A O     1 
ATOM   94   C CB    . ARG A 1 13  ? -7.397  -3.397  27.105  1.00 21.91 ? 25  ARG A CB    1 
ATOM   95   C CG    . ARG A 1 13  ? -6.170  -2.657  26.630  1.00 26.31 ? 25  ARG A CG    1 
ATOM   96   C CD    . ARG A 1 13  ? -4.915  -3.115  27.388  1.00 24.85 ? 25  ARG A CD    1 
ATOM   97   N NE    . ARG A 1 13  ? -3.784  -2.287  26.996  1.00 23.58 ? 25  ARG A NE    1 
ATOM   98   C CZ    . ARG A 1 13  ? -2.945  -2.612  26.024  1.00 25.02 ? 25  ARG A CZ    1 
ATOM   99   N NH1   . ARG A 1 13  ? -3.116  -3.757  25.363  1.00 25.15 ? 25  ARG A NH1   1 
ATOM   100  N NH2   . ARG A 1 13  ? -1.948  -1.802  25.712  1.00 21.31 ? 25  ARG A NH2   1 
ATOM   101  N N     . THR A 1 14  ? -10.647 -3.318  27.663  1.00 22.49 ? 26  THR A N     1 
ATOM   102  C CA    . THR A 1 14  ? -11.765 -3.994  28.324  1.00 24.60 ? 26  THR A CA    1 
ATOM   103  C C     . THR A 1 14  ? -12.981 -4.176  27.406  1.00 24.40 ? 26  THR A C     1 
ATOM   104  O O     . THR A 1 14  ? -13.961 -4.819  27.778  1.00 24.96 ? 26  THR A O     1 
ATOM   105  C CB    . THR A 1 14  ? -12.226 -3.230  29.586  1.00 22.27 ? 26  THR A CB    1 
ATOM   106  O OG1   . THR A 1 14  ? -12.620 -1.900  29.221  1.00 28.41 ? 26  THR A OG1   1 
ATOM   107  C CG2   . THR A 1 14  ? -11.097 -3.174  30.647  1.00 24.22 ? 26  THR A CG2   1 
ATOM   108  N N     . TRP A 1 15  ? -12.943 -3.597  26.217  1.00 22.26 ? 27  TRP A N     1 
ATOM   109  C CA    . TRP A 1 15  ? -14.084 -3.761  25.319  1.00 23.85 ? 27  TRP A CA    1 
ATOM   110  C C     . TRP A 1 15  ? -14.008 -5.094  24.595  1.00 29.36 ? 27  TRP A C     1 
ATOM   111  O O     . TRP A 1 15  ? -12.922 -5.515  24.206  1.00 33.81 ? 27  TRP A O     1 
ATOM   112  C CB    . TRP A 1 15  ? -14.130 -2.634  24.318  1.00 23.83 ? 27  TRP A CB    1 
ATOM   113  C CG    . TRP A 1 15  ? -14.798 -1.423  24.849  1.00 23.21 ? 27  TRP A CG    1 
ATOM   114  C CD1   . TRP A 1 15  ? -14.830 -0.986  26.146  1.00 23.17 ? 27  TRP A CD1   1 
ATOM   115  C CD2   . TRP A 1 15  ? -15.570 -0.496  24.091  1.00 24.20 ? 27  TRP A CD2   1 
ATOM   116  N NE1   . TRP A 1 15  ? -15.565 0.183   26.235  1.00 26.59 ? 27  TRP A NE1   1 
ATOM   117  C CE2   . TRP A 1 15  ? -16.033 0.498   24.984  1.00 28.80 ? 27  TRP A CE2   1 
ATOM   118  C CE3   . TRP A 1 15  ? -15.916 -0.408  22.742  1.00 26.45 ? 27  TRP A CE3   1 
ATOM   119  C CZ2   . TRP A 1 15  ? -16.822 1.568   24.560  1.00 31.00 ? 27  TRP A CZ2   1 
ATOM   120  C CZ3   . TRP A 1 15  ? -16.700 0.659   22.323  1.00 29.25 ? 27  TRP A CZ3   1 
ATOM   121  C CH2   . TRP A 1 15  ? -17.144 1.631   23.231  1.00 27.76 ? 27  TRP A CH2   1 
ATOM   122  N N     . SER A 1 16  ? -15.145 -5.774  24.441  1.00 26.05 ? 28  SER A N     1 
ATOM   123  C CA    . SER A 1 16  ? -15.196 -6.981  23.620  1.00 27.51 ? 28  SER A CA    1 
ATOM   124  C C     . SER A 1 16  ? -15.852 -6.725  22.260  1.00 27.59 ? 28  SER A C     1 
ATOM   125  O O     . SER A 1 16  ? -16.264 -5.602  21.964  1.00 24.02 ? 28  SER A O     1 
ATOM   126  C CB    . SER A 1 16  ? -15.925 -8.115  24.351  1.00 29.69 ? 28  SER A CB    1 
ATOM   127  O OG    . SER A 1 16  ? -17.291 -7.793  24.529  1.00 37.18 ? 28  SER A OG    1 
ATOM   128  N N     . GLU A 1 17  ? -15.927 -7.775  21.439  1.00 23.26 ? 29  GLU A N     1 
ATOM   129  C CA    . GLU A 1 17  ? -16.529 -7.694  20.123  1.00 24.51 ? 29  GLU A CA    1 
ATOM   130  C C     . GLU A 1 17  ? -17.960 -7.153  20.219  1.00 27.59 ? 29  GLU A C     1 
ATOM   131  O O     . GLU A 1 17  ? -18.398 -6.377  19.370  1.00 26.83 ? 29  GLU A O     1 
ATOM   132  C CB    . GLU A 1 17  ? -16.544 -9.076  19.448  1.00 30.02 ? 29  GLU A CB    1 
ATOM   133  C CG    . GLU A 1 17  ? -15.242 -9.492  18.733  1.00 32.02 ? 29  GLU A CG    1 
ATOM   134  C CD    . GLU A 1 17  ? -14.149 -10.056 19.659  1.00 31.59 ? 29  GLU A CD    1 
ATOM   135  O OE1   . GLU A 1 17  ? -14.296 -10.024 20.897  1.00 26.30 ? 29  GLU A OE1   1 
ATOM   136  O OE2   . GLU A 1 17  ? -13.125 -10.533 19.125  1.00 32.70 ? 29  GLU A OE2   1 
ATOM   137  N N     . LYS A 1 18  ? -18.665 -7.541  21.275  1.00 25.55 ? 30  LYS A N     1 
ATOM   138  C CA    . LYS A 1 18  ? -20.054 -7.153  21.443  1.00 32.08 ? 30  LYS A CA    1 
ATOM   139  C C     . LYS A 1 18  ? -20.233 -5.655  21.693  1.00 30.07 ? 30  LYS A C     1 
ATOM   140  O O     . LYS A 1 18  ? -21.130 -5.058  21.115  1.00 27.33 ? 30  LYS A O     1 
ATOM   141  C CB    . LYS A 1 18  ? -20.729 -7.977  22.547  1.00 36.78 ? 30  LYS A CB    1 
ATOM   142  C CG    . LYS A 1 18  ? -22.221 -7.705  22.681  1.00 37.71 ? 30  LYS A CG    1 
ATOM   143  C CD    . LYS A 1 18  ? -22.827 -8.515  23.820  1.00 42.23 ? 30  LYS A CD    1 
ATOM   144  C CE    . LYS A 1 18  ? -21.946 -8.428  25.069  1.00 45.41 ? 30  LYS A CE    1 
ATOM   145  N NZ    . LYS A 1 18  ? -22.523 -9.165  26.243  1.00 49.50 ? 30  LYS A NZ    1 
ATOM   146  N N     . ASP A 1 19  ? -19.385 -5.057  22.537  1.00 26.64 ? 31  ASP A N     1 
ATOM   147  C CA    . ASP A 1 19  ? -19.391 -3.604  22.731  1.00 27.80 ? 31  ASP A CA    1 
ATOM   148  C C     . ASP A 1 19  ? -19.048 -2.906  21.421  1.00 29.25 ? 31  ASP A C     1 
ATOM   149  O O     . ASP A 1 19  ? -19.635 -1.878  21.072  1.00 34.78 ? 31  ASP A O     1 
ATOM   150  C CB    . ASP A 1 19  ? -18.386 -3.168  23.808  1.00 29.29 ? 31  ASP A CB    1 
ATOM   151  C CG    . ASP A 1 19  ? -18.474 -4.011  25.077  1.00 29.99 ? 31  ASP A CG    1 
ATOM   152  O OD1   . ASP A 1 19  ? -19.578 -4.176  25.626  1.00 35.45 ? 31  ASP A OD1   1 
ATOM   153  O OD2   . ASP A 1 19  ? -17.433 -4.533  25.519  1.00 29.84 ? 31  ASP A OD2   1 
ATOM   154  N N     . LEU A 1 20  ? -18.100 -3.468  20.686  1.00 24.05 ? 32  LEU A N     1 
ATOM   155  C CA    . LEU A 1 20  ? -17.677 -2.845  19.444  1.00 27.90 ? 32  LEU A CA    1 
ATOM   156  C C     . LEU A 1 20  ? -18.777 -2.881  18.382  1.00 29.79 ? 32  LEU A C     1 
ATOM   157  O O     . LEU A 1 20  ? -19.005 -1.886  17.687  1.00 26.31 ? 32  LEU A O     1 
ATOM   158  C CB    . LEU A 1 20  ? -16.413 -3.502  18.914  1.00 19.73 ? 32  LEU A CB    1 
ATOM   159  C CG    . LEU A 1 20  ? -15.185 -3.177  19.769  1.00 28.63 ? 32  LEU A CG    1 
ATOM   160  C CD1   . LEU A 1 20  ? -14.038 -4.152  19.484  1.00 23.40 ? 32  LEU A CD1   1 
ATOM   161  C CD2   . LEU A 1 20  ? -14.751 -1.766  19.498  1.00 22.73 ? 32  LEU A CD2   1 
ATOM   162  N N     . ARG A 1 21  ? -19.430 -4.038  18.242  1.00 27.62 ? 33  ARG A N     1 
ATOM   163  C CA    . ARG A 1 21  ? -20.469 -4.188  17.237  1.00 31.32 ? 33  ARG A CA    1 
ATOM   164  C C     . ARG A 1 21  ? -21.539 -3.116  17.457  1.00 30.66 ? 33  ARG A C     1 
ATOM   165  O O     . ARG A 1 21  ? -21.959 -2.457  16.509  1.00 29.52 ? 33  ARG A O     1 
ATOM   166  C CB    . ARG A 1 21  ? -21.086 -5.596  17.259  1.00 30.21 ? 33  ARG A CB    1 
ATOM   167  C CG    . ARG A 1 21  ? -22.287 -5.733  16.344  1.00 32.45 ? 33  ARG A CG    1 
ATOM   168  C CD    . ARG A 1 21  ? -22.760 -7.173  16.174  1.00 37.61 ? 33  ARG A CD    1 
ATOM   169  N NE    . ARG A 1 21  ? -21.833 -7.979  15.376  1.00 36.33 ? 33  ARG A NE    1 
ATOM   170  C CZ    . ARG A 1 21  ? -21.900 -8.113  14.056  1.00 36.73 ? 33  ARG A CZ    1 
ATOM   171  N NH1   . ARG A 1 21  ? -22.857 -7.488  13.370  1.00 32.66 ? 33  ARG A NH1   1 
ATOM   172  N NH2   . ARG A 1 21  ? -21.012 -8.871  13.421  1.00 34.35 ? 33  ARG A NH2   1 
ATOM   173  N N     . GLU A 1 22  ? -21.959 -2.939  18.708  1.00 28.11 ? 34  GLU A N     1 
ATOM   174  C CA    . GLU A 1 22  ? -22.922 -1.902  19.051  1.00 31.32 ? 34  GLU A CA    1 
ATOM   175  C C     . GLU A 1 22  ? -22.448 -0.503  18.608  1.00 31.97 ? 34  GLU A C     1 
ATOM   176  O O     . GLU A 1 22  ? -23.210 0.244   17.995  1.00 32.35 ? 34  GLU A O     1 
ATOM   177  C CB    . GLU A 1 22  ? -23.242 -1.923  20.555  1.00 37.84 ? 34  GLU A CB    1 
ATOM   178  C CG    . GLU A 1 22  ? -24.575 -2.594  20.932  1.00 45.54 ? 34  GLU A CG    1 
ATOM   179  C CD    . GLU A 1 22  ? -24.518 -4.120  20.918  1.00 53.12 ? 34  GLU A CD    1 
ATOM   180  O OE1   . GLU A 1 22  ? -24.616 -4.738  22.009  1.00 54.20 ? 34  GLU A OE1   1 
ATOM   181  O OE2   . GLU A 1 22  ? -24.392 -4.709  19.817  1.00 56.12 ? 34  GLU A OE2   1 
ATOM   182  N N     . LEU A 1 23  ? -21.198 -0.150  18.900  1.00 27.42 ? 35  LEU A N     1 
ATOM   183  C CA    . LEU A 1 23  ? -20.656 1.144   18.460  1.00 26.00 ? 35  LEU A CA    1 
ATOM   184  C C     . LEU A 1 23  ? -20.733 1.339   16.941  1.00 24.28 ? 35  LEU A C     1 
ATOM   185  O O     . LEU A 1 23  ? -21.230 2.359   16.465  1.00 26.13 ? 35  LEU A O     1 
ATOM   186  C CB    . LEU A 1 23  ? -19.201 1.326   18.925  1.00 25.51 ? 35  LEU A CB    1 
ATOM   187  C CG    . LEU A 1 23  ? -18.476 2.585   18.420  1.00 29.15 ? 35  LEU A CG    1 
ATOM   188  C CD1   . LEU A 1 23  ? -19.161 3.846   18.923  1.00 30.47 ? 35  LEU A CD1   1 
ATOM   189  C CD2   . LEU A 1 23  ? -17.016 2.611   18.828  1.00 28.92 ? 35  LEU A CD2   1 
ATOM   190  N N     . PHE A 1 24  ? -20.243 0.365   16.176  1.00 25.25 ? 36  PHE A N     1 
ATOM   191  C CA    . PHE A 1 24  ? -20.140 0.518   14.717  1.00 25.50 ? 36  PHE A CA    1 
ATOM   192  C C     . PHE A 1 24  ? -21.457 0.365   13.942  1.00 25.42 ? 36  PHE A C     1 
ATOM   193  O O     . PHE A 1 24  ? -21.598 0.901   12.849  1.00 21.41 ? 36  PHE A O     1 
ATOM   194  C CB    . PHE A 1 24  ? -19.104 -0.443  14.145  1.00 24.66 ? 36  PHE A CB    1 
ATOM   195  C CG    . PHE A 1 24  ? -17.700 -0.158  14.598  1.00 29.25 ? 36  PHE A CG    1 
ATOM   196  C CD1   . PHE A 1 24  ? -17.095 1.056   14.305  1.00 29.55 ? 36  PHE A CD1   1 
ATOM   197  C CD2   . PHE A 1 24  ? -16.985 -1.103  15.307  1.00 25.79 ? 36  PHE A CD2   1 
ATOM   198  C CE1   . PHE A 1 24  ? -15.811 1.319   14.713  1.00 29.07 ? 36  PHE A CE1   1 
ATOM   199  C CE2   . PHE A 1 24  ? -15.691 -0.847  15.706  1.00 28.23 ? 36  PHE A CE2   1 
ATOM   200  C CZ    . PHE A 1 24  ? -15.104 0.361   15.415  1.00 26.82 ? 36  PHE A CZ    1 
ATOM   201  N N     . GLU A 1 25  ? -22.404 -0.381  14.499  1.00 23.19 ? 37  GLU A N     1 
ATOM   202  C CA    . GLU A 1 25  ? -23.696 -0.551  13.848  1.00 25.36 ? 37  GLU A CA    1 
ATOM   203  C C     . GLU A 1 25  ? -24.516 0.736   13.839  1.00 23.97 ? 37  GLU A C     1 
ATOM   204  O O     . GLU A 1 25  ? -25.524 0.818   13.154  1.00 23.58 ? 37  GLU A O     1 
ATOM   205  C CB    . GLU A 1 25  ? -24.475 -1.714  14.460  1.00 26.83 ? 37  GLU A CB    1 
ATOM   206  C CG    . GLU A 1 25  ? -24.001 -3.055  13.915  1.00 27.52 ? 37  GLU A CG    1 
ATOM   207  C CD    . GLU A 1 25  ? -24.736 -4.231  14.505  1.00 31.95 ? 37  GLU A CD    1 
ATOM   208  O OE1   . GLU A 1 25  ? -25.339 -4.095  15.591  1.00 37.13 ? 37  GLU A OE1   1 
ATOM   209  O OE2   . GLU A 1 25  ? -24.704 -5.307  13.880  1.00 34.56 ? 37  GLU A OE2   1 
ATOM   210  N N     . GLN A 1 26  ? -24.054 1.754   14.562  1.00 28.24 ? 38  GLN A N     1 
ATOM   211  C CA    . GLN A 1 26  ? -24.707 3.060   14.514  1.00 27.68 ? 38  GLN A CA    1 
ATOM   212  C C     . GLN A 1 26  ? -24.564 3.704   13.154  1.00 26.24 ? 38  GLN A C     1 
ATOM   213  O O     . GLN A 1 26  ? -25.372 4.569   12.806  1.00 23.44 ? 38  GLN A O     1 
ATOM   214  C CB    . GLN A 1 26  ? -24.135 4.020   15.557  1.00 30.39 ? 38  GLN A CB    1 
ATOM   215  C CG    . GLN A 1 26  ? -24.016 3.432   16.924  1.00 32.75 ? 38  GLN A CG    1 
ATOM   216  C CD    . GLN A 1 26  ? -24.929 4.111   17.890  1.00 41.52 ? 38  GLN A CD    1 
ATOM   217  O OE1   . GLN A 1 26  ? -26.116 3.788   17.954  1.00 42.77 ? 38  GLN A OE1   1 
ATOM   218  N NE2   . GLN A 1 26  ? -24.400 5.080   18.640  1.00 39.95 ? 38  GLN A NE2   1 
ATOM   219  N N     . TYR A 1 27  ? -23.552 3.282   12.388  1.00 25.70 ? 39  TYR A N     1 
ATOM   220  C CA    . TYR A 1 27  ? -23.217 3.953   11.125  1.00 27.90 ? 39  TYR A CA    1 
ATOM   221  C C     . TYR A 1 27  ? -23.514 3.105   9.891   1.00 28.11 ? 39  TYR A C     1 
ATOM   222  O O     . TYR A 1 27  ? -23.740 3.635   8.793   1.00 28.40 ? 39  TYR A O     1 
ATOM   223  C CB    . TYR A 1 27  ? -21.751 4.440   11.152  1.00 28.87 ? 39  TYR A CB    1 
ATOM   224  C CG    . TYR A 1 27  ? -21.466 5.155   12.445  1.00 31.96 ? 39  TYR A CG    1 
ATOM   225  C CD1   . TYR A 1 27  ? -21.974 6.428   12.670  1.00 32.68 ? 39  TYR A CD1   1 
ATOM   226  C CD2   . TYR A 1 27  ? -20.762 4.535   13.469  1.00 28.64 ? 39  TYR A CD2   1 
ATOM   227  C CE1   . TYR A 1 27  ? -21.759 7.081   13.859  1.00 32.90 ? 39  TYR A CE1   1 
ATOM   228  C CE2   . TYR A 1 27  ? -20.540 5.179   14.657  1.00 30.52 ? 39  TYR A CE2   1 
ATOM   229  C CZ    . TYR A 1 27  ? -21.036 6.459   14.846  1.00 33.52 ? 39  TYR A CZ    1 
ATOM   230  O OH    . TYR A 1 27  ? -20.838 7.122   16.034  1.00 35.44 ? 39  TYR A OH    1 
ATOM   231  N N     . GLY A 1 28  ? -23.516 1.793   10.075  1.00 23.31 ? 40  GLY A N     1 
ATOM   232  C CA    . GLY A 1 28  ? -23.795 0.889   8.979   1.00 25.88 ? 40  GLY A CA    1 
ATOM   233  C C     . GLY A 1 28  ? -23.754 -0.563  9.407   1.00 27.65 ? 40  GLY A C     1 
ATOM   234  O O     . GLY A 1 28  ? -23.299 -0.890  10.510  1.00 27.96 ? 40  GLY A O     1 
ATOM   235  N N     . ALA A 1 29  ? -24.221 -1.444  8.529   1.00 23.57 ? 41  ALA A N     1 
ATOM   236  C CA    . ALA A 1 29  ? -24.304 -2.849  8.854   1.00 25.06 ? 41  ALA A CA    1 
ATOM   237  C C     . ALA A 1 29  ? -22.891 -3.423  9.036   1.00 27.42 ? 41  ALA A C     1 
ATOM   238  O O     . ALA A 1 29  ? -21.979 -3.099  8.274   1.00 23.94 ? 41  ALA A O     1 
ATOM   239  C CB    . ALA A 1 29  ? -25.038 -3.580  7.759   1.00 25.31 ? 41  ALA A CB    1 
ATOM   240  N N     . VAL A 1 30  ? -22.719 -4.281  10.031  1.00 23.12 ? 42  VAL A N     1 
ATOM   241  C CA    . VAL A 1 30  ? -21.411 -4.888  10.278  1.00 23.72 ? 42  VAL A CA    1 
ATOM   242  C C     . VAL A 1 30  ? -21.404 -6.394  9.994   1.00 27.04 ? 42  VAL A C     1 
ATOM   243  O O     . VAL A 1 30  ? -22.186 -7.163  10.565  1.00 22.03 ? 42  VAL A O     1 
ATOM   244  C CB    . VAL A 1 30  ? -20.910 -4.580  11.689  1.00 24.72 ? 42  VAL A CB    1 
ATOM   245  C CG1   . VAL A 1 30  ? -19.727 -5.473  12.052  1.00 23.83 ? 42  VAL A CG1   1 
ATOM   246  C CG2   . VAL A 1 30  ? -20.539 -3.093  11.800  1.00 21.59 ? 42  VAL A CG2   1 
ATOM   247  N N     . TYR A 1 31  ? -20.534 -6.799  9.076   1.00 27.47 ? 43  TYR A N     1 
ATOM   248  C CA    . TYR A 1 31  ? -20.369 -8.213  8.782   1.00 30.23 ? 43  TYR A CA    1 
ATOM   249  C C     . TYR A 1 31  ? -19.558 -8.896  9.881   1.00 29.89 ? 43  TYR A C     1 
ATOM   250  O O     . TYR A 1 31  ? -19.912 -9.979  10.331  1.00 29.73 ? 43  TYR A O     1 
ATOM   251  C CB    . TYR A 1 31  ? -19.726 -8.428  7.407   1.00 30.77 ? 43  TYR A CB    1 
ATOM   252  C CG    . TYR A 1 31  ? -19.260 -9.855  7.201   1.00 38.95 ? 43  TYR A CG    1 
ATOM   253  C CD1   . TYR A 1 31  ? -20.180 -10.899 7.076   1.00 42.84 ? 43  TYR A CD1   1 
ATOM   254  C CD2   . TYR A 1 31  ? -17.907 -10.165 7.147   1.00 35.85 ? 43  TYR A CD2   1 
ATOM   255  C CE1   . TYR A 1 31  ? -19.760 -12.212 6.907   1.00 40.25 ? 43  TYR A CE1   1 
ATOM   256  C CE2   . TYR A 1 31  ? -17.475 -11.478 6.974   1.00 39.02 ? 43  TYR A CE2   1 
ATOM   257  C CZ    . TYR A 1 31  ? -18.406 -12.495 6.848   1.00 47.97 ? 43  TYR A CZ    1 
ATOM   258  O OH    . TYR A 1 31  ? -17.980 -13.802 6.678   1.00 55.13 ? 43  TYR A OH    1 
ATOM   259  N N     . GLU A 1 32  ? -18.489 -8.244  10.336  1.00 29.81 ? 44  GLU A N     1 
ATOM   260  C CA    . GLU A 1 32  ? -17.594 -8.871  11.303  1.00 32.73 ? 44  GLU A CA    1 
ATOM   261  C C     . GLU A 1 32  ? -16.731 -7.903  12.136  1.00 26.23 ? 44  GLU A C     1 
ATOM   262  O O     . GLU A 1 32  ? -16.196 -6.916  11.619  1.00 26.40 ? 44  GLU A O     1 
ATOM   263  C CB    . GLU A 1 32  ? -16.690 -9.890  10.593  1.00 34.55 ? 44  GLU A CB    1 
ATOM   264  C CG    . GLU A 1 32  ? -15.888 -10.757 11.552  1.00 36.34 ? 44  GLU A CG    1 
ATOM   265  C CD    . GLU A 1 32  ? -14.949 -11.727 10.836  1.00 51.12 ? 44  GLU A CD    1 
ATOM   266  O OE1   . GLU A 1 32  ? -14.603 -11.473 9.651   1.00 48.09 ? 44  GLU A OE1   1 
ATOM   267  O OE2   . GLU A 1 32  ? -14.560 -12.746 11.463  1.00 54.76 ? 44  GLU A OE2   1 
ATOM   268  N N     . ILE A 1 33  ? -16.610 -8.224  13.425  1.00 25.42 ? 45  ILE A N     1 
ATOM   269  C CA    . ILE A 1 33  ? -15.717 -7.553  14.367  1.00 31.04 ? 45  ILE A CA    1 
ATOM   270  C C     . ILE A 1 33  ? -14.694 -8.564  14.890  1.00 27.58 ? 45  ILE A C     1 
ATOM   271  O O     . ILE A 1 33  ? -15.045 -9.679  15.248  1.00 25.92 ? 45  ILE A O     1 
ATOM   272  C CB    . ILE A 1 33  ? -16.463 -7.010  15.609  1.00 30.32 ? 45  ILE A CB    1 
ATOM   273  C CG1   . ILE A 1 33  ? -17.579 -6.038  15.210  1.00 28.83 ? 45  ILE A CG1   1 
ATOM   274  C CG2   . ILE A 1 33  ? -15.468 -6.351  16.562  1.00 25.42 ? 45  ILE A CG2   1 
ATOM   275  C CD1   . ILE A 1 33  ? -17.096 -4.658  14.908  1.00 30.41 ? 45  ILE A CD1   1 
ATOM   276  N N     . ASN A 1 34  ? -13.437 -8.150  14.953  1.00 25.40 ? 46  ASN A N     1 
ATOM   277  C CA    . ASN A 1 34  ? -12.350 -9.016  15.389  1.00 30.88 ? 46  ASN A CA    1 
ATOM   278  C C     . ASN A 1 34  ? -11.355 -8.193  16.208  1.00 24.10 ? 46  ASN A C     1 
ATOM   279  O O     . ASN A 1 34  ? -10.614 -7.390  15.660  1.00 25.53 ? 46  ASN A O     1 
ATOM   280  C CB    . ASN A 1 34  ? -11.687 -9.663  14.153  1.00 31.18 ? 46  ASN A CB    1 
ATOM   281  C CG    . ASN A 1 34  ? -10.383 -10.381 14.466  1.00 34.43 ? 46  ASN A CG    1 
ATOM   282  O OD1   . ASN A 1 34  ? -10.044 -10.632 15.628  1.00 38.81 ? 46  ASN A OD1   1 
ATOM   283  N ND2   . ASN A 1 34  ? -9.638  -10.727 13.409  1.00 35.38 ? 46  ASN A ND2   1 
ATOM   284  N N     . VAL A 1 35  ? -11.366 -8.387  17.525  1.00 27.94 ? 47  VAL A N     1 
ATOM   285  C CA    . VAL A 1 35  ? -10.432 -7.713  18.422  1.00 22.14 ? 47  VAL A CA    1 
ATOM   286  C C     . VAL A 1 35  ? -9.053  -8.383  18.328  1.00 22.29 ? 47  VAL A C     1 
ATOM   287  O O     . VAL A 1 35  ? -8.948  -9.596  18.455  1.00 22.63 ? 47  VAL A O     1 
ATOM   288  C CB    . VAL A 1 35  ? -10.918 -7.769  19.880  1.00 22.98 ? 47  VAL A CB    1 
ATOM   289  C CG1   . VAL A 1 35  ? -9.803  -7.271  20.831  1.00 20.81 ? 47  VAL A CG1   1 
ATOM   290  C CG2   . VAL A 1 35  ? -12.215 -6.967  20.053  1.00 21.70 ? 47  VAL A CG2   1 
ATOM   291  N N     . LEU A 1 36  ? -8.011  -7.600  18.071  1.00 20.03 ? 48  LEU A N     1 
ATOM   292  C CA    . LEU A 1 36  ? -6.664  -8.150  18.001  1.00 20.23 ? 48  LEU A CA    1 
ATOM   293  C C     . LEU A 1 36  ? -6.239  -8.595  19.387  1.00 20.63 ? 48  LEU A C     1 
ATOM   294  O O     . LEU A 1 36  ? -6.395  -7.852  20.369  1.00 18.08 ? 48  LEU A O     1 
ATOM   295  C CB    . LEU A 1 36  ? -5.666  -7.134  17.429  1.00 19.44 ? 48  LEU A CB    1 
ATOM   296  C CG    . LEU A 1 36  ? -5.750  -6.898  15.910  1.00 22.44 ? 48  LEU A CG    1 
ATOM   297  C CD1   . LEU A 1 36  ? -6.948  -6.029  15.547  1.00 20.88 ? 48  LEU A CD1   1 
ATOM   298  C CD2   . LEU A 1 36  ? -4.448  -6.271  15.349  1.00 22.00 ? 48  LEU A CD2   1 
ATOM   299  N N     . ARG A 1 37  ? -5.719  -9.815  19.477  1.00 14.10 ? 49  ARG A N     1 
ATOM   300  C CA    . ARG A 1 37  ? -5.386  -10.370 20.777  1.00 18.87 ? 49  ARG A CA    1 
ATOM   301  C C     . ARG A 1 37  ? -3.918  -10.710 20.947  1.00 21.82 ? 49  ARG A C     1 
ATOM   302  O O     . ARG A 1 37  ? -3.206  -10.974 19.981  1.00 18.50 ? 49  ARG A O     1 
ATOM   303  C CB    . ARG A 1 37  ? -6.273  -11.584 21.119  1.00 23.23 ? 49  ARG A CB    1 
ATOM   304  C CG    . ARG A 1 37  ? -7.695  -11.163 21.483  1.00 24.07 ? 49  ARG A CG    1 
ATOM   305  C CD    . ARG A 1 37  ? -8.540  -12.293 22.061  1.00 29.83 ? 49  ARG A CD    1 
ATOM   306  N NE    . ARG A 1 37  ? -9.774  -11.756 22.631  1.00 32.41 ? 49  ARG A NE    1 
ATOM   307  C CZ    . ARG A 1 37  ? -10.861 -11.454 21.926  1.00 31.23 ? 49  ARG A CZ    1 
ATOM   308  N NH1   . ARG A 1 37  ? -10.892 -11.663 20.604  1.00 28.24 ? 49  ARG A NH1   1 
ATOM   309  N NH2   . ARG A 1 37  ? -11.926 -10.955 22.549  1.00 30.34 ? 49  ARG A NH2   1 
ATOM   310  N N     . ASP A 1 38  ? -3.504  -10.689 22.207  1.00 17.99 ? 50  ASP A N     1 
ATOM   311  C CA    . ASP A 1 38  ? -2.163  -11.038 22.626  1.00 24.25 ? 50  ASP A CA    1 
ATOM   312  C C     . ASP A 1 38  ? -2.264  -12.309 23.484  1.00 17.52 ? 50  ASP A C     1 
ATOM   313  O O     . ASP A 1 38  ? -2.967  -12.334 24.483  1.00 17.91 ? 50  ASP A O     1 
ATOM   314  C CB    . ASP A 1 38  ? -1.546  -9.856  23.412  1.00 19.02 ? 50  ASP A CB    1 
ATOM   315  C CG    . ASP A 1 38  ? -0.188  -10.185 24.006  1.00 22.81 ? 50  ASP A CG    1 
ATOM   316  O OD1   . ASP A 1 38  ? 0.201   -11.380 24.020  1.00 22.54 ? 50  ASP A OD1   1 
ATOM   317  O OD2   . ASP A 1 38  ? 0.500   -9.241  24.449  1.00 22.67 ? 50  ASP A OD2   1 
ATOM   318  N N     . ARG A 1 39  ? -1.583  -13.369 23.065  1.00 18.92 ? 51  ARG A N     1 
ATOM   319  C CA    . ARG A 1 39  ? -1.657  -14.654 23.752  1.00 20.10 ? 51  ARG A CA    1 
ATOM   320  C C     . ARG A 1 39  ? -0.294  -15.105 24.275  1.00 21.82 ? 51  ARG A C     1 
ATOM   321  O O     . ARG A 1 39  ? -0.056  -16.299 24.465  1.00 20.50 ? 51  ARG A O     1 
ATOM   322  C CB    . ARG A 1 39  ? -2.247  -15.726 22.821  1.00 18.52 ? 51  ARG A CB    1 
ATOM   323  C CG    . ARG A 1 39  ? -3.761  -15.582 22.600  1.00 20.53 ? 51  ARG A CG    1 
ATOM   324  C CD    . ARG A 1 39  ? -4.292  -16.605 21.576  1.00 22.48 ? 51  ARG A CD    1 
ATOM   325  N NE    . ARG A 1 39  ? -4.215  -17.972 22.085  1.00 26.01 ? 51  ARG A NE    1 
ATOM   326  C CZ    . ARG A 1 39  ? -4.613  -19.060 21.426  1.00 24.33 ? 51  ARG A CZ    1 
ATOM   327  N NH1   . ARG A 1 39  ? -5.121  -18.969 20.202  1.00 19.99 ? 51  ARG A NH1   1 
ATOM   328  N NH2   . ARG A 1 39  ? -4.486  -20.247 21.997  1.00 23.94 ? 51  ARG A NH2   1 
ATOM   329  N N     . SER A 1 40  ? 0.604   -14.149 24.496  1.00 19.53 ? 52  SER A N     1 
ATOM   330  C CA    . SER A 1 40  ? 1.958   -14.478 24.945  1.00 19.58 ? 52  SER A CA    1 
ATOM   331  C C     . SER A 1 40  ? 1.923   -15.115 26.320  1.00 22.76 ? 52  SER A C     1 
ATOM   332  O O     . SER A 1 40  ? 2.805   -15.906 26.670  1.00 25.65 ? 52  SER A O     1 
ATOM   333  C CB    . SER A 1 40  ? 2.865   -13.247 24.971  1.00 16.82 ? 52  SER A CB    1 
ATOM   334  O OG    . SER A 1 40  ? 2.300   -12.230 25.775  1.00 18.83 ? 52  SER A OG    1 
ATOM   335  N N     . GLN A 1 41  ? 0.914   -14.767 27.110  1.00 19.93 ? 53  GLN A N     1 
ATOM   336  C CA    . GLN A 1 41  ? 0.747   -15.403 28.406  1.00 22.70 ? 53  GLN A CA    1 
ATOM   337  C C     . GLN A 1 41  ? -0.727  -15.523 28.760  1.00 21.54 ? 53  GLN A C     1 
ATOM   338  O O     . GLN A 1 41  ? -1.579  -15.025 28.034  1.00 23.13 ? 53  GLN A O     1 
ATOM   339  C CB    . GLN A 1 41  ? 1.560   -14.680 29.513  1.00 19.87 ? 53  GLN A CB    1 
ATOM   340  C CG    . GLN A 1 41  ? 1.143   -13.253 29.822  1.00 17.48 ? 53  GLN A CG    1 
ATOM   341  C CD    . GLN A 1 41  ? 1.888   -12.693 31.031  1.00 20.57 ? 53  GLN A CD    1 
ATOM   342  O OE1   . GLN A 1 41  ? 3.128   -12.686 31.078  1.00 22.14 ? 53  GLN A OE1   1 
ATOM   343  N NE2   . GLN A 1 41  ? 1.141   -12.249 32.017  1.00 15.82 ? 53  GLN A NE2   1 
ATOM   344  N N     . ASN A 1 42  ? -1.011  -16.197 29.869  1.00 23.39 ? 54  ASN A N     1 
ATOM   345  C CA    . ASN A 1 42  ? -2.372  -16.396 30.349  1.00 26.25 ? 54  ASN A CA    1 
ATOM   346  C C     . ASN A 1 42  ? -2.831  -15.262 31.252  1.00 21.48 ? 54  ASN A C     1 
ATOM   347  O O     . ASN A 1 42  ? -2.120  -14.886 32.174  1.00 23.24 ? 54  ASN A O     1 
ATOM   348  C CB    . ASN A 1 42  ? -2.468  -17.722 31.129  1.00 29.57 ? 54  ASN A CB    1 
ATOM   349  C CG    . ASN A 1 42  ? -3.858  -17.956 31.686  1.00 31.56 ? 54  ASN A CG    1 
ATOM   350  O OD1   . ASN A 1 42  ? -4.783  -18.227 30.929  1.00 36.22 ? 54  ASN A OD1   1 
ATOM   351  N ND2   . ASN A 1 42  ? -4.023  -17.807 33.007  1.00 32.10 ? 54  ASN A ND2   1 
ATOM   352  N N     . PRO A 1 43  ? -4.026  -14.708 31.000  1.00 23.83 ? 55  PRO A N     1 
ATOM   353  C CA    . PRO A 1 43  ? -4.936  -15.026 29.894  1.00 23.25 ? 55  PRO A CA    1 
ATOM   354  C C     . PRO A 1 43  ? -4.661  -14.221 28.612  1.00 23.14 ? 55  PRO A C     1 
ATOM   355  O O     . PRO A 1 43  ? -3.884  -13.269 28.649  1.00 22.98 ? 55  PRO A O     1 
ATOM   356  C CB    . PRO A 1 43  ? -6.295  -14.614 30.460  1.00 28.32 ? 55  PRO A CB    1 
ATOM   357  C CG    . PRO A 1 43  ? -5.977  -13.442 31.345  1.00 24.77 ? 55  PRO A CG    1 
ATOM   358  C CD    . PRO A 1 43  ? -4.618  -13.735 31.943  1.00 20.90 ? 55  PRO A CD    1 
ATOM   359  N N     . PRO A 1 44  ? -5.300  -14.603 27.487  1.00 27.47 ? 56  PRO A N     1 
ATOM   360  C CA    . PRO A 1 44  ? -5.285  -13.750 26.292  1.00 25.35 ? 56  PRO A CA    1 
ATOM   361  C C     . PRO A 1 44  ? -5.848  -12.365 26.609  1.00 23.96 ? 56  PRO A C     1 
ATOM   362  O O     . PRO A 1 44  ? -6.733  -12.226 27.438  1.00 24.89 ? 56  PRO A O     1 
ATOM   363  C CB    . PRO A 1 44  ? -6.226  -14.473 25.322  1.00 23.19 ? 56  PRO A CB    1 
ATOM   364  C CG    . PRO A 1 44  ? -6.313  -15.885 25.834  1.00 26.53 ? 56  PRO A CG    1 
ATOM   365  C CD    . PRO A 1 44  ? -6.164  -15.788 27.315  1.00 23.41 ? 56  PRO A CD    1 
ATOM   366  N N     . GLN A 1 45  ? -5.351  -11.345 25.924  1.00 23.18 ? 57  GLN A N     1 
ATOM   367  C CA    . GLN A 1 45  ? -5.736  -9.980  26.237  1.00 21.54 ? 57  GLN A CA    1 
ATOM   368  C C     . GLN A 1 45  ? -5.886  -9.173  24.962  1.00 21.64 ? 57  GLN A C     1 
ATOM   369  O O     . GLN A 1 45  ? -5.138  -9.365  23.997  1.00 21.04 ? 57  GLN A O     1 
ATOM   370  C CB    . GLN A 1 45  ? -4.669  -9.350  27.117  1.00 22.86 ? 57  GLN A CB    1 
ATOM   371  C CG    . GLN A 1 45  ? -4.906  -7.908  27.489  1.00 32.41 ? 57  GLN A CG    1 
ATOM   372  C CD    . GLN A 1 45  ? -3.664  -7.280  28.108  1.00 26.51 ? 57  GLN A CD    1 
ATOM   373  O OE1   . GLN A 1 45  ? -2.603  -7.242  27.498  1.00 28.56 ? 57  GLN A OE1   1 
ATOM   374  N NE2   . GLN A 1 45  ? -3.796  -6.810  29.334  1.00 33.89 ? 57  GLN A NE2   1 
ATOM   375  N N     . SER A 1 46  ? -6.849  -8.259  24.973  1.00 22.00 ? 58  SER A N     1 
ATOM   376  C CA    . SER A 1 46  ? -7.028  -7.309  23.883  1.00 19.21 ? 58  SER A CA    1 
ATOM   377  C C     . SER A 1 46  ? -5.766  -6.444  23.728  1.00 22.07 ? 58  SER A C     1 
ATOM   378  O O     . SER A 1 46  ? -5.138  -6.075  24.718  1.00 18.34 ? 58  SER A O     1 
ATOM   379  C CB    . SER A 1 46  ? -8.223  -6.406  24.172  1.00 19.66 ? 58  SER A CB    1 
ATOM   380  O OG    . SER A 1 46  ? -8.248  -5.327  23.260  1.00 19.63 ? 58  SER A OG    1 
ATOM   381  N N     . LYS A 1 47  ? -5.415  -6.109  22.489  1.00 20.15 ? 59  LYS A N     1 
ATOM   382  C CA    . LYS A 1 47  ? -4.279  -5.225  22.218  1.00 17.17 ? 59  LYS A CA    1 
ATOM   383  C C     . LYS A 1 47  ? -4.736  -3.782  22.040  1.00 17.01 ? 59  LYS A C     1 
ATOM   384  O O     . LYS A 1 47  ? -3.977  -2.951  21.560  1.00 15.39 ? 59  LYS A O     1 
ATOM   385  C CB    . LYS A 1 47  ? -3.502  -5.701  20.982  1.00 15.35 ? 59  LYS A CB    1 
ATOM   386  C CG    . LYS A 1 47  ? -2.962  -7.154  21.136  1.00 19.94 ? 59  LYS A CG    1 
ATOM   387  C CD    . LYS A 1 47  ? -2.116  -7.608  19.948  1.00 21.01 ? 59  LYS A CD    1 
ATOM   388  C CE    . LYS A 1 47  ? -0.922  -6.663  19.750  1.00 22.84 ? 59  LYS A CE    1 
ATOM   389  N NZ    . LYS A 1 47  ? 0.264   -7.016  20.552  1.00 24.13 ? 59  LYS A NZ    1 
ATOM   390  N N     . GLY A 1 48  ? -5.992  -3.508  22.396  1.00 20.62 ? 60  GLY A N     1 
ATOM   391  C CA    . GLY A 1 48  ? -6.557  -2.164  22.341  1.00 18.62 ? 60  GLY A CA    1 
ATOM   392  C C     . GLY A 1 48  ? -6.880  -1.662  20.941  1.00 20.47 ? 60  GLY A C     1 
ATOM   393  O O     . GLY A 1 48  ? -6.862  -0.457  20.676  1.00 17.38 ? 60  GLY A O     1 
ATOM   394  N N     . CYS A 1 49  ? -7.190  -2.589  20.041  1.00 18.94 ? 61  CYS A N     1 
ATOM   395  C CA    . CYS A 1 49  ? -7.550  -2.252  18.664  1.00 17.52 ? 61  CYS A CA    1 
ATOM   396  C C     . CYS A 1 49  ? -8.323  -3.422  18.074  1.00 22.05 ? 61  CYS A C     1 
ATOM   397  O O     . CYS A 1 49  ? -8.282  -4.533  18.638  1.00 20.86 ? 61  CYS A O     1 
ATOM   398  C CB    . CYS A 1 49  ? -6.302  -1.981  17.820  1.00 18.77 ? 61  CYS A CB    1 
ATOM   399  S SG    . CYS A 1 49  ? -4.993  -3.301  17.924  1.00 23.36 ? 61  CYS A SG    1 
ATOM   400  N N     . CYS A 1 50  ? -9.020  -3.194  16.953  1.00 17.05 ? 62  CYS A N     1 
ATOM   401  C CA    . CYS A 1 50  ? -9.823  -4.267  16.350  1.00 18.89 ? 62  CYS A CA    1 
ATOM   402  C C     . CYS A 1 50  ? -9.931  -4.100  14.840  1.00 21.05 ? 62  CYS A C     1 
ATOM   403  O O     . CYS A 1 50  ? -9.547  -3.048  14.298  1.00 19.78 ? 62  CYS A O     1 
ATOM   404  C CB    . CYS A 1 50  ? -11.226 -4.289  16.964  1.00 16.73 ? 62  CYS A CB    1 
ATOM   405  S SG    . CYS A 1 50  ? -12.239 -2.842  16.448  1.00 21.94 ? 62  CYS A SG    1 
ATOM   406  N N     . PHE A 1 51  ? -10.439 -5.137  14.164  1.00 19.11 ? 63  PHE A N     1 
ATOM   407  C CA    . PHE A 1 51  ? -10.907 -5.006  12.776  1.00 20.47 ? 63  PHE A CA    1 
ATOM   408  C C     . PHE A 1 51  ? -12.423 -4.971  12.729  1.00 22.77 ? 63  PHE A C     1 
ATOM   409  O O     . PHE A 1 51  ? -13.088 -5.791  13.364  1.00 25.42 ? 63  PHE A O     1 
ATOM   410  C CB    . PHE A 1 51  ? -10.417 -6.159  11.885  1.00 25.05 ? 63  PHE A CB    1 
ATOM   411  C CG    . PHE A 1 51  ? -8.926  -6.271  11.809  1.00 24.56 ? 63  PHE A CG    1 
ATOM   412  C CD1   . PHE A 1 51  ? -8.175  -5.295  11.158  1.00 22.27 ? 63  PHE A CD1   1 
ATOM   413  C CD2   . PHE A 1 51  ? -8.267  -7.348  12.405  1.00 24.64 ? 63  PHE A CD2   1 
ATOM   414  C CE1   . PHE A 1 51  ? -6.780  -5.393  11.101  1.00 25.41 ? 63  PHE A CE1   1 
ATOM   415  C CE2   . PHE A 1 51  ? -6.880  -7.446  12.358  1.00 23.02 ? 63  PHE A CE2   1 
ATOM   416  C CZ    . PHE A 1 51  ? -6.142  -6.476  11.708  1.00 21.91 ? 63  PHE A CZ    1 
ATOM   417  N N     . VAL A 1 52  ? -12.977 -4.033  11.971  1.00 22.34 ? 64  VAL A N     1 
ATOM   418  C CA    . VAL A 1 52  ? -14.406 -4.081  11.675  1.00 24.26 ? 64  VAL A CA    1 
ATOM   419  C C     . VAL A 1 52  ? -14.580 -4.140  10.163  1.00 24.74 ? 64  VAL A C     1 
ATOM   420  O O     . VAL A 1 52  ? -14.060 -3.301  9.434   1.00 22.94 ? 64  VAL A O     1 
ATOM   421  C CB    . VAL A 1 52  ? -15.189 -2.877  12.266  1.00 26.58 ? 64  VAL A CB    1 
ATOM   422  C CG1   . VAL A 1 52  ? -14.524 -1.547  11.893  1.00 24.08 ? 64  VAL A CG1   1 
ATOM   423  C CG2   . VAL A 1 52  ? -16.657 -2.910  11.813  1.00 23.78 ? 64  VAL A CG2   1 
ATOM   424  N N     . THR A 1 53  ? -15.278 -5.161  9.695   1.00 23.09 ? 65  THR A N     1 
ATOM   425  C CA    . THR A 1 53  ? -15.606 -5.225  8.285   1.00 26.95 ? 65  THR A CA    1 
ATOM   426  C C     . THR A 1 53  ? -17.039 -4.801  8.077   1.00 23.42 ? 65  THR A C     1 
ATOM   427  O O     . THR A 1 53  ? -17.949 -5.423  8.616   1.00 25.33 ? 65  THR A O     1 
ATOM   428  C CB    . THR A 1 53  ? -15.414 -6.625  7.714   1.00 27.59 ? 65  THR A CB    1 
ATOM   429  O OG1   . THR A 1 53  ? -14.041 -6.995  7.851   1.00 32.60 ? 65  THR A OG1   1 
ATOM   430  C CG2   . THR A 1 53  ? -15.803 -6.658  6.228   1.00 28.66 ? 65  THR A CG2   1 
ATOM   431  N N     . PHE A 1 54  ? -17.217 -3.728  7.307   1.00 22.00 ? 66  PHE A N     1 
ATOM   432  C CA    . PHE A 1 54  ? -18.532 -3.240  6.923   1.00 28.23 ? 66  PHE A CA    1 
ATOM   433  C C     . PHE A 1 54  ? -18.955 -3.886  5.600   1.00 28.16 ? 66  PHE A C     1 
ATOM   434  O O     . PHE A 1 54  ? -18.110 -4.255  4.789   1.00 25.45 ? 66  PHE A O     1 
ATOM   435  C CB    . PHE A 1 54  ? -18.519 -1.721  6.759   1.00 27.12 ? 66  PHE A CB    1 
ATOM   436  C CG    . PHE A 1 54  ? -18.359 -0.967  8.044   1.00 26.92 ? 66  PHE A CG    1 
ATOM   437  C CD1   . PHE A 1 54  ? -19.464 -0.634  8.803   1.00 27.66 ? 66  PHE A CD1   1 
ATOM   438  C CD2   . PHE A 1 54  ? -17.100 -0.591  8.494   1.00 28.49 ? 66  PHE A CD2   1 
ATOM   439  C CE1   . PHE A 1 54  ? -19.321 0.059   10.000  1.00 29.49 ? 66  PHE A CE1   1 
ATOM   440  C CE2   . PHE A 1 54  ? -16.948 0.112   9.681   1.00 27.36 ? 66  PHE A CE2   1 
ATOM   441  C CZ    . PHE A 1 54  ? -18.062 0.442   10.430  1.00 28.14 ? 66  PHE A CZ    1 
ATOM   442  N N     . TYR A 1 55  ? -20.258 -4.021  5.387   1.00 28.17 ? 67  TYR A N     1 
ATOM   443  C CA    . TYR A 1 55  ? -20.783 -4.550  4.117   1.00 28.81 ? 67  TYR A CA    1 
ATOM   444  C C     . TYR A 1 55  ? -20.498 -3.632  2.923   1.00 28.52 ? 67  TYR A C     1 
ATOM   445  O O     . TYR A 1 55  ? -20.361 -4.096  1.788   1.00 29.06 ? 67  TYR A O     1 
ATOM   446  C CB    . TYR A 1 55  ? -22.289 -4.810  4.224   1.00 31.68 ? 67  TYR A CB    1 
ATOM   447  C CG    . TYR A 1 55  ? -22.619 -6.049  5.013   1.00 27.17 ? 67  TYR A CG    1 
ATOM   448  C CD1   . TYR A 1 55  ? -22.481 -7.312  4.444   1.00 31.85 ? 67  TYR A CD1   1 
ATOM   449  C CD2   . TYR A 1 55  ? -23.048 -5.961  6.325   1.00 27.94 ? 67  TYR A CD2   1 
ATOM   450  C CE1   . TYR A 1 55  ? -22.764 -8.458  5.172   1.00 33.32 ? 67  TYR A CE1   1 
ATOM   451  C CE2   . TYR A 1 55  ? -23.336 -7.103  7.065   1.00 29.30 ? 67  TYR A CE2   1 
ATOM   452  C CZ    . TYR A 1 55  ? -23.191 -8.345  6.484   1.00 34.78 ? 67  TYR A CZ    1 
ATOM   453  O OH    . TYR A 1 55  ? -23.488 -9.478  7.216   1.00 35.37 ? 67  TYR A OH    1 
ATOM   454  N N     . THR A 1 56  ? -20.379 -2.334  3.195   1.00 27.99 ? 68  THR A N     1 
ATOM   455  C CA    . THR A 1 56  ? -20.239 -1.347  2.147   1.00 31.50 ? 68  THR A CA    1 
ATOM   456  C C     . THR A 1 56  ? -19.175 -0.323  2.493   1.00 29.39 ? 68  THR A C     1 
ATOM   457  O O     . THR A 1 56  ? -18.937 -0.025  3.667   1.00 26.43 ? 68  THR A O     1 
ATOM   458  C CB    . THR A 1 56  ? -21.554 -0.569  1.929   1.00 31.45 ? 68  THR A CB    1 
ATOM   459  O OG1   . THR A 1 56  ? -21.815 0.256   3.075   1.00 28.55 ? 68  THR A OG1   1 
ATOM   460  C CG2   . THR A 1 56  ? -22.734 -1.522  1.684   1.00 25.97 ? 68  THR A CG2   1 
ATOM   461  N N     . ARG A 1 57  ? -18.576 0.255   1.458   1.00 30.85 ? 69  ARG A N     1 
ATOM   462  C CA    . ARG A 1 57  ? -17.605 1.319   1.650   1.00 33.86 ? 69  ARG A CA    1 
ATOM   463  C C     . ARG A 1 57  ? -18.265 2.584   2.147   1.00 32.57 ? 69  ARG A C     1 
ATOM   464  O O     . ARG A 1 57  ? -17.652 3.365   2.880   1.00 31.79 ? 69  ARG A O     1 
ATOM   465  C CB    . ARG A 1 57  ? -16.821 1.577   0.368   1.00 38.14 ? 69  ARG A CB    1 
ATOM   466  C CG    . ARG A 1 57  ? -15.920 0.415   0.015   1.00 40.60 ? 69  ARG A CG    1 
ATOM   467  C CD    . ARG A 1 57  ? -15.208 0.619   -1.296  1.00 42.29 ? 69  ARG A CD    1 
ATOM   468  N NE    . ARG A 1 57  ? -14.369 -0.534  -1.587  1.00 48.37 ? 69  ARG A NE    1 
ATOM   469  C CZ    . ARG A 1 57  ? -13.046 -0.536  -1.491  1.00 51.31 ? 69  ARG A CZ    1 
ATOM   470  N NH1   . ARG A 1 57  ? -12.403 0.568   -1.131  1.00 54.37 ? 69  ARG A NH1   1 
ATOM   471  N NH2   . ARG A 1 57  ? -12.363 -1.641  -1.772  1.00 57.95 ? 69  ARG A NH2   1 
ATOM   472  N N     . LYS A 1 58  ? -19.525 2.778   1.756   1.00 36.39 ? 70  LYS A N     1 
ATOM   473  C CA    . LYS A 1 58  ? -20.281 3.931   2.214   1.00 33.23 ? 70  LYS A CA    1 
ATOM   474  C C     . LYS A 1 58  ? -20.408 3.878   3.732   1.00 30.45 ? 70  LYS A C     1 
ATOM   475  O O     . LYS A 1 58  ? -20.182 4.867   4.422   1.00 32.32 ? 70  LYS A O     1 
ATOM   476  C CB    . LYS A 1 58  ? -21.667 3.974   1.560   1.00 32.62 ? 70  LYS A CB    1 
ATOM   477  C CG    . LYS A 1 58  ? -22.470 5.219   1.946   1.00 44.16 ? 70  LYS A CG    1 
ATOM   478  C CD    . LYS A 1 58  ? -23.901 5.156   1.405   1.00 47.18 ? 70  LYS A CD    1 
ATOM   479  C CE    . LYS A 1 58  ? -24.772 6.286   1.957   1.00 51.68 ? 70  LYS A CE    1 
ATOM   480  N NZ    . LYS A 1 58  ? -25.102 6.130   3.408   1.00 49.60 ? 70  LYS A NZ    1 
ATOM   481  N N     . ALA A 1 59  ? -20.776 2.718   4.252   1.00 28.99 ? 71  ALA A N     1 
ATOM   482  C CA    . ALA A 1 59  ? -20.836 2.545   5.702   1.00 31.55 ? 71  ALA A CA    1 
ATOM   483  C C     . ALA A 1 59  ? -19.479 2.838   6.358   1.00 30.55 ? 71  ALA A C     1 
ATOM   484  O O     . ALA A 1 59  ? -19.398 3.602   7.327   1.00 30.72 ? 71  ALA A O     1 
ATOM   485  C CB    . ALA A 1 59  ? -21.299 1.131   6.044   1.00 31.66 ? 71  ALA A CB    1 
ATOM   486  N N     . ALA A 1 60  ? -18.417 2.234   5.823   1.00 30.87 ? 72  ALA A N     1 
ATOM   487  C CA    . ALA A 1 60  ? -17.071 2.406   6.376   1.00 29.34 ? 72  ALA A CA    1 
ATOM   488  C C     . ALA A 1 60  ? -16.672 3.879   6.454   1.00 31.65 ? 72  ALA A C     1 
ATOM   489  O O     . ALA A 1 60  ? -16.092 4.309   7.452   1.00 29.66 ? 72  ALA A O     1 
ATOM   490  C CB    . ALA A 1 60  ? -16.034 1.600   5.581   1.00 23.21 ? 72  ALA A CB    1 
ATOM   491  N N     . LEU A 1 61  ? -16.990 4.643   5.405   1.00 31.91 ? 73  LEU A N     1 
ATOM   492  C CA    . LEU A 1 61  ? -16.716 6.086   5.373   1.00 30.87 ? 73  LEU A CA    1 
ATOM   493  C C     . LEU A 1 61  ? -17.571 6.874   6.364   1.00 30.28 ? 73  LEU A C     1 
ATOM   494  O O     . LEU A 1 61  ? -17.096 7.810   7.017   1.00 32.36 ? 73  LEU A O     1 
ATOM   495  C CB    . LEU A 1 61  ? -16.939 6.651   3.968   1.00 37.32 ? 73  LEU A CB    1 
ATOM   496  C CG    . LEU A 1 61  ? -16.675 8.155   3.834   1.00 40.83 ? 73  LEU A CG    1 
ATOM   497  C CD1   . LEU A 1 61  ? -15.249 8.493   4.268   1.00 38.21 ? 73  LEU A CD1   1 
ATOM   498  C CD2   . LEU A 1 61  ? -16.951 8.645   2.412   1.00 41.74 ? 73  LEU A CD2   1 
ATOM   499  N N     . GLU A 1 62  ? -18.840 6.511   6.467   1.00 30.69 ? 74  GLU A N     1 
ATOM   500  C CA    . GLU A 1 62  ? -19.721 7.150   7.433   1.00 29.76 ? 74  GLU A CA    1 
ATOM   501  C C     . GLU A 1 62  ? -19.214 6.951   8.863   1.00 31.89 ? 74  GLU A C     1 
ATOM   502  O O     . GLU A 1 62  ? -19.219 7.893   9.657   1.00 31.46 ? 74  GLU A O     1 
ATOM   503  C CB    . GLU A 1 62  ? -21.172 6.670   7.265   1.00 34.78 ? 74  GLU A CB    1 
ATOM   504  C CG    . GLU A 1 62  ? -21.944 7.517   6.236   1.00 41.45 ? 74  GLU A CG    1 
ATOM   505  C CD    . GLU A 1 62  ? -23.280 6.918   5.824   1.00 55.92 ? 74  GLU A CD    1 
ATOM   506  O OE1   . GLU A 1 62  ? -23.331 5.701   5.512   1.00 54.57 ? 74  GLU A OE1   1 
ATOM   507  O OE2   . GLU A 1 62  ? -24.285 7.669   5.799   1.00 61.17 ? 74  GLU A OE2   1 
ATOM   508  N N     . ALA A 1 63  ? -18.765 5.733   9.182   1.00 29.68 ? 75  ALA A N     1 
ATOM   509  C CA    . ALA A 1 63  ? -18.198 5.449   10.501  1.00 28.28 ? 75  ALA A CA    1 
ATOM   510  C C     . ALA A 1 63  ? -16.907 6.237   10.700  1.00 28.15 ? 75  ALA A C     1 
ATOM   511  O O     . ALA A 1 63  ? -16.715 6.871   11.735  1.00 26.63 ? 75  ALA A O     1 
ATOM   512  C CB    . ALA A 1 63  ? -17.954 3.946   10.690  1.00 25.70 ? 75  ALA A CB    1 
ATOM   513  N N     . GLN A 1 64  ? -16.036 6.210   9.694   1.00 27.77 ? 76  GLN A N     1 
ATOM   514  C CA    . GLN A 1 64  ? -14.801 7.001   9.723   1.00 31.12 ? 76  GLN A CA    1 
ATOM   515  C C     . GLN A 1 64  ? -15.040 8.491   9.982   1.00 34.54 ? 76  GLN A C     1 
ATOM   516  O O     . GLN A 1 64  ? -14.404 9.085   10.861  1.00 30.94 ? 76  GLN A O     1 
ATOM   517  C CB    . GLN A 1 64  ? -14.017 6.831   8.427   1.00 31.97 ? 76  GLN A CB    1 
ATOM   518  C CG    . GLN A 1 64  ? -12.582 7.258   8.556   1.00 36.46 ? 76  GLN A CG    1 
ATOM   519  C CD    . GLN A 1 64  ? -11.815 7.115   7.266   1.00 41.62 ? 76  GLN A CD    1 
ATOM   520  O OE1   . GLN A 1 64  ? -12.239 7.615   6.215   1.00 40.24 ? 76  GLN A OE1   1 
ATOM   521  N NE2   . GLN A 1 64  ? -10.672 6.434   7.334   1.00 36.69 ? 76  GLN A NE2   1 
ATOM   522  N N     . ASN A 1 65  ? -15.957 9.084   9.218   1.00 31.81 ? 77  ASN A N     1 
ATOM   523  C CA    . ASN A 1 65  ? -16.320 10.491  9.383   1.00 35.35 ? 77  ASN A CA    1 
ATOM   524  C C     . ASN A 1 65  ? -16.841 10.815  10.783  1.00 33.72 ? 77  ASN A C     1 
ATOM   525  O O     . ASN A 1 65  ? -16.472 11.824  11.371  1.00 34.88 ? 77  ASN A O     1 
ATOM   526  C CB    . ASN A 1 65  ? -17.359 10.909  8.327   1.00 37.70 ? 77  ASN A CB    1 
ATOM   527  C CG    . ASN A 1 65  ? -16.762 11.023  6.935   1.00 42.94 ? 77  ASN A CG    1 
ATOM   528  O OD1   . ASN A 1 65  ? -15.624 11.469  6.776   1.00 45.31 ? 77  ASN A OD1   1 
ATOM   529  N ND2   . ASN A 1 65  ? -17.527 10.614  5.916   1.00 41.74 ? 77  ASN A ND2   1 
ATOM   530  N N     . ALA A 1 66  ? -17.699 9.948   11.311  1.00 31.20 ? 78  ALA A N     1 
ATOM   531  C CA    . ALA A 1 66  ? -18.255 10.135  12.647  1.00 32.59 ? 78  ALA A CA    1 
ATOM   532  C C     . ALA A 1 66  ? -17.256 9.922   13.801  1.00 32.76 ? 78  ALA A C     1 
ATOM   533  O O     . ALA A 1 66  ? -17.407 10.523  14.867  1.00 32.98 ? 78  ALA A O     1 
ATOM   534  C CB    . ALA A 1 66  ? -19.468 9.229   12.841  1.00 33.11 ? 78  ALA A CB    1 
ATOM   535  N N     . LEU A 1 67  ? -16.248 9.073   13.598  1.00 32.08 ? 79  LEU A N     1 
ATOM   536  C CA    . LEU A 1 67  ? -15.441 8.590   14.724  1.00 33.40 ? 79  LEU A CA    1 
ATOM   537  C C     . LEU A 1 67  ? -13.960 8.981   14.713  1.00 32.18 ? 79  LEU A C     1 
ATOM   538  O O     . LEU A 1 67  ? -13.395 9.306   15.760  1.00 33.03 ? 79  LEU A O     1 
ATOM   539  C CB    . LEU A 1 67  ? -15.562 7.064   14.849  1.00 28.96 ? 79  LEU A CB    1 
ATOM   540  C CG    . LEU A 1 67  ? -16.976 6.534   15.114  1.00 30.04 ? 79  LEU A CG    1 
ATOM   541  C CD1   . LEU A 1 67  ? -17.060 5.012   14.863  1.00 30.07 ? 79  LEU A CD1   1 
ATOM   542  C CD2   . LEU A 1 67  ? -17.443 6.873   16.522  1.00 25.49 ? 79  LEU A CD2   1 
ATOM   543  N N     . HIS A 1 68  ? -13.331 8.921   13.546  1.00 31.19 ? 80  HIS A N     1 
ATOM   544  C CA    . HIS A 1 68  ? -11.881 9.078   13.456  1.00 31.49 ? 80  HIS A CA    1 
ATOM   545  C C     . HIS A 1 68  ? -11.473 10.463  13.965  1.00 35.35 ? 80  HIS A C     1 
ATOM   546  O O     . HIS A 1 68  ? -12.081 11.476  13.612  1.00 36.16 ? 80  HIS A O     1 
ATOM   547  C CB    . HIS A 1 68  ? -11.382 8.819   12.025  1.00 28.51 ? 80  HIS A CB    1 
ATOM   548  C CG    . HIS A 1 68  ? -9.916  9.056   11.844  1.00 35.21 ? 80  HIS A CG    1 
ATOM   549  N ND1   . HIS A 1 68  ? -8.952  8.241   12.401  1.00 36.32 ? 80  HIS A ND1   1 
ATOM   550  C CD2   . HIS A 1 68  ? -9.247  10.032  11.185  1.00 36.44 ? 80  HIS A CD2   1 
ATOM   551  C CE1   . HIS A 1 68  ? -7.754  8.696   12.081  1.00 35.29 ? 80  HIS A CE1   1 
ATOM   552  N NE2   . HIS A 1 68  ? -7.906  9.787   11.350  1.00 38.32 ? 80  HIS A NE2   1 
ATOM   553  N N     . ASN A 1 69  ? -10.469 10.492  14.828  1.00 34.04 ? 81  ASN A N     1 
ATOM   554  C CA    . ASN A 1 69  ? -10.088 11.719  15.529  1.00 39.73 ? 81  ASN A CA    1 
ATOM   555  C C     . ASN A 1 69  ? -11.261 12.463  16.169  1.00 36.12 ? 81  ASN A C     1 
ATOM   556  O O     . ASN A 1 69  ? -11.092 13.560  16.687  1.00 38.86 ? 81  ASN A O     1 
ATOM   557  C CB    . ASN A 1 69  ? -9.304  12.659  14.606  1.00 35.04 ? 81  ASN A CB    1 
ATOM   558  C CG    . ASN A 1 69  ? -7.852  12.272  14.489  1.00 39.93 ? 81  ASN A CG    1 
ATOM   559  O OD1   . ASN A 1 69  ? -7.272  12.295  13.402  1.00 44.02 ? 81  ASN A OD1   1 
ATOM   560  N ND2   . ASN A 1 69  ? -7.250  11.914  15.613  1.00 37.26 ? 81  ASN A ND2   1 
ATOM   561  N N     . MET A 1 70  ? -12.443 11.858  16.149  1.00 37.02 ? 82  MET A N     1 
ATOM   562  C CA    . MET A 1 70  ? -13.647 12.533  16.636  1.00 38.42 ? 82  MET A CA    1 
ATOM   563  C C     . MET A 1 70  ? -14.066 12.067  18.034  1.00 37.75 ? 82  MET A C     1 
ATOM   564  O O     . MET A 1 70  ? -14.291 12.877  18.924  1.00 41.58 ? 82  MET A O     1 
ATOM   565  C CB    . MET A 1 70  ? -14.809 12.339  15.654  1.00 36.47 ? 82  MET A CB    1 
ATOM   566  C CG    . MET A 1 70  ? -14.688 13.105  14.345  1.00 42.14 ? 82  MET A CG    1 
ATOM   567  S SD    . MET A 1 70  ? -14.729 14.899  14.557  1.00 32.85 ? 82  MET A SD    1 
ATOM   568  C CE    . MET A 1 70  ? -16.179 15.050  15.587  1.00 28.46 ? 82  MET A CE    1 
ATOM   569  N N     . LYS A 1 71  ? -14.169 10.756  18.229  1.00 33.79 ? 83  LYS A N     1 
ATOM   570  C CA    . LYS A 1 71  ? -14.732 10.238  19.467  1.00 34.96 ? 83  LYS A CA    1 
ATOM   571  C C     . LYS A 1 71  ? -13.667 9.617   20.367  1.00 36.00 ? 83  LYS A C     1 
ATOM   572  O O     . LYS A 1 71  ? -12.860 8.800   19.913  1.00 36.29 ? 83  LYS A O     1 
ATOM   573  C CB    . LYS A 1 71  ? -15.850 9.229   19.169  1.00 36.64 ? 83  LYS A CB    1 
ATOM   574  C CG    . LYS A 1 71  ? -16.223 8.348   20.359  1.00 39.86 ? 83  LYS A CG    1 
ATOM   575  C CD    . LYS A 1 71  ? -17.417 7.452   20.054  1.00 41.42 ? 83  LYS A CD    1 
ATOM   576  C CE    . LYS A 1 71  ? -18.740 8.157   20.390  1.00 51.78 ? 83  LYS A CE    1 
ATOM   577  N NZ    . LYS A 1 71  ? -18.826 8.525   21.838  1.00 45.72 ? 83  LYS A NZ    1 
ATOM   578  N N     . VAL A 1 72  ? -13.660 10.023  21.634  1.00 30.55 ? 84  VAL A N     1 
ATOM   579  C CA    . VAL A 1 72  ? -12.768 9.449   22.631  1.00 30.86 ? 84  VAL A CA    1 
ATOM   580  C C     . VAL A 1 72  ? -13.569 8.463   23.469  1.00 34.63 ? 84  VAL A C     1 
ATOM   581  O O     . VAL A 1 72  ? -14.519 8.856   24.164  1.00 34.56 ? 84  VAL A O     1 
ATOM   582  C CB    . VAL A 1 72  ? -12.174 10.531  23.558  1.00 35.41 ? 84  VAL A CB    1 
ATOM   583  C CG1   . VAL A 1 72  ? -11.249 9.897   24.602  1.00 36.43 ? 84  VAL A CG1   1 
ATOM   584  C CG2   . VAL A 1 72  ? -11.419 11.573  22.750  1.00 32.22 ? 84  VAL A CG2   1 
ATOM   585  N N     . LEU A 1 73  ? -13.217 7.183   23.378  1.00 31.12 ? 85  LEU A N     1 
ATOM   586  C CA    . LEU A 1 73  ? -13.901 6.149   24.153  1.00 29.99 ? 85  LEU A CA    1 
ATOM   587  C C     . LEU A 1 73  ? -13.529 6.238   25.640  1.00 30.76 ? 85  LEU A C     1 
ATOM   588  O O     . LEU A 1 73  ? -12.490 6.800   25.993  1.00 29.54 ? 85  LEU A O     1 
ATOM   589  C CB    . LEU A 1 73  ? -13.587 4.754   23.598  1.00 26.65 ? 85  LEU A CB    1 
ATOM   590  C CG    . LEU A 1 73  ? -14.479 4.143   22.510  1.00 35.49 ? 85  LEU A CG    1 
ATOM   591  C CD1   . LEU A 1 73  ? -15.555 5.104   21.960  1.00 33.81 ? 85  LEU A CD1   1 
ATOM   592  C CD2   . LEU A 1 73  ? -13.645 3.518   21.377  1.00 26.01 ? 85  LEU A CD2   1 
ATOM   593  N N     . PRO A 1 74  ? -14.399 5.706   26.512  1.00 30.74 ? 86  PRO A N     1 
ATOM   594  C CA    . PRO A 1 74  ? -14.225 5.665   27.968  1.00 34.50 ? 86  PRO A CA    1 
ATOM   595  C C     . PRO A 1 74  ? -12.815 5.280   28.418  1.00 36.92 ? 86  PRO A C     1 
ATOM   596  O O     . PRO A 1 74  ? -12.366 4.162   28.174  1.00 31.07 ? 86  PRO A O     1 
ATOM   597  C CB    . PRO A 1 74  ? -15.199 4.573   28.391  1.00 31.88 ? 86  PRO A CB    1 
ATOM   598  C CG    . PRO A 1 74  ? -16.331 4.719   27.430  1.00 36.95 ? 86  PRO A CG    1 
ATOM   599  C CD    . PRO A 1 74  ? -15.718 5.177   26.112  1.00 34.88 ? 86  PRO A CD    1 
ATOM   600  N N     . GLY A 1 75  ? -12.134 6.211   29.077  1.00 35.14 ? 87  GLY A N     1 
ATOM   601  C CA    . GLY A 1 75  ? -10.845 5.933   29.678  1.00 30.99 ? 87  GLY A CA    1 
ATOM   602  C C     . GLY A 1 75  ? -9.686  6.167   28.733  1.00 34.33 ? 87  GLY A C     1 
ATOM   603  O O     . GLY A 1 75  ? -8.528  6.118   29.156  1.00 35.39 ? 87  GLY A O     1 
ATOM   604  N N     . MET A 1 76  ? -9.983  6.408   27.455  1.00 28.87 ? 88  MET A N     1 
ATOM   605  C CA    . MET A 1 76  ? -8.919  6.664   26.497  1.00 29.09 ? 88  MET A CA    1 
ATOM   606  C C     . MET A 1 76  ? -8.487  8.119   26.632  1.00 30.79 ? 88  MET A C     1 
ATOM   607  O O     . MET A 1 76  ? -9.275  8.955   27.082  1.00 28.05 ? 88  MET A O     1 
ATOM   608  C CB    . MET A 1 76  ? -9.374  6.343   25.059  1.00 27.08 ? 88  MET A CB    1 
ATOM   609  C CG    . MET A 1 76  ? -9.700  4.837   24.779  1.00 24.03 ? 88  MET A CG    1 
ATOM   610  S SD    . MET A 1 76  ? -8.349  3.655   25.082  1.00 12.04 ? 88  MET A SD    1 
ATOM   611  C CE    . MET A 1 76  ? -8.611  3.256   26.793  1.00 17.75 ? 88  MET A CE    1 
ATOM   612  N N     . HIS A 1 77  ? -7.248  8.411   26.239  1.00 29.49 ? 89  HIS A N     1 
ATOM   613  C CA    . HIS A 1 77  ? -6.729  9.779   26.223  1.00 32.33 ? 89  HIS A CA    1 
ATOM   614  C C     . HIS A 1 77  ? -6.472  10.273  24.796  1.00 36.70 ? 89  HIS A C     1 
ATOM   615  O O     . HIS A 1 77  ? -5.836  11.308  24.602  1.00 32.77 ? 89  HIS A O     1 
ATOM   616  C CB    . HIS A 1 77  ? -5.432  9.895   27.034  1.00 29.46 ? 89  HIS A CB    1 
ATOM   617  C CG    . HIS A 1 77  ? -5.626  9.788   28.513  1.00 34.74 ? 89  HIS A CG    1 
ATOM   618  N ND1   . HIS A 1 77  ? -4.575  9.792   29.402  1.00 34.77 ? 89  HIS A ND1   1 
ATOM   619  C CD2   . HIS A 1 77  ? -6.749  9.662   29.262  1.00 37.65 ? 89  HIS A CD2   1 
ATOM   620  C CE1   . HIS A 1 77  ? -5.039  9.668   30.633  1.00 38.61 ? 89  HIS A CE1   1 
ATOM   621  N NE2   . HIS A 1 77  ? -6.357  9.592   30.576  1.00 36.83 ? 89  HIS A NE2   1 
ATOM   622  N N     . HIS A 1 78  ? -6.934  9.507   23.811  1.00 30.82 ? 90  HIS A N     1 
ATOM   623  C CA    . HIS A 1 78  ? -6.834  9.891   22.407  1.00 32.75 ? 90  HIS A CA    1 
ATOM   624  C C     . HIS A 1 78  ? -8.040  9.363   21.642  1.00 32.31 ? 90  HIS A C     1 
ATOM   625  O O     . HIS A 1 78  ? -8.544  8.287   21.950  1.00 28.62 ? 90  HIS A O     1 
ATOM   626  C CB    . HIS A 1 78  ? -5.542  9.359   21.782  1.00 29.00 ? 90  HIS A CB    1 
ATOM   627  C CG    . HIS A 1 78  ? -4.305  9.902   22.425  1.00 46.17 ? 90  HIS A CG    1 
ATOM   628  N ND1   . HIS A 1 78  ? -3.828  11.172  22.163  1.00 47.97 ? 90  HIS A ND1   1 
ATOM   629  C CD2   . HIS A 1 78  ? -3.467  9.364   23.343  1.00 43.97 ? 90  HIS A CD2   1 
ATOM   630  C CE1   . HIS A 1 78  ? -2.742  11.385  22.886  1.00 46.42 ? 90  HIS A CE1   1 
ATOM   631  N NE2   . HIS A 1 78  ? -2.501  10.306  23.609  1.00 46.81 ? 90  HIS A NE2   1 
ATOM   632  N N     . PRO A 1 79  ? -8.508  10.119  20.635  1.00 32.63 ? 91  PRO A N     1 
ATOM   633  C CA    . PRO A 1 79  ? -9.705  9.637   19.946  1.00 31.63 ? 91  PRO A CA    1 
ATOM   634  C C     . PRO A 1 79  ? -9.410  8.447   19.034  1.00 31.47 ? 91  PRO A C     1 
ATOM   635  O O     . PRO A 1 79  ? -8.257  8.193   18.649  1.00 27.32 ? 91  PRO A O     1 
ATOM   636  C CB    . PRO A 1 79  ? -10.170 10.857  19.138  1.00 29.24 ? 91  PRO A CB    1 
ATOM   637  C CG    . PRO A 1 79  ? -8.964  11.764  19.034  1.00 33.15 ? 91  PRO A CG    1 
ATOM   638  C CD    . PRO A 1 79  ? -7.869  11.242  19.929  1.00 29.98 ? 91  PRO A CD    1 
ATOM   639  N N     . ILE A 1 80  ? -10.472 7.708   18.729  1.00 29.18 ? 92  ILE A N     1 
ATOM   640  C CA    . ILE A 1 80  ? -10.427 6.590   17.812  1.00 24.67 ? 92  ILE A CA    1 
ATOM   641  C C     . ILE A 1 80  ? -9.650  6.926   16.541  1.00 30.38 ? 92  ILE A C     1 
ATOM   642  O O     . ILE A 1 80  ? -9.776  8.033   15.989  1.00 25.22 ? 92  ILE A O     1 
ATOM   643  C CB    . ILE A 1 80  ? -11.856 6.165   17.410  1.00 26.05 ? 92  ILE A CB    1 
ATOM   644  C CG1   . ILE A 1 80  ? -12.582 5.497   18.573  1.00 27.31 ? 92  ILE A CG1   1 
ATOM   645  C CG2   . ILE A 1 80  ? -11.820 5.249   16.215  1.00 27.92 ? 92  ILE A CG2   1 
ATOM   646  C CD1   . ILE A 1 80  ? -14.055 5.180   18.248  1.00 32.70 ? 92  ILE A CD1   1 
ATOM   647  N N     . GLN A 1 81  ? -8.848  5.956   16.092  1.00 25.85 ? 93  GLN A N     1 
ATOM   648  C CA    . GLN A 1 81  ? -8.157  6.022   14.814  1.00 26.68 ? 93  GLN A CA    1 
ATOM   649  C C     . GLN A 1 81  ? -8.662  4.868   13.967  1.00 28.78 ? 93  GLN A C     1 
ATOM   650  O O     . GLN A 1 81  ? -8.700  3.729   14.434  1.00 28.03 ? 93  GLN A O     1 
ATOM   651  C CB    . GLN A 1 81  ? -6.651  5.881   15.015  1.00 25.60 ? 93  GLN A CB    1 
ATOM   652  C CG    . GLN A 1 81  ? -6.111  6.818   16.057  1.00 30.74 ? 93  GLN A CG    1 
ATOM   653  C CD    . GLN A 1 81  ? -6.123  8.265   15.595  1.00 31.81 ? 93  GLN A CD    1 
ATOM   654  O OE1   . GLN A 1 81  ? -5.686  8.574   14.490  1.00 37.84 ? 93  GLN A OE1   1 
ATOM   655  N NE2   . GLN A 1 81  ? -6.614  9.156   16.445  1.00 31.77 ? 93  GLN A NE2   1 
ATOM   656  N N     . MET A 1 82  ? -9.036  5.160   12.727  1.00 26.18 ? 94  MET A N     1 
ATOM   657  C CA    . MET A 1 82  ? -9.676  4.173   11.869  1.00 29.69 ? 94  MET A CA    1 
ATOM   658  C C     . MET A 1 82  ? -9.151  4.377   10.444  1.00 28.22 ? 94  MET A C     1 
ATOM   659  O O     . MET A 1 82  ? -9.097  5.505   9.970   1.00 29.78 ? 94  MET A O     1 
ATOM   660  C CB    . MET A 1 82  ? -11.219 4.318   11.964  1.00 25.13 ? 94  MET A CB    1 
ATOM   661  C CG    . MET A 1 82  ? -12.037 3.619   10.889  1.00 38.12 ? 94  MET A CG    1 
ATOM   662  S SD    . MET A 1 82  ? -13.809 3.391   11.327  1.00 37.29 ? 94  MET A SD    1 
ATOM   663  C CE    . MET A 1 82  ? -13.947 4.517   12.658  1.00 17.82 ? 94  MET A CE    1 
ATOM   664  N N     . LYS A 1 83  ? -8.740  3.290   9.791   1.00 26.13 ? 95  LYS A N     1 
ATOM   665  C CA    . LYS A 1 83  ? -8.204  3.309   8.421   1.00 25.44 ? 95  LYS A CA    1 
ATOM   666  C C     . LYS A 1 83  ? -8.325  1.908   7.825   1.00 24.31 ? 95  LYS A C     1 
ATOM   667  O O     . LYS A 1 83  ? -8.505  0.940   8.551   1.00 28.21 ? 95  LYS A O     1 
ATOM   668  C CB    . LYS A 1 83  ? -6.728  3.714   8.408   1.00 29.64 ? 95  LYS A CB    1 
ATOM   669  C CG    . LYS A 1 83  ? -5.778  2.597   8.900   1.00 33.01 ? 95  LYS A CG    1 
ATOM   670  C CD    . LYS A 1 83  ? -4.299  3.003   8.794   1.00 39.12 ? 95  LYS A CD    1 
ATOM   671  C CE    . LYS A 1 83  ? -3.350  1.803   8.927   1.00 44.85 ? 95  LYS A CE    1 
ATOM   672  N NZ    . LYS A 1 83  ? -3.534  0.737   7.863   1.00 36.09 ? 95  LYS A NZ    1 
ATOM   673  N N     . PRO A 1 84  ? -8.231  1.783   6.495   1.00 28.45 ? 96  PRO A N     1 
ATOM   674  C CA    . PRO A 1 84  ? -8.352  0.429   5.946   1.00 28.44 ? 96  PRO A CA    1 
ATOM   675  C C     . PRO A 1 84  ? -7.252  -0.504  6.475   1.00 27.67 ? 96  PRO A C     1 
ATOM   676  O O     . PRO A 1 84  ? -6.101  -0.102  6.578   1.00 27.77 ? 96  PRO A O     1 
ATOM   677  C CB    . PRO A 1 84  ? -8.182  0.641   4.435   1.00 26.75 ? 96  PRO A CB    1 
ATOM   678  C CG    . PRO A 1 84  ? -8.542  2.088   4.207   1.00 30.45 ? 96  PRO A CG    1 
ATOM   679  C CD    . PRO A 1 84  ? -8.054  2.802   5.440   1.00 30.78 ? 96  PRO A CD    1 
ATOM   680  N N     . ALA A 1 85  ? -7.617  -1.740  6.785   1.00 25.48 ? 97  ALA A N     1 
ATOM   681  C CA    . ALA A 1 85  ? -6.665  -2.716  7.278   1.00 27.69 ? 97  ALA A CA    1 
ATOM   682  C C     . ALA A 1 85  ? -5.569  -2.973  6.250   1.00 32.23 ? 97  ALA A C     1 
ATOM   683  O O     . ALA A 1 85  ? -5.811  -2.903  5.046   1.00 32.53 ? 97  ALA A O     1 
ATOM   684  C CB    . ALA A 1 85  ? -7.389  -4.014  7.624   1.00 27.73 ? 97  ALA A CB    1 
ATOM   685  N N     . ASP A 1 86  ? -4.366  -3.274  6.732   1.00 31.72 ? 98  ASP A N     1 
ATOM   686  C CA    . ASP A 1 86  ? -3.241  -3.659  5.876   1.00 31.18 ? 98  ASP A CA    1 
ATOM   687  C C     . ASP A 1 86  ? -3.577  -4.822  4.938   1.00 32.42 ? 98  ASP A C     1 
ATOM   688  O O     . ASP A 1 86  ? -3.129  -4.851  3.798   1.00 34.79 ? 98  ASP A O     1 
ATOM   689  C CB    . ASP A 1 86  ? -2.010  -4.006  6.724   1.00 32.88 ? 98  ASP A CB    1 
ATOM   690  C CG    . ASP A 1 86  ? -1.387  -2.775  7.381   1.00 34.46 ? 98  ASP A CG    1 
ATOM   691  O OD1   . ASP A 1 86  ? -1.692  -1.658  6.924   1.00 35.97 ? 98  ASP A OD1   1 
ATOM   692  O OD2   . ASP A 1 86  ? -0.601  -2.918  8.346   1.00 31.95 ? 98  ASP A OD2   1 
ATOM   693  N N     . SER A 1 87  ? -4.376  -5.769  5.420   1.00 31.26 ? 99  SER A N     1 
ATOM   694  C CA    . SER A 1 87  ? -4.787  -6.908  4.604   1.00 32.90 ? 99  SER A CA    1 
ATOM   695  C C     . SER A 1 87  ? -5.651  -6.496  3.403   1.00 37.87 ? 99  SER A C     1 
ATOM   696  O O     . SER A 1 87  ? -5.784  -7.261  2.449   1.00 37.57 ? 99  SER A O     1 
ATOM   697  C CB    . SER A 1 87  ? -5.495  -7.975  5.460   1.00 31.60 ? 99  SER A CB    1 
ATOM   698  O OG    . SER A 1 87  ? -6.691  -7.481  6.051   1.00 35.03 ? 99  SER A OG    1 
ATOM   699  N N     . GLU A 1 88  ? -6.227  -5.295  3.445   1.00 36.11 ? 100 GLU A N     1 
ATOM   700  C CA    . GLU A 1 88  ? -7.020  -4.785  2.322   1.00 39.47 ? 100 GLU A CA    1 
ATOM   701  C C     . GLU A 1 88  ? -6.135  -4.277  1.205   1.00 44.87 ? 100 GLU A C     1 
ATOM   702  O O     . GLU A 1 88  ? -6.618  -3.964  0.114   1.00 49.87 ? 100 GLU A O     1 
ATOM   703  C CB    . GLU A 1 88  ? -7.961  -3.636  2.742   1.00 36.62 ? 100 GLU A CB    1 
ATOM   704  C CG    . GLU A 1 88  ? -9.178  -4.058  3.557   1.00 39.14 ? 100 GLU A CG    1 
ATOM   705  C CD    . GLU A 1 88  ? -10.010 -5.150  2.892   1.00 43.67 ? 100 GLU A CD    1 
ATOM   706  O OE1   . GLU A 1 88  ? -9.696  -5.544  1.749   1.00 53.19 ? 100 GLU A OE1   1 
ATOM   707  O OE2   . GLU A 1 88  ? -10.981 -5.620  3.520   1.00 43.07 ? 100 GLU A OE2   1 
ATOM   708  N N     . LYS A 1 89  ? -4.842  -4.166  1.467   1.00 42.31 ? 101 LYS A N     1 
ATOM   709  C CA    . LYS A 1 89  ? -3.971  -3.570  0.464   1.00 46.72 ? 101 LYS A CA    1 
ATOM   710  C C     . LYS A 1 89  ? -3.837  -4.425  -0.792  1.00 53.05 ? 101 LYS A C     1 
ATOM   711  O O     . LYS A 1 89  ? -3.643  -5.640  -0.739  1.00 51.84 ? 101 LYS A O     1 
ATOM   712  C CB    . LYS A 1 89  ? -2.630  -3.145  1.050   1.00 48.66 ? 101 LYS A CB    1 
ATOM   713  C CG    . LYS A 1 89  ? -2.701  -1.740  1.642   1.00 41.47 ? 101 LYS A CG    1 
ATOM   714  C CD    . LYS A 1 89  ? -2.059  -1.662  3.026   1.00 46.78 ? 101 LYS A CD    1 
ATOM   715  C CE    . LYS A 1 89  ? -2.562  -0.426  3.789   1.00 44.21 ? 101 LYS A CE    1 
ATOM   716  N NZ    . LYS A 1 89  ? -1.459  0.303   4.483   1.00 46.30 ? 101 LYS A NZ    1 
ATOM   717  N N     . ASN A 1 90  ? -3.965  -3.751  -1.925  1.00 61.86 ? 102 ASN A N     1 
ATOM   718  C CA    . ASN A 1 90  ? -4.210  -4.398  -3.197  1.00 65.12 ? 102 ASN A CA    1 
ATOM   719  C C     . ASN A 1 90  ? -2.958  -4.405  -4.062  1.00 63.55 ? 102 ASN A C     1 
ATOM   720  O O     . ASN A 1 90  ? -2.052  -5.221  -3.866  1.00 59.28 ? 102 ASN A O     1 
ATOM   721  C CB    . ASN A 1 90  ? -5.318  -3.631  -3.910  1.00 61.67 ? 102 ASN A CB    1 
ATOM   722  C CG    . ASN A 1 90  ? -6.359  -4.535  -4.494  1.00 64.68 ? 102 ASN A CG    1 
ATOM   723  O OD1   . ASN A 1 90  ? -6.371  -5.723  -4.112  1.00 63.57 ? 102 ASN A OD1   1 
ATOM   724  N ND2   . ASN A 1 90  ? -7.162  -4.053  -5.326  1.00 66.72 ? 102 ASN A ND2   1 
ATOM   725  N N     . ASN A 1 91  ? -2.941  -3.495  -5.033  1.00 63.55 ? 103 ASN A N     1 
ATOM   726  C CA    . ASN A 1 91  ? -1.771  -3.247  -5.859  1.00 59.92 ? 103 ASN A CA    1 
ATOM   727  C C     . ASN A 1 91  ? -0.700  -2.562  -5.048  1.00 56.90 ? 103 ASN A C     1 
ATOM   728  O O     . ASN A 1 91  ? -0.476  -1.366  -5.216  1.00 60.10 ? 103 ASN A O     1 
ATOM   729  C CB    . ASN A 1 91  ? -2.129  -2.323  -7.027  1.00 59.69 ? 103 ASN A CB    1 
ATOM   730  C CG    . ASN A 1 91  ? -2.850  -3.042  -8.143  1.00 62.01 ? 103 ASN A CG    1 
ATOM   731  O OD1   . ASN A 1 91  ? -2.281  -3.294  -9.214  1.00 55.40 ? 103 ASN A OD1   1 
ATOM   732  N ND2   . ASN A 1 91  ? -4.113  -3.374  -7.902  1.00 64.91 ? 103 ASN A ND2   1 
ATOM   733  N N     . ALA A 1 92  ? -0.046  -3.294  -4.158  1.00 54.58 ? 104 ALA A N     1 
ATOM   734  C CA    . ALA A 1 92  ? 1.094   -2.718  -3.475  1.00 56.13 ? 104 ALA A CA    1 
ATOM   735  C C     . ALA A 1 92  ? 2.040   -2.225  -4.567  1.00 54.62 ? 104 ALA A C     1 
ATOM   736  O O     . ALA A 1 92  ? 2.452   -2.998  -5.429  1.00 50.37 ? 104 ALA A O     1 
ATOM   737  C CB    . ALA A 1 92  ? 1.772   -3.750  -2.586  1.00 57.48 ? 104 ALA A CB    1 
ATOM   738  N N     . VAL A 1 93  ? 2.338   -0.929  -4.555  1.00 54.39 ? 105 VAL A N     1 
ATOM   739  C CA    . VAL A 1 93  ? 3.291   -0.351  -5.492  1.00 49.54 ? 105 VAL A CA    1 
ATOM   740  C C     . VAL A 1 93  ? 4.538   -1.222  -5.605  1.00 52.39 ? 105 VAL A C     1 
ATOM   741  O O     . VAL A 1 93  ? 5.097   -1.384  -6.691  1.00 46.99 ? 105 VAL A O     1 
ATOM   742  C CB    . VAL A 1 93  ? 3.704   1.070   -5.060  1.00 50.57 ? 105 VAL A CB    1 
ATOM   743  C CG1   . VAL A 1 93  ? 5.056   1.449   -5.648  1.00 51.90 ? 105 VAL A CG1   1 
ATOM   744  C CG2   . VAL A 1 93  ? 2.644   2.077   -5.475  1.00 57.84 ? 105 VAL A CG2   1 
ATOM   745  N N     . GLU A 1 94  ? 4.950   -1.797  -4.477  1.00 51.40 ? 106 GLU A N     1 
ATOM   746  C CA    . GLU A 1 94  ? 6.207   -2.530  -4.391  1.00 54.73 ? 106 GLU A CA    1 
ATOM   747  C C     . GLU A 1 94  ? 6.203   -3.823  -5.211  1.00 55.75 ? 106 GLU A C     1 
ATOM   748  O O     . GLU A 1 94  ? 7.234   -4.497  -5.321  1.00 57.87 ? 106 GLU A O     1 
ATOM   749  C CB    . GLU A 1 94  ? 6.548   -2.842  -2.930  1.00 56.94 ? 106 GLU A CB    1 
ATOM   750  C CG    . GLU A 1 94  ? 6.048   -1.810  -1.931  1.00 62.62 ? 106 GLU A CG    1 
ATOM   751  C CD    . GLU A 1 94  ? 5.093   -2.401  -0.893  1.00 68.68 ? 106 GLU A CD    1 
ATOM   752  O OE1   . GLU A 1 94  ? 4.934   -3.645  -0.856  1.00 66.26 ? 106 GLU A OE1   1 
ATOM   753  O OE2   . GLU A 1 94  ? 4.499   -1.618  -0.116  1.00 69.18 ? 106 GLU A OE2   1 
ATOM   754  N N     . ASP A 1 95  ? 5.051   -4.170  -5.780  1.00 53.19 ? 107 ASP A N     1 
ATOM   755  C CA    . ASP A 1 95  ? 4.938   -5.356  -6.625  1.00 46.59 ? 107 ASP A CA    1 
ATOM   756  C C     . ASP A 1 95  ? 4.497   -5.000  -8.055  1.00 52.79 ? 107 ASP A C     1 
ATOM   757  O O     . ASP A 1 95  ? 4.079   -5.870  -8.828  1.00 54.06 ? 107 ASP A O     1 
ATOM   758  C CB    . ASP A 1 95  ? 3.988   -6.373  -5.992  1.00 51.66 ? 107 ASP A CB    1 
ATOM   759  C CG    . ASP A 1 95  ? 4.462   -6.850  -4.619  1.00 55.93 ? 107 ASP A CG    1 
ATOM   760  O OD1   . ASP A 1 95  ? 5.681   -7.044  -4.425  1.00 57.72 ? 107 ASP A OD1   1 
ATOM   761  O OD2   . ASP A 1 95  ? 3.610   -7.041  -3.723  1.00 58.06 ? 107 ASP A OD2   1 
ATOM   762  N N     . ARG A 1 96  ? 4.588   -3.717  -8.398  1.00 47.37 ? 108 ARG A N     1 
ATOM   763  C CA    . ARG A 1 96  ? 4.377   -3.254  -9.769  1.00 43.64 ? 108 ARG A CA    1 
ATOM   764  C C     . ARG A 1 96  ? 5.579   -2.415  -10.179 1.00 42.75 ? 108 ARG A C     1 
ATOM   765  O O     . ARG A 1 96  ? 5.586   -1.787  -11.244 1.00 42.13 ? 108 ARG A O     1 
ATOM   766  C CB    . ARG A 1 96  ? 3.158   -2.344  -9.857  1.00 45.85 ? 108 ARG A CB    1 
ATOM   767  C CG    . ARG A 1 96  ? 1.866   -2.931  -9.407  1.00 52.07 ? 108 ARG A CG    1 
ATOM   768  C CD    . ARG A 1 96  ? 0.773   -1.881  -9.523  1.00 50.21 ? 108 ARG A CD    1 
ATOM   769  N NE    . ARG A 1 96  ? 0.573   -1.130  -8.286  1.00 51.91 ? 108 ARG A NE    1 
ATOM   770  C CZ    . ARG A 1 96  ? 0.438   0.192   -8.220  1.00 53.09 ? 108 ARG A CZ    1 
ATOM   771  N NH1   . ARG A 1 96  ? 0.507   0.935   -9.317  1.00 50.01 ? 108 ARG A NH1   1 
ATOM   772  N NH2   . ARG A 1 96  ? 0.248   0.777   -7.046  1.00 57.29 ? 108 ARG A NH2   1 
ATOM   773  N N     . LYS A 1 97  ? 6.582   -2.376  -9.311  1.00 37.90 ? 109 LYS A N     1 
ATOM   774  C CA    . LYS A 1 97  ? 7.700   -1.463  -9.491  1.00 34.56 ? 109 LYS A CA    1 
ATOM   775  C C     . LYS A 1 97  ? 8.939   -2.204  -9.986  1.00 31.01 ? 109 LYS A C     1 
ATOM   776  O O     . LYS A 1 97  ? 9.336   -3.219  -9.415  1.00 32.09 ? 109 LYS A O     1 
ATOM   777  C CB    . LYS A 1 97  ? 7.986   -0.745  -8.175  1.00 36.03 ? 109 LYS A CB    1 
ATOM   778  C CG    . LYS A 1 97  ? 9.070   0.313   -8.234  1.00 37.79 ? 109 LYS A CG    1 
ATOM   779  C CD    . LYS A 1 97  ? 9.881   0.281   -6.955  1.00 42.70 ? 109 LYS A CD    1 
ATOM   780  C CE    . LYS A 1 97  ? 9.890   1.607   -6.246  1.00 49.94 ? 109 LYS A CE    1 
ATOM   781  N NZ    . LYS A 1 97  ? 8.535   1.994   -5.770  1.00 53.76 ? 109 LYS A NZ    1 
ATOM   782  N N     . LEU A 1 98  ? 9.545   -1.685  -11.048 1.00 31.37 ? 110 LEU A N     1 
ATOM   783  C CA    . LEU A 1 98  ? 10.743  -2.278  -11.644 1.00 28.16 ? 110 LEU A CA    1 
ATOM   784  C C     . LEU A 1 98  ? 12.008  -1.453  -11.411 1.00 26.86 ? 110 LEU A C     1 
ATOM   785  O O     . LEU A 1 98  ? 12.000  -0.237  -11.587 1.00 28.38 ? 110 LEU A O     1 
ATOM   786  C CB    . LEU A 1 98  ? 10.566  -2.425  -13.155 1.00 25.27 ? 110 LEU A CB    1 
ATOM   787  C CG    . LEU A 1 98  ? 9.435   -3.268  -13.738 1.00 30.49 ? 110 LEU A CG    1 
ATOM   788  C CD1   . LEU A 1 98  ? 9.417   -3.094  -15.239 1.00 28.37 ? 110 LEU A CD1   1 
ATOM   789  C CD2   . LEU A 1 98  ? 9.611   -4.728  -13.371 1.00 29.16 ? 110 LEU A CD2   1 
ATOM   790  N N     . PHE A 1 99  ? 13.097  -2.128  -11.041 1.00 24.74 ? 111 PHE A N     1 
ATOM   791  C CA    . PHE A 1 99  ? 14.434  -1.560  -11.163 1.00 20.78 ? 111 PHE A CA    1 
ATOM   792  C C     . PHE A 1 99  ? 14.947  -1.704  -12.604 1.00 23.49 ? 111 PHE A C     1 
ATOM   793  O O     . PHE A 1 99  ? 14.944  -2.800  -13.176 1.00 22.85 ? 111 PHE A O     1 
ATOM   794  C CB    . PHE A 1 99  ? 15.396  -2.247  -10.184 1.00 27.91 ? 111 PHE A CB    1 
ATOM   795  C CG    . PHE A 1 99  ? 16.842  -1.830  -10.347 1.00 24.73 ? 111 PHE A CG    1 
ATOM   796  C CD1   . PHE A 1 99  ? 17.314  -0.660  -9.759  1.00 24.07 ? 111 PHE A CD1   1 
ATOM   797  C CD2   . PHE A 1 99  ? 17.724  -2.616  -11.088 1.00 20.84 ? 111 PHE A CD2   1 
ATOM   798  C CE1   . PHE A 1 99  ? 18.643  -0.285  -9.906  1.00 22.73 ? 111 PHE A CE1   1 
ATOM   799  C CE2   . PHE A 1 99  ? 19.050  -2.258  -11.236 1.00 22.51 ? 111 PHE A CE2   1 
ATOM   800  C CZ    . PHE A 1 99  ? 19.520  -1.099  -10.646 1.00 20.56 ? 111 PHE A CZ    1 
ATOM   801  N N     . ILE A 1 100 ? 15.359  -0.587  -13.198 1.00 23.83 ? 112 ILE A N     1 
ATOM   802  C CA    . ILE A 1 100 ? 15.983  -0.582  -14.518 1.00 22.16 ? 112 ILE A CA    1 
ATOM   803  C C     . ILE A 1 100 ? 17.457  -0.225  -14.346 1.00 23.77 ? 112 ILE A C     1 
ATOM   804  O O     . ILE A 1 100 ? 17.778  0.888   -13.948 1.00 24.56 ? 112 ILE A O     1 
ATOM   805  C CB    . ILE A 1 100 ? 15.328  0.454   -15.465 1.00 21.90 ? 112 ILE A CB    1 
ATOM   806  C CG1   . ILE A 1 100 ? 13.804  0.442   -15.315 1.00 23.95 ? 112 ILE A CG1   1 
ATOM   807  C CG2   . ILE A 1 100 ? 15.722  0.191   -16.927 1.00 24.03 ? 112 ILE A CG2   1 
ATOM   808  C CD1   . ILE A 1 100 ? 13.126  -0.784  -15.898 1.00 23.46 ? 112 ILE A CD1   1 
ATOM   809  N N     . GLY A 1 101 ? 18.353  -1.174  -14.618 1.00 21.72 ? 113 GLY A N     1 
ATOM   810  C CA    . GLY A 1 101 ? 19.769  -0.967  -14.392 1.00 16.73 ? 113 GLY A CA    1 
ATOM   811  C C     . GLY A 1 101 ? 20.455  -0.860  -15.728 1.00 19.02 ? 113 GLY A C     1 
ATOM   812  O O     . GLY A 1 101 ? 19.837  -1.186  -16.734 1.00 17.69 ? 113 GLY A O     1 
ATOM   813  N N     . MET A 1 102 ? 21.712  -0.403  -15.751 1.00 16.09 ? 114 MET A N     1 
ATOM   814  C CA    . MET A 1 102 ? 22.490  -0.360  -16.998 1.00 19.14 ? 114 MET A CA    1 
ATOM   815  C C     . MET A 1 102 ? 21.780  0.460   -18.116 1.00 22.79 ? 114 MET A C     1 
ATOM   816  O O     . MET A 1 102 ? 21.705  0.036   -19.272 1.00 21.99 ? 114 MET A O     1 
ATOM   817  C CB    . MET A 1 102 ? 22.817  -1.789  -17.493 1.00 15.83 ? 114 MET A CB    1 
ATOM   818  C CG    . MET A 1 102 ? 23.897  -2.547  -16.635 1.00 20.74 ? 114 MET A CG    1 
ATOM   819  S SD    . MET A 1 102 ? 25.571  -1.838  -16.774 1.00 11.45 ? 114 MET A SD    1 
ATOM   820  C CE    . MET A 1 102 ? 25.624  -0.878  -15.272 1.00 20.36 ? 114 MET A CE    1 
ATOM   821  N N     . ILE A 1 103 ? 21.240  1.615   -17.756 1.00 21.40 ? 115 ILE A N     1 
ATOM   822  C CA    . ILE A 1 103 ? 20.826  2.592   -18.756 1.00 23.65 ? 115 ILE A CA    1 
ATOM   823  C C     . ILE A 1 103 ? 21.927  3.636   -18.913 1.00 22.00 ? 115 ILE A C     1 
ATOM   824  O O     . ILE A 1 103 ? 22.739  3.854   -18.016 1.00 22.01 ? 115 ILE A O     1 
ATOM   825  C CB    . ILE A 1 103 ? 19.460  3.284   -18.409 1.00 24.79 ? 115 ILE A CB    1 
ATOM   826  C CG1   . ILE A 1 103 ? 19.562  4.099   -17.108 1.00 23.53 ? 115 ILE A CG1   1 
ATOM   827  C CG2   . ILE A 1 103 ? 18.354  2.250   -18.314 1.00 21.82 ? 115 ILE A CG2   1 
ATOM   828  C CD1   . ILE A 1 103 ? 18.271  4.834   -16.738 1.00 25.65 ? 115 ILE A CD1   1 
ATOM   829  N N     . SER A 1 104 ? 21.977  4.241   -20.084 1.00 22.95 ? 116 SER A N     1 
ATOM   830  C CA    . SER A 1 104 ? 22.876  5.352   -20.333 1.00 26.82 ? 116 SER A CA    1 
ATOM   831  C C     . SER A 1 104 ? 22.666  6.436   -19.296 1.00 29.02 ? 116 SER A C     1 
ATOM   832  O O     . SER A 1 104 ? 21.532  6.741   -18.913 1.00 25.18 ? 116 SER A O     1 
ATOM   833  C CB    . SER A 1 104 ? 22.621  5.954   -21.722 1.00 25.14 ? 116 SER A CB    1 
ATOM   834  O OG    . SER A 1 104 ? 23.345  7.169   -21.874 1.00 32.91 ? 116 SER A OG    1 
ATOM   835  N N     . LYS A 1 105 ? 23.761  7.047   -18.877 1.00 26.18 ? 117 LYS A N     1 
ATOM   836  C CA    . LYS A 1 105 ? 23.671  8.193   -17.991 1.00 30.25 ? 117 LYS A CA    1 
ATOM   837  C C     . LYS A 1 105 ? 23.092  9.452   -18.682 1.00 35.06 ? 117 LYS A C     1 
ATOM   838  O O     . LYS A 1 105 ? 22.687  10.404  -18.014 1.00 36.70 ? 117 LYS A O     1 
ATOM   839  C CB    . LYS A 1 105 ? 25.018  8.443   -17.315 1.00 32.52 ? 117 LYS A CB    1 
ATOM   840  C CG    . LYS A 1 105 ? 25.437  7.256   -16.435 1.00 35.12 ? 117 LYS A CG    1 
ATOM   841  C CD    . LYS A 1 105 ? 26.803  7.446   -15.775 1.00 39.89 ? 117 LYS A CD    1 
ATOM   842  C CE    . LYS A 1 105 ? 26.873  6.695   -14.439 1.00 38.89 ? 117 LYS A CE    1 
ATOM   843  N NZ    . LYS A 1 105 ? 27.876  5.613   -14.411 1.00 43.59 ? 117 LYS A NZ    1 
ATOM   844  N N     . LYS A 1 106 ? 23.008  9.453   -20.007 1.00 30.84 ? 118 LYS A N     1 
ATOM   845  C CA    . LYS A 1 106 ? 22.319  10.547  -20.690 1.00 35.12 ? 118 LYS A CA    1 
ATOM   846  C C     . LYS A 1 106 ? 20.792  10.344  -20.739 1.00 37.99 ? 118 LYS A C     1 
ATOM   847  O O     . LYS A 1 106 ? 20.054  11.246  -21.148 1.00 39.50 ? 118 LYS A O     1 
ATOM   848  C CB    . LYS A 1 106 ? 22.857  10.744  -22.110 1.00 36.73 ? 118 LYS A CB    1 
ATOM   849  C CG    . LYS A 1 106 ? 24.293  11.249  -22.185 1.00 44.18 ? 118 LYS A CG    1 
ATOM   850  C CD    . LYS A 1 106 ? 24.862  10.949  -23.569 1.00 55.36 ? 118 LYS A CD    1 
ATOM   851  C CE    . LYS A 1 106 ? 25.875  12.001  -24.020 1.00 63.04 ? 118 LYS A CE    1 
ATOM   852  N NZ    . LYS A 1 106 ? 26.257  11.811  -25.460 1.00 66.21 ? 118 LYS A NZ    1 
ATOM   853  N N     . CYS A 1 107 ? 20.327  9.164   -20.335 1.00 31.87 ? 119 CYS A N     1 
ATOM   854  C CA    . CYS A 1 107 ? 18.902  8.870   -20.302 1.00 29.45 ? 119 CYS A CA    1 
ATOM   855  C C     . CYS A 1 107 ? 18.158  9.769   -19.337 1.00 37.29 ? 119 CYS A C     1 
ATOM   856  O O     . CYS A 1 107 ? 18.513  9.918   -18.157 1.00 28.72 ? 119 CYS A O     1 
ATOM   857  C CB    . CYS A 1 107 ? 18.625  7.414   -19.931 1.00 32.21 ? 119 CYS A CB    1 
ATOM   858  S SG    . CYS A 1 107 ? 18.404  6.320   -21.350 1.00 42.68 ? 119 CYS A SG    1 
ATOM   859  N N     . THR A 1 108 ? 17.088  10.330  -19.867 1.00 32.70 ? 120 THR A N     1 
ATOM   860  C CA    . THR A 1 108 ? 16.216  11.212  -19.143 1.00 35.67 ? 120 THR A CA    1 
ATOM   861  C C     . THR A 1 108 ? 15.006  10.412  -18.664 1.00 35.51 ? 120 THR A C     1 
ATOM   862  O O     . THR A 1 108 ? 14.733  9.325   -19.187 1.00 37.22 ? 120 THR A O     1 
ATOM   863  C CB    . THR A 1 108 ? 15.791  12.344  -20.111 1.00 38.69 ? 120 THR A CB    1 
ATOM   864  O OG1   . THR A 1 108 ? 16.491  13.551  -19.775 1.00 35.94 ? 120 THR A OG1   1 
ATOM   865  C CG2   . THR A 1 108 ? 14.313  12.561  -20.089 1.00 32.31 ? 120 THR A CG2   1 
ATOM   866  N N     . GLU A 1 109 ? 14.285  10.934  -17.672 1.00 38.15 ? 121 GLU A N     1 
ATOM   867  C CA    . GLU A 1 109 ? 13.043  10.311  -17.234 1.00 36.19 ? 121 GLU A CA    1 
ATOM   868  C C     . GLU A 1 109 ? 12.070  10.131  -18.398 1.00 36.86 ? 121 GLU A C     1 
ATOM   869  O O     . GLU A 1 109 ? 11.327  9.151   -18.464 1.00 40.43 ? 121 GLU A O     1 
ATOM   870  C CB    . GLU A 1 109 ? 12.378  11.118  -16.117 1.00 40.12 ? 121 GLU A CB    1 
ATOM   871  C CG    . GLU A 1 109 ? 10.968  10.614  -15.799 1.00 40.92 ? 121 GLU A CG    1 
ATOM   872  C CD    . GLU A 1 109 ? 10.205  11.501  -14.827 1.00 45.47 ? 121 GLU A CD    1 
ATOM   873  O OE1   . GLU A 1 109 ? 10.848  12.152  -13.967 1.00 50.62 ? 121 GLU A OE1   1 
ATOM   874  O OE2   . GLU A 1 109 ? 8.956   11.542  -14.926 1.00 48.04 ? 121 GLU A OE2   1 
ATOM   875  N N     . ASN A 1 110 ? 12.066  11.090  -19.314 1.00 39.24 ? 122 ASN A N     1 
ATOM   876  C CA    . ASN A 1 110 ? 11.177  11.041  -20.464 1.00 37.39 ? 122 ASN A CA    1 
ATOM   877  C C     . ASN A 1 110 ? 11.587  9.976   -21.486 1.00 38.00 ? 122 ASN A C     1 
ATOM   878  O O     . ASN A 1 110 ? 10.738  9.286   -22.050 1.00 35.19 ? 122 ASN A O     1 
ATOM   879  C CB    . ASN A 1 110 ? 11.085  12.409  -21.127 1.00 39.94 ? 122 ASN A CB    1 
ATOM   880  C CG    . ASN A 1 110 ? 10.409  12.343  -22.471 1.00 47.70 ? 122 ASN A CG    1 
ATOM   881  O OD1   . ASN A 1 110 ? 9.203   12.092  -22.557 1.00 41.43 ? 122 ASN A OD1   1 
ATOM   882  N ND2   . ASN A 1 110 ? 11.189  12.538  -23.541 1.00 46.82 ? 122 ASN A ND2   1 
ATOM   883  N N     . ASP A 1 111 ? 12.890  9.834   -21.711 1.00 37.94 ? 123 ASP A N     1 
ATOM   884  C CA    . ASP A 1 111 ? 13.402  8.752   -22.552 1.00 38.98 ? 123 ASP A CA    1 
ATOM   885  C C     . ASP A 1 111 ? 12.939  7.386   -22.044 1.00 37.63 ? 123 ASP A C     1 
ATOM   886  O O     . ASP A 1 111 ? 12.512  6.526   -22.823 1.00 35.95 ? 123 ASP A O     1 
ATOM   887  C CB    . ASP A 1 111 ? 14.925  8.798   -22.596 1.00 35.89 ? 123 ASP A CB    1 
ATOM   888  C CG    . ASP A 1 111 ? 15.454  10.150  -23.062 1.00 43.89 ? 123 ASP A CG    1 
ATOM   889  O OD1   . ASP A 1 111 ? 14.745  10.837  -23.835 1.00 47.07 ? 123 ASP A OD1   1 
ATOM   890  O OD2   . ASP A 1 111 ? 16.571  10.536  -22.655 1.00 44.05 ? 123 ASP A OD2   1 
ATOM   891  N N     . ILE A 1 112 ? 13.011  7.188   -20.732 1.00 34.72 ? 124 ILE A N     1 
ATOM   892  C CA    . ILE A 1 112 ? 12.616  5.911   -20.155 1.00 37.89 ? 124 ILE A CA    1 
ATOM   893  C C     . ILE A 1 112 ? 11.109  5.721   -20.259 1.00 35.14 ? 124 ILE A C     1 
ATOM   894  O O     . ILE A 1 112 ? 10.634  4.623   -20.571 1.00 34.63 ? 124 ILE A O     1 
ATOM   895  C CB    . ILE A 1 112 ? 13.037  5.772   -18.676 1.00 38.99 ? 124 ILE A CB    1 
ATOM   896  C CG1   . ILE A 1 112 ? 14.531  6.040   -18.507 1.00 34.51 ? 124 ILE A CG1   1 
ATOM   897  C CG2   . ILE A 1 112 ? 12.639  4.399   -18.140 1.00 28.88 ? 124 ILE A CG2   1 
ATOM   898  C CD1   . ILE A 1 112 ? 15.404  5.105   -19.290 1.00 38.79 ? 124 ILE A CD1   1 
ATOM   899  N N     . ARG A 1 113 ? 10.356  6.787   -19.988 1.00 39.23 ? 125 ARG A N     1 
ATOM   900  C CA    . ARG A 1 113 ? 8.896   6.745   -20.150 1.00 40.67 ? 125 ARG A CA    1 
ATOM   901  C C     . ARG A 1 113 ? 8.542   6.262   -21.538 1.00 35.40 ? 125 ARG A C     1 
ATOM   902  O O     . ARG A 1 113 ? 7.706   5.372   -21.711 1.00 36.87 ? 125 ARG A O     1 
ATOM   903  C CB    . ARG A 1 113 ? 8.260   8.113   -19.913 1.00 40.08 ? 125 ARG A CB    1 
ATOM   904  C CG    . ARG A 1 113 ? 8.062   8.434   -18.453 1.00 43.28 ? 125 ARG A CG    1 
ATOM   905  C CD    . ARG A 1 113 ? 7.239   9.693   -18.246 1.00 40.42 ? 125 ARG A CD    1 
ATOM   906  N NE    . ARG A 1 113 ? 6.921   9.841   -16.835 1.00 42.81 ? 125 ARG A NE    1 
ATOM   907  C CZ    . ARG A 1 113 ? 5.848   9.313   -16.254 1.00 40.14 ? 125 ARG A CZ    1 
ATOM   908  N NH1   . ARG A 1 113 ? 4.978   8.612   -16.972 1.00 40.70 ? 125 ARG A NH1   1 
ATOM   909  N NH2   . ARG A 1 113 ? 5.649   9.486   -14.953 1.00 44.60 ? 125 ARG A NH2   1 
ATOM   910  N N     . VAL A 1 114 ? 9.208   6.850   -22.522 1.00 38.72 ? 126 VAL A N     1 
ATOM   911  C CA    . VAL A 1 114 ? 9.040   6.461   -23.913 1.00 40.22 ? 126 VAL A CA    1 
ATOM   912  C C     . VAL A 1 114 ? 9.425   5.003   -24.165 1.00 42.13 ? 126 VAL A C     1 
ATOM   913  O O     . VAL A 1 114 ? 8.714   4.293   -24.872 1.00 43.02 ? 126 VAL A O     1 
ATOM   914  C CB    . VAL A 1 114 ? 9.874   7.363   -24.826 1.00 44.06 ? 126 VAL A CB    1 
ATOM   915  C CG1   . VAL A 1 114 ? 9.886   6.820   -26.244 1.00 44.87 ? 126 VAL A CG1   1 
ATOM   916  C CG2   . VAL A 1 114 ? 9.338   8.794   -24.786 1.00 43.69 ? 126 VAL A CG2   1 
ATOM   917  N N     . MET A 1 115 ? 10.544  4.556   -23.584 1.00 39.40 ? 127 MET A N     1 
ATOM   918  C CA    . MET A 1 115 ? 11.029  3.192   -23.819 1.00 37.57 ? 127 MET A CA    1 
ATOM   919  C C     . MET A 1 115 ? 10.049  2.141   -23.295 1.00 36.19 ? 127 MET A C     1 
ATOM   920  O O     . MET A 1 115 ? 9.927   1.047   -23.854 1.00 35.18 ? 127 MET A O     1 
ATOM   921  C CB    . MET A 1 115 ? 12.421  2.974   -23.203 1.00 33.56 ? 127 MET A CB    1 
ATOM   922  C CG    . MET A 1 115 ? 13.567  3.712   -23.928 1.00 42.22 ? 127 MET A CG    1 
ATOM   923  S SD    . MET A 1 115 ? 15.224  3.424   -23.205 1.00 45.75 ? 127 MET A SD    1 
ATOM   924  C CE    . MET A 1 115 ? 15.003  1.737   -22.641 1.00 19.90 ? 127 MET A CE    1 
ATOM   925  N N     . PHE A 1 116 ? 9.339   2.479   -22.228 1.00 35.67 ? 128 PHE A N     1 
ATOM   926  C CA    . PHE A 1 116 ? 8.510   1.488   -21.556 1.00 38.98 ? 128 PHE A CA    1 
ATOM   927  C C     . PHE A 1 116 ? 7.000   1.714   -21.690 1.00 39.37 ? 128 PHE A C     1 
ATOM   928  O O     . PHE A 1 116 ? 6.206   0.896   -21.213 1.00 39.55 ? 128 PHE A O     1 
ATOM   929  C CB    . PHE A 1 116 ? 8.902   1.384   -20.079 1.00 34.23 ? 128 PHE A CB    1 
ATOM   930  C CG    . PHE A 1 116 ? 10.219  0.679   -19.842 1.00 33.01 ? 128 PHE A CG    1 
ATOM   931  C CD1   . PHE A 1 116 ? 10.257  -0.692  -19.608 1.00 30.68 ? 128 PHE A CD1   1 
ATOM   932  C CD2   . PHE A 1 116 ? 11.411  1.389   -19.836 1.00 29.26 ? 128 PHE A CD2   1 
ATOM   933  C CE1   . PHE A 1 116 ? 11.467  -1.342  -19.378 1.00 32.67 ? 128 PHE A CE1   1 
ATOM   934  C CE2   . PHE A 1 116 ? 12.629  0.745   -19.600 1.00 30.02 ? 128 PHE A CE2   1 
ATOM   935  C CZ    . PHE A 1 116 ? 12.657  -0.611  -19.373 1.00 25.72 ? 128 PHE A CZ    1 
ATOM   936  N N     . SER A 1 117 ? 6.606   2.805   -22.340 1.00 44.67 ? 129 SER A N     1 
ATOM   937  C CA    . SER A 1 117 ? 5.181   3.141   -22.482 1.00 43.00 ? 129 SER A CA    1 
ATOM   938  C C     . SER A 1 117 ? 4.381   2.101   -23.271 1.00 43.40 ? 129 SER A C     1 
ATOM   939  O O     . SER A 1 117 ? 3.221   1.841   -22.951 1.00 44.95 ? 129 SER A O     1 
ATOM   940  C CB    . SER A 1 117 ? 4.989   4.541   -23.079 1.00 45.25 ? 129 SER A CB    1 
ATOM   941  O OG    A SER A 1 117 ? 5.386   4.585   -24.444 0.59 42.14 ? 129 SER A OG    1 
ATOM   942  O OG    B SER A 1 117 ? 5.158   5.532   -22.077 0.41 41.51 ? 129 SER A OG    1 
ATOM   943  N N     . SER A 1 118 ? 5.002   1.485   -24.274 1.00 41.24 ? 130 SER A N     1 
ATOM   944  C CA    . SER A 1 118 ? 4.296   0.497   -25.090 1.00 43.38 ? 130 SER A CA    1 
ATOM   945  C C     . SER A 1 118 ? 3.878   -0.756  -24.302 1.00 43.12 ? 130 SER A C     1 
ATOM   946  O O     . SER A 1 118 ? 3.261   -1.658  -24.857 1.00 45.06 ? 130 SER A O     1 
ATOM   947  C CB    . SER A 1 118 ? 5.132   0.095   -26.310 1.00 43.76 ? 130 SER A CB    1 
ATOM   948  O OG    . SER A 1 118 ? 5.999   -0.985  -25.995 1.00 43.88 ? 130 SER A OG    1 
ATOM   949  N N     . PHE A 1 119 ? 4.208   -0.812  -23.016 1.00 42.63 ? 131 PHE A N     1 
ATOM   950  C CA    . PHE A 1 119 ? 3.859   -1.968  -22.183 1.00 38.97 ? 131 PHE A CA    1 
ATOM   951  C C     . PHE A 1 119 ? 2.698   -1.679  -21.227 1.00 45.29 ? 131 PHE A C     1 
ATOM   952  O O     . PHE A 1 119 ? 2.158   -2.582  -20.582 1.00 42.65 ? 131 PHE A O     1 
ATOM   953  C CB    . PHE A 1 119 ? 5.085   -2.460  -21.410 1.00 38.48 ? 131 PHE A CB    1 
ATOM   954  C CG    . PHE A 1 119 ? 6.257   -2.774  -22.294 1.00 38.85 ? 131 PHE A CG    1 
ATOM   955  C CD1   . PHE A 1 119 ? 6.272   -3.931  -23.061 1.00 33.93 ? 131 PHE A CD1   1 
ATOM   956  C CD2   . PHE A 1 119 ? 7.329   -1.899  -22.381 1.00 36.63 ? 131 PHE A CD2   1 
ATOM   957  C CE1   . PHE A 1 119 ? 7.340   -4.208  -23.889 1.00 34.74 ? 131 PHE A CE1   1 
ATOM   958  C CE2   . PHE A 1 119 ? 8.402   -2.178  -23.205 1.00 36.42 ? 131 PHE A CE2   1 
ATOM   959  C CZ    . PHE A 1 119 ? 8.408   -3.325  -23.962 1.00 30.53 ? 131 PHE A CZ    1 
ATOM   960  N N     . GLY A 1 120 ? 2.318   -0.409  -21.135 1.00 46.90 ? 132 GLY A N     1 
ATOM   961  C CA    . GLY A 1 120 ? 1.191   -0.021  -20.313 1.00 47.09 ? 132 GLY A CA    1 
ATOM   962  C C     . GLY A 1 120 ? 1.304   1.394   -19.783 1.00 47.04 ? 132 GLY A C     1 
ATOM   963  O O     . GLY A 1 120 ? 2.158   2.170   -20.210 1.00 44.90 ? 132 GLY A O     1 
ATOM   964  N N     . GLN A 1 121 ? 0.432   1.725   -18.839 1.00 46.31 ? 133 GLN A N     1 
ATOM   965  C CA    . GLN A 1 121 ? 0.461   3.033   -18.214 1.00 48.88 ? 133 GLN A CA    1 
ATOM   966  C C     . GLN A 1 121 ? 1.506   3.126   -17.105 1.00 43.33 ? 133 GLN A C     1 
ATOM   967  O O     . GLN A 1 121 ? 1.503   2.347   -16.153 1.00 42.27 ? 133 GLN A O     1 
ATOM   968  C CB    . GLN A 1 121 ? -0.915  3.405   -17.661 1.00 47.94 ? 133 GLN A CB    1 
ATOM   969  C CG    . GLN A 1 121 ? -0.838  4.511   -16.624 1.00 52.44 ? 133 GLN A CG    1 
ATOM   970  C CD    . GLN A 1 121 ? -1.708  5.694   -16.967 1.00 63.61 ? 133 GLN A CD    1 
ATOM   971  O OE1   . GLN A 1 121 ? -2.915  5.548   -17.182 1.00 64.95 ? 133 GLN A OE1   1 
ATOM   972  N NE2   . GLN A 1 121 ? -1.102  6.884   -17.022 1.00 63.54 ? 133 GLN A NE2   1 
ATOM   973  N N     . ILE A 1 122 ? 2.375   4.116   -17.229 1.00 44.94 ? 134 ILE A N     1 
ATOM   974  C CA    . ILE A 1 122 ? 3.409   4.350   -16.247 1.00 38.11 ? 134 ILE A CA    1 
ATOM   975  C C     . ILE A 1 122 ? 2.954   5.411   -15.258 1.00 41.47 ? 134 ILE A C     1 
ATOM   976  O O     . ILE A 1 122 ? 2.726   6.560   -15.621 1.00 40.79 ? 134 ILE A O     1 
ATOM   977  C CB    . ILE A 1 122 ? 4.724   4.777   -16.924 1.00 36.99 ? 134 ILE A CB    1 
ATOM   978  C CG1   . ILE A 1 122 ? 5.194   3.684   -17.888 1.00 39.86 ? 134 ILE A CG1   1 
ATOM   979  C CG2   . ILE A 1 122 ? 5.793   5.074   -15.891 1.00 38.92 ? 134 ILE A CG2   1 
ATOM   980  C CD1   . ILE A 1 122 ? 6.508   3.999   -18.569 1.00 40.95 ? 134 ILE A CD1   1 
ATOM   981  N N     . GLU A 1 123 ? 2.834   5.009   -14.000 1.00 43.28 ? 135 GLU A N     1 
ATOM   982  C CA    . GLU A 1 123 ? 2.379   5.890   -12.936 1.00 40.38 ? 135 GLU A CA    1 
ATOM   983  C C     . GLU A 1 123 ? 3.532   6.709   -12.368 1.00 46.78 ? 135 GLU A C     1 
ATOM   984  O O     . GLU A 1 123 ? 3.342   7.843   -11.917 1.00 50.28 ? 135 GLU A O     1 
ATOM   985  C CB    . GLU A 1 123 ? 1.657   5.067   -11.861 1.00 46.14 ? 135 GLU A CB    1 
ATOM   986  C CG    . GLU A 1 123 ? 2.117   5.254   -10.420 1.00 53.29 ? 135 GLU A CG    1 
ATOM   987  C CD    . GLU A 1 123 ? 1.284   4.421   -9.444  1.00 54.66 ? 135 GLU A CD    1 
ATOM   988  O OE1   . GLU A 1 123 ? 0.233   3.887   -9.866  1.00 55.99 ? 135 GLU A OE1   1 
ATOM   989  O OE2   . GLU A 1 123 ? 1.678   4.301   -8.266  1.00 52.80 ? 135 GLU A OE2   1 
ATOM   990  N N     . GLU A 1 124 ? 4.734   6.144   -12.415 1.00 42.80 ? 136 GLU A N     1 
ATOM   991  C CA    . GLU A 1 124 ? 5.917   6.866   -11.974 1.00 44.74 ? 136 GLU A CA    1 
ATOM   992  C C     . GLU A 1 124 ? 7.217   6.333   -12.588 1.00 42.97 ? 136 GLU A C     1 
ATOM   993  O O     . GLU A 1 124 ? 7.380   5.131   -12.835 1.00 36.48 ? 136 GLU A O     1 
ATOM   994  C CB    . GLU A 1 124 ? 6.017   6.897   -10.446 1.00 47.19 ? 136 GLU A CB    1 
ATOM   995  C CG    . GLU A 1 124 ? 7.109   7.845   -9.947  1.00 51.92 ? 136 GLU A CG    1 
ATOM   996  C CD    . GLU A 1 124 ? 7.142   7.982   -8.431  1.00 61.91 ? 136 GLU A CD    1 
ATOM   997  O OE1   . GLU A 1 124 ? 6.075   7.860   -7.784  1.00 62.14 ? 136 GLU A OE1   1 
ATOM   998  O OE2   . GLU A 1 124 ? 8.243   8.221   -7.890  1.00 62.55 ? 136 GLU A OE2   1 
ATOM   999  N N     . CYS A 1 125 ? 8.137   7.260   -12.820 1.00 39.69 ? 137 CYS A N     1 
ATOM   1000 C CA    . CYS A 1 125 ? 9.404   6.971   -13.464 1.00 40.35 ? 137 CYS A CA    1 
ATOM   1001 C C     . CYS A 1 125 ? 10.416  7.944   -12.900 1.00 38.48 ? 137 CYS A C     1 
ATOM   1002 O O     . CYS A 1 125 ? 10.264  9.157   -13.053 1.00 34.24 ? 137 CYS A O     1 
ATOM   1003 C CB    . CYS A 1 125 ? 9.297   7.153   -14.988 1.00 40.26 ? 137 CYS A CB    1 
ATOM   1004 S SG    . CYS A 1 125 ? 10.851  6.820   -15.898 1.00 43.04 ? 137 CYS A SG    1 
ATOM   1005 N N     . ARG A 1 126 ? 11.436  7.423   -12.229 1.00 35.49 ? 138 ARG A N     1 
ATOM   1006 C CA    . ARG A 1 126 ? 12.473  8.284   -11.679 1.00 35.08 ? 138 ARG A CA    1 
ATOM   1007 C C     . ARG A 1 126 ? 13.897  7.770   -11.913 1.00 32.70 ? 138 ARG A C     1 
ATOM   1008 O O     . ARG A 1 126 ? 14.222  6.612   -11.634 1.00 31.94 ? 138 ARG A O     1 
ATOM   1009 C CB    . ARG A 1 126 ? 12.221  8.542   -10.186 1.00 40.85 ? 138 ARG A CB    1 
ATOM   1010 C CG    . ARG A 1 126 ? 13.493  8.610   -9.357  1.00 47.71 ? 138 ARG A CG    1 
ATOM   1011 C CD    . ARG A 1 126 ? 13.389  9.595   -8.208  1.00 55.16 ? 138 ARG A CD    1 
ATOM   1012 N NE    . ARG A 1 126 ? 14.009  10.886  -8.515  1.00 65.03 ? 138 ARG A NE    1 
ATOM   1013 C CZ    . ARG A 1 126 ? 13.380  11.908  -9.096  1.00 60.80 ? 138 ARG A CZ    1 
ATOM   1014 N NH1   . ARG A 1 126 ? 14.031  13.041  -9.329  1.00 60.26 ? 138 ARG A NH1   1 
ATOM   1015 N NH2   . ARG A 1 126 ? 12.101  11.797  -9.448  1.00 63.69 ? 138 ARG A NH2   1 
ATOM   1016 N N     . ILE A 1 127 ? 14.747  8.658   -12.413 1.00 32.22 ? 139 ILE A N     1 
ATOM   1017 C CA    . ILE A 1 127 ? 16.165  8.381   -12.577 1.00 30.64 ? 139 ILE A CA    1 
ATOM   1018 C C     . ILE A 1 127 ? 16.900  8.606   -11.254 1.00 33.58 ? 139 ILE A C     1 
ATOM   1019 O O     . ILE A 1 127 ? 16.780  9.672   -10.657 1.00 34.80 ? 139 ILE A O     1 
ATOM   1020 C CB    . ILE A 1 127 ? 16.780  9.315   -13.641 1.00 32.42 ? 139 ILE A CB    1 
ATOM   1021 C CG1   . ILE A 1 127 ? 15.977  9.255   -14.948 1.00 31.90 ? 139 ILE A CG1   1 
ATOM   1022 C CG2   . ILE A 1 127 ? 18.246  8.985   -13.875 1.00 24.20 ? 139 ILE A CG2   1 
ATOM   1023 C CD1   . ILE A 1 127 ? 16.168  7.981   -15.719 1.00 32.63 ? 139 ILE A CD1   1 
ATOM   1024 N N     . LEU A 1 128 ? 17.647  7.609   -10.788 1.00 29.76 ? 140 LEU A N     1 
ATOM   1025 C CA    . LEU A 1 128 ? 18.517  7.809   -9.628  1.00 31.03 ? 140 LEU A CA    1 
ATOM   1026 C C     . LEU A 1 128 ? 19.706  8.669   -10.042 1.00 32.25 ? 140 LEU A C     1 
ATOM   1027 O O     . LEU A 1 128 ? 20.393  8.365   -11.024 1.00 29.17 ? 140 LEU A O     1 
ATOM   1028 C CB    . LEU A 1 128 ? 19.010  6.477   -9.050  1.00 32.22 ? 140 LEU A CB    1 
ATOM   1029 C CG    . LEU A 1 128 ? 18.002  5.684   -8.216  1.00 39.38 ? 140 LEU A CG    1 
ATOM   1030 C CD1   . LEU A 1 128 ? 16.700  5.502   -8.973  1.00 35.85 ? 140 LEU A CD1   1 
ATOM   1031 C CD2   . LEU A 1 128 ? 18.570  4.333   -7.796  1.00 36.96 ? 140 LEU A CD2   1 
ATOM   1032 N N     . ARG A 1 129 ? 19.923  9.747   -9.295  1.00 30.92 ? 141 ARG A N     1 
ATOM   1033 C CA    . ARG A 1 129 ? 21.004  10.685  -9.556  1.00 31.49 ? 141 ARG A CA    1 
ATOM   1034 C C     . ARG A 1 129 ? 21.821  10.935  -8.278  1.00 32.68 ? 141 ARG A C     1 
ATOM   1035 O O     . ARG A 1 129 ? 21.276  10.967  -7.179  1.00 27.61 ? 141 ARG A O     1 
ATOM   1036 C CB    . ARG A 1 129 ? 20.461  12.006  -10.149 1.00 30.54 ? 141 ARG A CB    1 
ATOM   1037 C CG    . ARG A 1 129 ? 19.713  11.823  -11.493 1.00 30.90 ? 141 ARG A CG    1 
ATOM   1038 C CD    . ARG A 1 129 ? 19.061  13.100  -12.052 1.00 26.71 ? 141 ARG A CD    1 
ATOM   1039 N NE    . ARG A 1 129 ? 18.408  12.841  -13.338 1.00 24.72 ? 141 ARG A NE    1 
ATOM   1040 C CZ    . ARG A 1 129 ? 19.065  12.682  -14.487 1.00 27.82 ? 141 ARG A CZ    1 
ATOM   1041 N NH1   . ARG A 1 129 ? 20.395  12.768  -14.518 1.00 24.97 ? 141 ARG A NH1   1 
ATOM   1042 N NH2   . ARG A 1 129 ? 18.400  12.429  -15.607 1.00 26.24 ? 141 ARG A NH2   1 
ATOM   1043 N N     . GLY A 1 130 ? 23.132  11.087  -8.437  1.00 31.64 ? 142 GLY A N     1 
ATOM   1044 C CA    . GLY A 1 130 ? 24.002  11.429  -7.331  1.00 36.08 ? 142 GLY A CA    1 
ATOM   1045 C C     . GLY A 1 130 ? 23.838  12.881  -6.906  1.00 34.99 ? 142 GLY A C     1 
ATOM   1046 O O     . GLY A 1 130 ? 22.902  13.564  -7.328  1.00 35.02 ? 142 GLY A O     1 
ATOM   1047 N N     . PRO A 1 131 ? 24.745  13.358  -6.049  1.00 37.31 ? 143 PRO A N     1 
ATOM   1048 C CA    . PRO A 1 131 ? 24.664  14.717  -5.497  1.00 38.51 ? 143 PRO A CA    1 
ATOM   1049 C C     . PRO A 1 131 ? 24.919  15.812  -6.539  1.00 42.10 ? 143 PRO A C     1 
ATOM   1050 O O     . PRO A 1 131 ? 24.486  16.950  -6.341  1.00 41.07 ? 143 PRO A O     1 
ATOM   1051 C CB    . PRO A 1 131 ? 25.767  14.735  -4.429  1.00 42.63 ? 143 PRO A CB    1 
ATOM   1052 C CG    . PRO A 1 131 ? 26.712  13.622  -4.819  1.00 44.64 ? 143 PRO A CG    1 
ATOM   1053 C CD    . PRO A 1 131 ? 25.854  12.574  -5.476  1.00 39.38 ? 143 PRO A CD    1 
ATOM   1054 N N     . ASP A 1 132 ? 25.615  15.480  -7.622  1.00 37.42 ? 144 ASP A N     1 
ATOM   1055 C CA    . ASP A 1 132 ? 25.898  16.467  -8.659  1.00 37.13 ? 144 ASP A CA    1 
ATOM   1056 C C     . ASP A 1 132 ? 24.914  16.368  -9.827  1.00 37.66 ? 144 ASP A C     1 
ATOM   1057 O O     . ASP A 1 132 ? 25.168  16.908  -10.911 1.00 35.12 ? 144 ASP A O     1 
ATOM   1058 C CB    . ASP A 1 132 ? 27.345  16.334  -9.148  1.00 41.18 ? 144 ASP A CB    1 
ATOM   1059 C CG    . ASP A 1 132 ? 28.366  16.397  -7.999  1.00 43.73 ? 144 ASP A CG    1 
ATOM   1060 O OD1   . ASP A 1 132 ? 28.655  17.514  -7.523  1.00 35.39 ? 144 ASP A OD1   1 
ATOM   1061 O OD2   . ASP A 1 132 ? 28.878  15.330  -7.569  1.00 50.19 ? 144 ASP A OD2   1 
ATOM   1062 N N     . GLY A 1 133 ? 23.790  15.685  -9.600  1.00 34.22 ? 145 GLY A N     1 
ATOM   1063 C CA    . GLY A 1 133 ? 22.724  15.595  -10.590 1.00 31.73 ? 145 GLY A CA    1 
ATOM   1064 C C     . GLY A 1 133 ? 22.993  14.564  -11.681 1.00 29.66 ? 145 GLY A C     1 
ATOM   1065 O O     . GLY A 1 133 ? 22.130  14.263  -12.491 1.00 30.44 ? 145 GLY A O     1 
ATOM   1066 N N     . LEU A 1 134 ? 24.207  14.037  -11.698 1.00 27.47 ? 146 LEU A N     1 
ATOM   1067 C CA    . LEU A 1 134 ? 24.592  12.977  -12.613 1.00 34.71 ? 146 LEU A CA    1 
ATOM   1068 C C     . LEU A 1 134 ? 23.822  11.669  -12.361 1.00 33.27 ? 146 LEU A C     1 
ATOM   1069 O O     . LEU A 1 134 ? 23.721  11.190  -11.227 1.00 30.38 ? 146 LEU A O     1 
ATOM   1070 C CB    . LEU A 1 134 ? 26.104  12.732  -12.497 1.00 32.55 ? 146 LEU A CB    1 
ATOM   1071 C CG    . LEU A 1 134 ? 26.943  13.981  -12.807 1.00 39.49 ? 146 LEU A CG    1 
ATOM   1072 C CD1   . LEU A 1 134 ? 28.362  13.897  -12.234 1.00 41.61 ? 146 LEU A CD1   1 
ATOM   1073 C CD2   . LEU A 1 134 ? 26.957  14.258  -14.314 1.00 41.43 ? 146 LEU A CD2   1 
ATOM   1074 N N     . SER A 1 135 ? 23.280  11.105  -13.434 1.00 27.66 ? 147 SER A N     1 
ATOM   1075 C CA    . SER A 1 135 ? 22.629  9.808   -13.379 1.00 30.51 ? 147 SER A CA    1 
ATOM   1076 C C     . SER A 1 135 ? 23.508  8.726   -12.711 1.00 32.77 ? 147 SER A C     1 
ATOM   1077 O O     . SER A 1 135 ? 24.717  8.665   -12.927 1.00 27.16 ? 147 SER A O     1 
ATOM   1078 C CB    . SER A 1 135 ? 22.252  9.377   -14.795 1.00 26.25 ? 147 SER A CB    1 
ATOM   1079 O OG    . SER A 1 135 ? 21.600  8.124   -14.771 1.00 25.69 ? 147 SER A OG    1 
ATOM   1080 N N     . ARG A 1 136 ? 22.903  7.875   -11.893 1.00 31.77 ? 148 ARG A N     1 
ATOM   1081 C CA    . ARG A 1 136 ? 23.624  6.710   -11.387 1.00 30.61 ? 148 ARG A CA    1 
ATOM   1082 C C     . ARG A 1 136 ? 23.462  5.550   -12.366 1.00 27.65 ? 148 ARG A C     1 
ATOM   1083 O O     . ARG A 1 136 ? 23.850  4.416   -12.089 1.00 27.87 ? 148 ARG A O     1 
ATOM   1084 C CB    . ARG A 1 136 ? 23.155  6.346   -9.981  1.00 35.14 ? 148 ARG A CB    1 
ATOM   1085 C CG    . ARG A 1 136 ? 23.119  7.565   -9.026  1.00 35.80 ? 148 ARG A CG    1 
ATOM   1086 C CD    . ARG A 1 136 ? 23.262  7.166   -7.556  1.00 39.81 ? 148 ARG A CD    1 
ATOM   1087 N NE    . ARG A 1 136 ? 24.671  7.174   -7.140  1.00 56.82 ? 148 ARG A NE    1 
ATOM   1088 C CZ    . ARG A 1 136 ? 25.158  7.831   -6.083  1.00 51.68 ? 148 ARG A CZ    1 
ATOM   1089 N NH1   . ARG A 1 136 ? 24.355  8.543   -5.292  1.00 51.76 ? 148 ARG A NH1   1 
ATOM   1090 N NH2   . ARG A 1 136 ? 26.455  7.768   -5.811  1.00 45.81 ? 148 ARG A NH2   1 
ATOM   1091 N N     . GLY A 1 137 ? 22.914  5.858   -13.537 1.00 25.15 ? 149 GLY A N     1 
ATOM   1092 C CA    . GLY A 1 137 ? 22.746  4.867   -14.586 1.00 24.89 ? 149 GLY A CA    1 
ATOM   1093 C C     . GLY A 1 137 ? 21.679  3.824   -14.291 1.00 22.76 ? 149 GLY A C     1 
ATOM   1094 O O     . GLY A 1 137 ? 21.762  2.708   -14.784 1.00 19.38 ? 149 GLY A O     1 
ATOM   1095 N N     . CYS A 1 138 ? 20.677  4.183   -13.490 1.00 21.39 ? 150 CYS A N     1 
ATOM   1096 C CA    . CYS A 1 138 ? 19.562  3.270   -13.213 1.00 23.27 ? 150 CYS A CA    1 
ATOM   1097 C C     . CYS A 1 138 ? 18.283  4.024   -12.857 1.00 23.70 ? 150 CYS A C     1 
ATOM   1098 O O     . CYS A 1 138 ? 18.325  5.212   -12.550 1.00 25.44 ? 150 CYS A O     1 
ATOM   1099 C CB    . CYS A 1 138 ? 19.923  2.280   -12.099 1.00 21.64 ? 150 CYS A CB    1 
ATOM   1100 S SG    . CYS A 1 138 ? 20.416  3.071   -10.558 1.00 22.65 ? 150 CYS A SG    1 
ATOM   1101 N N     . ALA A 1 139 ? 17.150  3.331   -12.893 1.00 23.29 ? 151 ALA A N     1 
ATOM   1102 C CA    . ALA A 1 139 ? 15.858  3.970   -12.664 1.00 26.83 ? 151 ALA A CA    1 
ATOM   1103 C C     . ALA A 1 139 ? 14.849  3.074   -11.944 1.00 29.83 ? 151 ALA A C     1 
ATOM   1104 O O     . ALA A 1 139 ? 15.054  1.858   -11.812 1.00 22.14 ? 151 ALA A O     1 
ATOM   1105 C CB    . ALA A 1 139 ? 15.268  4.460   -13.993 1.00 24.32 ? 151 ALA A CB    1 
ATOM   1106 N N     . PHE A 1 140 ? 13.756  3.694   -11.493 1.00 27.68 ? 152 PHE A N     1 
ATOM   1107 C CA    . PHE A 1 140 ? 12.586  2.961   -11.013 1.00 32.16 ? 152 PHE A CA    1 
ATOM   1108 C C     . PHE A 1 140 ? 11.369  3.263   -11.884 1.00 31.84 ? 152 PHE A C     1 
ATOM   1109 O O     . PHE A 1 140 ? 11.072  4.414   -12.192 1.00 32.07 ? 152 PHE A O     1 
ATOM   1110 C CB    . PHE A 1 140 ? 12.265  3.302   -9.553  1.00 36.20 ? 152 PHE A CB    1 
ATOM   1111 C CG    . PHE A 1 140 ? 13.221  2.711   -8.560  1.00 37.88 ? 152 PHE A CG    1 
ATOM   1112 C CD1   . PHE A 1 140 ? 13.372  1.337   -8.453  1.00 33.95 ? 152 PHE A CD1   1 
ATOM   1113 C CD2   . PHE A 1 140 ? 13.953  3.529   -7.711  1.00 44.46 ? 152 PHE A CD2   1 
ATOM   1114 C CE1   . PHE A 1 140 ? 14.257  0.787   -7.522  1.00 34.66 ? 152 PHE A CE1   1 
ATOM   1115 C CE2   . PHE A 1 140 ? 14.833  2.984   -6.778  1.00 42.77 ? 152 PHE A CE2   1 
ATOM   1116 C CZ    . PHE A 1 140 ? 14.983  1.611   -6.691  1.00 38.59 ? 152 PHE A CZ    1 
ATOM   1117 N N     . VAL A 1 141 ? 10.658  2.220   -12.274 1.00 30.84 ? 153 VAL A N     1 
ATOM   1118 C CA    . VAL A 1 141 ? 9.473   2.400   -13.095 1.00 32.44 ? 153 VAL A CA    1 
ATOM   1119 C C     . VAL A 1 141 ? 8.283   1.619   -12.557 1.00 31.39 ? 153 VAL A C     1 
ATOM   1120 O O     . VAL A 1 141 ? 8.328   0.396   -12.447 1.00 29.16 ? 153 VAL A O     1 
ATOM   1121 C CB    . VAL A 1 141 ? 9.719   2.004   -14.563 1.00 28.45 ? 153 VAL A CB    1 
ATOM   1122 C CG1   . VAL A 1 141 ? 8.437   2.196   -15.373 1.00 30.43 ? 153 VAL A CG1   1 
ATOM   1123 C CG2   . VAL A 1 141 ? 10.847  2.831   -15.149 1.00 30.86 ? 153 VAL A CG2   1 
ATOM   1124 N N     . THR A 1 142 ? 7.216   2.343   -12.233 1.00 35.58 ? 154 THR A N     1 
ATOM   1125 C CA    . THR A 1 142 ? 6.008   1.749   -11.672 1.00 35.02 ? 154 THR A CA    1 
ATOM   1126 C C     . THR A 1 142 ? 4.881   1.750   -12.704 1.00 36.43 ? 154 THR A C     1 
ATOM   1127 O O     . THR A 1 142 ? 4.513   2.796   -13.241 1.00 33.19 ? 154 THR A O     1 
ATOM   1128 C CB    . THR A 1 142 ? 5.576   2.502   -10.395 1.00 41.05 ? 154 THR A CB    1 
ATOM   1129 O OG1   . THR A 1 142 ? 6.688   2.588   -9.496  1.00 41.84 ? 154 THR A OG1   1 
ATOM   1130 C CG2   . THR A 1 142 ? 4.418   1.796   -9.700  1.00 42.59 ? 154 THR A CG2   1 
ATOM   1131 N N     . PHE A 1 143 ? 4.373   0.563   -13.013 1.00 37.93 ? 155 PHE A N     1 
ATOM   1132 C CA    . PHE A 1 143 ? 3.227   0.431   -13.900 1.00 42.64 ? 155 PHE A CA    1 
ATOM   1133 C C     . PHE A 1 143 ? 1.976   0.350   -13.032 1.00 42.89 ? 155 PHE A C     1 
ATOM   1134 O O     . PHE A 1 143 ? 2.065   0.075   -11.833 1.00 41.01 ? 155 PHE A O     1 
ATOM   1135 C CB    . PHE A 1 143 ? 3.341   -0.826  -14.766 1.00 40.32 ? 155 PHE A CB    1 
ATOM   1136 C CG    . PHE A 1 143 ? 4.353   -0.723  -15.868 1.00 39.37 ? 155 PHE A CG    1 
ATOM   1137 C CD1   . PHE A 1 143 ? 3.983   -0.278  -17.125 1.00 41.31 ? 155 PHE A CD1   1 
ATOM   1138 C CD2   . PHE A 1 143 ? 5.673   -1.091  -15.653 1.00 33.83 ? 155 PHE A CD2   1 
ATOM   1139 C CE1   . PHE A 1 143 ? 4.917   -0.192  -18.149 1.00 41.94 ? 155 PHE A CE1   1 
ATOM   1140 C CE2   . PHE A 1 143 ? 6.603   -1.004  -16.660 1.00 35.49 ? 155 PHE A CE2   1 
ATOM   1141 C CZ    . PHE A 1 143 ? 6.232   -0.556  -17.915 1.00 34.26 ? 155 PHE A CZ    1 
ATOM   1142 N N     . THR A 1 144 ? 0.814   0.585   -13.631 1.00 41.95 ? 156 THR A N     1 
ATOM   1143 C CA    . THR A 1 144 ? -0.423  0.556   -12.865 1.00 42.61 ? 156 THR A CA    1 
ATOM   1144 C C     . THR A 1 144 ? -0.793  -0.860  -12.433 1.00 48.00 ? 156 THR A C     1 
ATOM   1145 O O     . THR A 1 144 ? -1.416  -1.039  -11.390 1.00 50.65 ? 156 THR A O     1 
ATOM   1146 C CB    . THR A 1 144 ? -1.597  1.221   -13.609 1.00 42.47 ? 156 THR A CB    1 
ATOM   1147 O OG1   . THR A 1 144 ? -1.768  0.617   -14.894 1.00 45.65 ? 156 THR A OG1   1 
ATOM   1148 C CG2   . THR A 1 144 ? -1.337  2.712   -13.782 1.00 47.56 ? 156 THR A CG2   1 
ATOM   1149 N N     . THR A 1 145 ? -0.406  -1.857  -13.230 1.00 46.58 ? 157 THR A N     1 
ATOM   1150 C CA    . THR A 1 145 ? -0.601  -3.261  -12.862 1.00 44.65 ? 157 THR A CA    1 
ATOM   1151 C C     . THR A 1 145 ? 0.708   -4.078  -12.886 1.00 46.65 ? 157 THR A C     1 
ATOM   1152 O O     . THR A 1 145 ? 1.626   -3.788  -13.654 1.00 47.76 ? 157 THR A O     1 
ATOM   1153 C CB    . THR A 1 145 ? -1.628  -3.949  -13.778 1.00 46.37 ? 157 THR A CB    1 
ATOM   1154 O OG1   . THR A 1 145 ? -1.100  -4.053  -15.106 1.00 48.24 ? 157 THR A OG1   1 
ATOM   1155 C CG2   . THR A 1 145 ? -2.931  -3.163  -13.822 1.00 46.41 ? 157 THR A CG2   1 
ATOM   1156 N N     . ARG A 1 146 ? 0.789   -5.106  -12.053 1.00 42.56 ? 158 ARG A N     1 
ATOM   1157 C CA    . ARG A 1 146 ? 1.940   -5.998  -12.084 1.00 46.47 ? 158 ARG A CA    1 
ATOM   1158 C C     . ARG A 1 146 ? 2.109   -6.652  -13.463 1.00 48.69 ? 158 ARG A C     1 
ATOM   1159 O O     . ARG A 1 146 ? 3.240   -6.871  -13.926 1.00 41.38 ? 158 ARG A O     1 
ATOM   1160 C CB    . ARG A 1 146 ? 1.830   -7.072  -10.997 1.00 46.41 ? 158 ARG A CB    1 
ATOM   1161 C CG    . ARG A 1 146 ? 2.974   -8.080  -11.022 1.00 50.02 ? 158 ARG A CG    1 
ATOM   1162 C CD    . ARG A 1 146 ? 2.989   -8.916  -9.767  1.00 47.97 ? 158 ARG A CD    1 
ATOM   1163 N NE    . ARG A 1 146 ? 4.046   -9.922  -9.776  1.00 45.41 ? 158 ARG A NE    1 
ATOM   1164 C CZ    . ARG A 1 146 ? 5.229   -9.768  -9.193  1.00 47.27 ? 158 ARG A CZ    1 
ATOM   1165 N NH1   . ARG A 1 146 ? 5.523   -8.638  -8.555  1.00 48.18 ? 158 ARG A NH1   1 
ATOM   1166 N NH2   . ARG A 1 146 ? 6.118   -10.748 -9.238  1.00 47.45 ? 158 ARG A NH2   1 
ATOM   1167 N N     . ALA A 1 147 ? 0.982   -6.940  -14.117 1.00 43.05 ? 159 ALA A N     1 
ATOM   1168 C CA    . ALA A 1 147 ? 0.976   -7.605  -15.421 1.00 43.73 ? 159 ALA A CA    1 
ATOM   1169 C C     . ALA A 1 147 ? 1.702   -6.817  -16.507 1.00 43.03 ? 159 ALA A C     1 
ATOM   1170 O O     . ALA A 1 147 ? 2.331   -7.402  -17.393 1.00 44.69 ? 159 ALA A O     1 
ATOM   1171 C CB    . ALA A 1 147 ? -0.464  -7.913  -15.863 1.00 48.41 ? 159 ALA A CB    1 
ATOM   1172 N N     . MET A 1 148 ? 1.589   -5.495  -16.459 1.00 39.42 ? 160 MET A N     1 
ATOM   1173 C CA    . MET A 1 148 ? 2.354   -4.644  -17.357 1.00 43.65 ? 160 MET A CA    1 
ATOM   1174 C C     . MET A 1 148 ? 3.856   -4.784  -17.056 1.00 37.61 ? 160 MET A C     1 
ATOM   1175 O O     . MET A 1 148 ? 4.661   -4.979  -17.957 1.00 35.25 ? 160 MET A O     1 
ATOM   1176 C CB    . MET A 1 148 ? 1.915   -3.180  -17.214 1.00 44.39 ? 160 MET A CB    1 
ATOM   1177 C CG    . MET A 1 148 ? 0.568   -2.854  -17.858 1.00 46.36 ? 160 MET A CG    1 
ATOM   1178 S SD    . MET A 1 148 ? -0.316  -1.486  -17.076 1.00 36.99 ? 160 MET A SD    1 
ATOM   1179 C CE    . MET A 1 148 ? 0.927   -0.250  -16.868 1.00 45.42 ? 160 MET A CE    1 
ATOM   1180 N N     . ALA A 1 149 ? 4.215   -4.680  -15.781 1.00 41.39 ? 161 ALA A N     1 
ATOM   1181 C CA    . ALA A 1 149 ? 5.597   -4.845  -15.350 1.00 40.45 ? 161 ALA A CA    1 
ATOM   1182 C C     . ALA A 1 149 ? 6.191   -6.127  -15.924 1.00 38.85 ? 161 ALA A C     1 
ATOM   1183 O O     . ALA A 1 149 ? 7.224   -6.093  -16.596 1.00 35.40 ? 161 ALA A O     1 
ATOM   1184 C CB    . ALA A 1 149 ? 5.677   -4.854  -13.837 1.00 37.77 ? 161 ALA A CB    1 
ATOM   1185 N N     . GLN A 1 150 ? 5.519   -7.252  -15.674 1.00 39.84 ? 162 GLN A N     1 
ATOM   1186 C CA    . GLN A 1 150 ? 6.017   -8.553  -16.122 1.00 39.86 ? 162 GLN A CA    1 
ATOM   1187 C C     . GLN A 1 150 ? 6.205   -8.616  -17.643 1.00 38.85 ? 162 GLN A C     1 
ATOM   1188 O O     . GLN A 1 150 ? 7.130   -9.268  -18.143 1.00 35.05 ? 162 GLN A O     1 
ATOM   1189 C CB    . GLN A 1 150 ? 5.126   -9.694  -15.609 1.00 41.35 ? 162 GLN A CB    1 
ATOM   1190 C CG    . GLN A 1 150 ? 5.571   -11.083 -16.060 1.00 46.71 ? 162 GLN A CG    1 
ATOM   1191 C CD    . GLN A 1 150 ? 7.010   -11.433 -15.652 1.00 47.31 ? 162 GLN A CD    1 
ATOM   1192 O OE1   . GLN A 1 150 ? 7.311   -11.613 -14.466 1.00 48.47 ? 162 GLN A OE1   1 
ATOM   1193 N NE2   . GLN A 1 150 ? 7.896   -11.547 -16.642 1.00 38.40 ? 162 GLN A NE2   1 
ATOM   1194 N N     . THR A 1 151 ? 5.346   -7.914  -18.372 1.00 35.80 ? 163 THR A N     1 
ATOM   1195 C CA    . THR A 1 151 ? 5.466   -7.842  -19.821 1.00 36.35 ? 163 THR A CA    1 
ATOM   1196 C C     . THR A 1 151 ? 6.710   -7.044  -20.244 1.00 38.45 ? 163 THR A C     1 
ATOM   1197 O O     . THR A 1 151 ? 7.386   -7.400  -21.206 1.00 31.20 ? 163 THR A O     1 
ATOM   1198 C CB    . THR A 1 151 ? 4.207   -7.215  -20.471 1.00 36.05 ? 163 THR A CB    1 
ATOM   1199 O OG1   . THR A 1 151 ? 3.056   -8.014  -20.162 1.00 41.96 ? 163 THR A OG1   1 
ATOM   1200 C CG2   . THR A 1 151 ? 4.365   -7.147  -21.977 1.00 37.47 ? 163 THR A CG2   1 
ATOM   1201 N N     . ALA A 1 152 ? 6.991   -5.954  -19.536 1.00 33.43 ? 164 ALA A N     1 
ATOM   1202 C CA    . ALA A 1 152 ? 8.175   -5.153  -19.827 1.00 37.83 ? 164 ALA A CA    1 
ATOM   1203 C C     . ALA A 1 152 ? 9.443   -5.992  -19.607 1.00 30.99 ? 164 ALA A C     1 
ATOM   1204 O O     . ALA A 1 152 ? 10.340  -6.001  -20.429 1.00 32.86 ? 164 ALA A O     1 
ATOM   1205 C CB    . ALA A 1 152 ? 8.201   -3.883  -18.966 1.00 28.63 ? 164 ALA A CB    1 
ATOM   1206 N N     . ILE A 1 153 ? 9.492   -6.702  -18.490 1.00 30.63 ? 165 ILE A N     1 
ATOM   1207 C CA    . ILE A 1 153 ? 10.625  -7.563  -18.173 1.00 32.36 ? 165 ILE A CA    1 
ATOM   1208 C C     . ILE A 1 153 ? 10.950  -8.551  -19.303 1.00 34.76 ? 165 ILE A C     1 
ATOM   1209 O O     . ILE A 1 153 ? 12.076  -8.553  -19.844 1.00 26.56 ? 165 ILE A O     1 
ATOM   1210 C CB    . ILE A 1 153 ? 10.383  -8.327  -16.856 1.00 26.80 ? 165 ILE A CB    1 
ATOM   1211 C CG1   . ILE A 1 153 ? 10.300  -7.351  -15.680 1.00 29.66 ? 165 ILE A CG1   1 
ATOM   1212 C CG2   . ILE A 1 153 ? 11.506  -9.329  -16.603 1.00 25.87 ? 165 ILE A CG2   1 
ATOM   1213 C CD1   . ILE A 1 153 ? 10.051  -8.042  -14.332 1.00 30.94 ? 165 ILE A CD1   1 
ATOM   1214 N N     . LYS A 1 154 ? 9.965   -9.387  -19.655 1.00 32.01 ? 166 LYS A N     1 
ATOM   1215 C CA    . LYS A 1 154 ? 10.142  -10.390 -20.709 1.00 34.23 ? 166 LYS A CA    1 
ATOM   1216 C C     . LYS A 1 154 ? 10.689  -9.799  -22.001 1.00 32.77 ? 166 LYS A C     1 
ATOM   1217 O O     . LYS A 1 154 ? 11.573  -10.384 -22.640 1.00 32.15 ? 166 LYS A O     1 
ATOM   1218 C CB    . LYS A 1 154 ? 8.847   -11.160 -20.996 1.00 38.58 ? 166 LYS A CB    1 
ATOM   1219 C CG    . LYS A 1 154 ? 9.031   -12.300 -22.005 1.00 43.00 ? 166 LYS A CG    1 
ATOM   1220 C CD    . LYS A 1 154 ? 7.758   -13.129 -22.166 1.00 48.49 ? 166 LYS A CD    1 
ATOM   1221 C CE    . LYS A 1 154 ? 7.602   -14.147 -21.030 1.00 53.95 ? 166 LYS A CE    1 
ATOM   1222 N NZ    . LYS A 1 154 ? 8.284   -15.448 -21.325 1.00 53.68 ? 166 LYS A NZ    1 
ATOM   1223 N N     . ALA A 1 155 ? 10.185  -8.633  -22.377 1.00 27.48 ? 167 ALA A N     1 
ATOM   1224 C CA    . ALA A 1 155 ? 10.628  -8.022  -23.619 1.00 30.16 ? 167 ALA A CA    1 
ATOM   1225 C C     . ALA A 1 155 ? 11.905  -7.176  -23.489 1.00 27.60 ? 167 ALA A C     1 
ATOM   1226 O O     . ALA A 1 155 ? 12.649  -7.041  -24.450 1.00 31.19 ? 167 ALA A O     1 
ATOM   1227 C CB    . ALA A 1 155 ? 9.506   -7.186  -24.227 1.00 36.22 ? 167 ALA A CB    1 
ATOM   1228 N N     . MET A 1 156 ? 12.158  -6.581  -22.331 1.00 24.95 ? 168 MET A N     1 
ATOM   1229 C CA    . MET A 1 156 ? 13.248  -5.585  -22.262 1.00 25.95 ? 168 MET A CA    1 
ATOM   1230 C C     . MET A 1 156 ? 14.539  -6.000  -21.509 1.00 21.92 ? 168 MET A C     1 
ATOM   1231 O O     . MET A 1 156 ? 15.602  -5.383  -21.682 1.00 24.13 ? 168 MET A O     1 
ATOM   1232 C CB    . MET A 1 156 ? 12.719  -4.239  -21.739 1.00 27.58 ? 168 MET A CB    1 
ATOM   1233 C CG    . MET A 1 156 ? 11.653  -3.550  -22.642 1.00 23.87 ? 168 MET A CG    1 
ATOM   1234 S SD    . MET A 1 156 ? 12.230  -3.066  -24.269 1.00 22.87 ? 168 MET A SD    1 
ATOM   1235 C CE    . MET A 1 156 ? 12.829  -1.417  -23.941 1.00 23.12 ? 168 MET A CE    1 
ATOM   1236 N N     . HIS A 1 157 ? 14.449  -7.016  -20.664 1.00 20.32 ? 169 HIS A N     1 
ATOM   1237 C CA    . HIS A 1 157 ? 15.604  -7.436  -19.895 1.00 21.97 ? 169 HIS A CA    1 
ATOM   1238 C C     . HIS A 1 157 ? 16.723  -7.895  -20.830 1.00 22.77 ? 169 HIS A C     1 
ATOM   1239 O O     . HIS A 1 157 ? 16.532  -8.794  -21.647 1.00 21.22 ? 169 HIS A O     1 
ATOM   1240 C CB    . HIS A 1 157 ? 15.245  -8.548  -18.915 1.00 22.32 ? 169 HIS A CB    1 
ATOM   1241 C CG    . HIS A 1 157 ? 16.388  -8.970  -18.042 1.00 25.29 ? 169 HIS A CG    1 
ATOM   1242 N ND1   . HIS A 1 157 ? 16.988  -8.121  -17.138 1.00 24.32 ? 169 HIS A ND1   1 
ATOM   1243 C CD2   . HIS A 1 157 ? 17.039  -10.154 -17.931 1.00 25.21 ? 169 HIS A CD2   1 
ATOM   1244 C CE1   . HIS A 1 157 ? 17.950  -8.764  -16.498 1.00 23.02 ? 169 HIS A CE1   1 
ATOM   1245 N NE2   . HIS A 1 157 ? 17.996  -10.003 -16.956 1.00 24.41 ? 169 HIS A NE2   1 
ATOM   1246 N N     . GLN A 1 158 ? 17.875  -7.246  -20.701 1.00 20.85 ? 170 GLN A N     1 
ATOM   1247 C CA    . GLN A 1 158 ? 19.073  -7.541  -21.489 1.00 23.40 ? 170 GLN A CA    1 
ATOM   1248 C C     . GLN A 1 158 ? 18.856  -7.486  -22.997 1.00 23.47 ? 170 GLN A C     1 
ATOM   1249 O O     . GLN A 1 158 ? 19.601  -8.090  -23.765 1.00 21.56 ? 170 GLN A O     1 
ATOM   1250 C CB    . GLN A 1 158 ? 19.708  -8.873  -21.063 1.00 19.35 ? 170 GLN A CB    1 
ATOM   1251 C CG    . GLN A 1 158 ? 20.162  -8.843  -19.605 1.00 20.78 ? 170 GLN A CG    1 
ATOM   1252 C CD    . GLN A 1 158 ? 20.971  -10.047 -19.218 1.00 25.74 ? 170 GLN A CD    1 
ATOM   1253 O OE1   . GLN A 1 158 ? 20.556  -11.198 -19.446 1.00 23.31 ? 170 GLN A OE1   1 
ATOM   1254 N NE2   . GLN A 1 158 ? 22.162  -9.797  -18.651 1.00 21.35 ? 170 GLN A NE2   1 
ATOM   1255 N N     . ALA A 1 159 ? 17.839  -6.752  -23.425 1.00 22.64 ? 171 ALA A N     1 
ATOM   1256 C CA    . ALA A 1 159 ? 17.510  -6.772  -24.844 1.00 25.07 ? 171 ALA A CA    1 
ATOM   1257 C C     . ALA A 1 159 ? 18.451  -5.876  -25.655 1.00 24.13 ? 171 ALA A C     1 
ATOM   1258 O O     . ALA A 1 159 ? 18.565  -6.034  -26.864 1.00 22.95 ? 171 ALA A O     1 
ATOM   1259 C CB    . ALA A 1 159 ? 16.043  -6.401  -25.065 1.00 28.37 ? 171 ALA A CB    1 
ATOM   1260 N N     . GLN A 1 160 ? 19.152  -4.957  -24.990 1.00 21.14 ? 172 GLN A N     1 
ATOM   1261 C CA    . GLN A 1 160 ? 20.124  -4.117  -25.683 1.00 23.82 ? 172 GLN A CA    1 
ATOM   1262 C C     . GLN A 1 160 ? 21.130  -3.517  -24.712 1.00 20.98 ? 172 GLN A C     1 
ATOM   1263 O O     . GLN A 1 160 ? 20.859  -3.400  -23.517 1.00 22.21 ? 172 GLN A O     1 
ATOM   1264 C CB    . GLN A 1 160 ? 19.407  -2.968  -26.407 1.00 24.65 ? 172 GLN A CB    1 
ATOM   1265 C CG    . GLN A 1 160 ? 18.787  -1.926  -25.448 1.00 26.48 ? 172 GLN A CG    1 
ATOM   1266 C CD    . GLN A 1 160 ? 17.783  -0.972  -26.135 1.00 43.86 ? 172 GLN A CD    1 
ATOM   1267 O OE1   . GLN A 1 160 ? 18.166  0.070   -26.671 1.00 43.52 ? 172 GLN A OE1   1 
ATOM   1268 N NE2   . GLN A 1 160 ? 16.490  -1.327  -26.099 1.00 38.49 ? 172 GLN A NE2   1 
ATOM   1269 N N     . THR A 1 161 ? 22.258  -3.060  -25.239 1.00 20.61 ? 173 THR A N     1 
ATOM   1270 C CA    . THR A 1 161 ? 23.195  -2.297  -24.428 1.00 23.56 ? 173 THR A CA    1 
ATOM   1271 C C     . THR A 1 161 ? 23.166  -0.804  -24.758 1.00 22.00 ? 173 THR A C     1 
ATOM   1272 O O     . THR A 1 161 ? 23.153  -0.419  -25.917 1.00 25.47 ? 173 THR A O     1 
ATOM   1273 C CB    . THR A 1 161 ? 24.627  -2.858  -24.522 1.00 21.04 ? 173 THR A CB    1 
ATOM   1274 O OG1   . THR A 1 161 ? 24.610  -4.221  -24.095 1.00 19.47 ? 173 THR A OG1   1 
ATOM   1275 C CG2   . THR A 1 161 ? 25.573  -2.058  -23.619 1.00 16.20 ? 173 THR A CG2   1 
ATOM   1276 N N     . MET A 1 162 ? 23.136  0.033   -23.727 1.00 20.54 ? 174 MET A N     1 
ATOM   1277 C CA    . MET A 1 162 ? 23.041  1.473   -23.936 1.00 25.75 ? 174 MET A CA    1 
ATOM   1278 C C     . MET A 1 162 ? 24.445  2.087   -23.919 1.00 23.13 ? 174 MET A C     1 
ATOM   1279 O O     . MET A 1 162 ? 25.403  1.430   -23.532 1.00 23.74 ? 174 MET A O     1 
ATOM   1280 C CB    . MET A 1 162 ? 22.105  2.132   -22.910 1.00 23.12 ? 174 MET A CB    1 
ATOM   1281 C CG    . MET A 1 162 ? 20.619  1.661   -22.976 1.00 31.73 ? 174 MET A CG    1 
ATOM   1282 S SD    . MET A 1 162 ? 19.419  2.813   -22.185 1.00 21.27 ? 174 MET A SD    1 
ATOM   1283 C CE    . MET A 1 162 ? 19.722  4.240   -23.220 1.00 31.81 ? 174 MET A CE    1 
ATOM   1284 N N     . GLU A 1 163 ? 24.551  3.333   -24.365 1.00 24.91 ? 175 GLU A N     1 
ATOM   1285 C CA    . GLU A 1 163 ? 25.822  4.039   -24.448 1.00 24.46 ? 175 GLU A CA    1 
ATOM   1286 C C     . GLU A 1 163 ? 26.530  4.131   -23.101 1.00 28.52 ? 175 GLU A C     1 
ATOM   1287 O O     . GLU A 1 163 ? 25.901  4.480   -22.091 1.00 24.78 ? 175 GLU A O     1 
ATOM   1288 C CB    . GLU A 1 163 ? 25.593  5.466   -24.975 1.00 25.82 ? 175 GLU A CB    1 
ATOM   1289 C CG    . GLU A 1 163 ? 26.856  6.318   -24.988 1.00 34.84 ? 175 GLU A CG    1 
ATOM   1290 C CD    . GLU A 1 163 ? 26.600  7.771   -25.378 1.00 52.12 ? 175 GLU A CD    1 
ATOM   1291 O OE1   . GLU A 1 163 ? 25.416  8.159   -25.548 1.00 54.50 ? 175 GLU A OE1   1 
ATOM   1292 O OE2   . GLU A 1 163 ? 27.592  8.526   -25.512 1.00 56.47 ? 175 GLU A OE2   1 
ATOM   1293 N N     . GLY A 1 164 ? 27.842  3.865   -23.108 1.00 23.82 ? 176 GLY A N     1 
ATOM   1294 C CA    . GLY A 1 164 ? 28.667  3.924   -21.914 1.00 21.17 ? 176 GLY A CA    1 
ATOM   1295 C C     . GLY A 1 164 ? 28.466  2.763   -20.943 1.00 24.96 ? 176 GLY A C     1 
ATOM   1296 O O     . GLY A 1 164 ? 29.127  2.705   -19.897 1.00 22.10 ? 176 GLY A O     1 
ATOM   1297 N N     . CYS A 1 165 ? 27.583  1.826   -21.286 1.00 20.33 ? 177 CYS A N     1 
ATOM   1298 C CA    . CYS A 1 165 ? 27.289  0.697   -20.392 1.00 18.84 ? 177 CYS A CA    1 
ATOM   1299 C C     . CYS A 1 165 ? 28.100  -0.575  -20.692 1.00 21.33 ? 177 CYS A C     1 
ATOM   1300 O O     . CYS A 1 165 ? 28.273  -0.971  -21.853 1.00 19.76 ? 177 CYS A O     1 
ATOM   1301 C CB    . CYS A 1 165 ? 25.784  0.410   -20.355 1.00 21.13 ? 177 CYS A CB    1 
ATOM   1302 S SG    . CYS A 1 165 ? 24.764  1.826   -19.679 1.00 22.98 ? 177 CYS A SG    1 
ATOM   1303 N N     . SER A 1 166 ? 28.601  -1.202  -19.625 1.00 20.46 ? 178 SER A N     1 
ATOM   1304 C CA    . SER A 1 166 ? 29.471  -2.381  -19.736 1.00 22.40 ? 178 SER A CA    1 
ATOM   1305 C C     . SER A 1 166 ? 28.693  -3.681  -19.959 1.00 20.43 ? 178 SER A C     1 
ATOM   1306 O O     . SER A 1 166 ? 29.272  -4.687  -20.377 1.00 20.65 ? 178 SER A O     1 
ATOM   1307 C CB    . SER A 1 166 ? 30.321  -2.540  -18.474 1.00 23.00 ? 178 SER A CB    1 
ATOM   1308 O OG    . SER A 1 166 ? 29.457  -2.782  -17.366 1.00 32.00 ? 178 SER A OG    1 
ATOM   1309 N N     . SER A 1 167 ? 27.404  -3.672  -19.644 1.00 18.64 ? 179 SER A N     1 
ATOM   1310 C CA    . SER A 1 167 ? 26.529  -4.811  -19.969 1.00 22.26 ? 179 SER A CA    1 
ATOM   1311 C C     . SER A 1 167 ? 25.118  -4.364  -20.360 1.00 20.03 ? 179 SER A C     1 
ATOM   1312 O O     . SER A 1 167 ? 24.750  -3.207  -20.162 1.00 18.51 ? 179 SER A O     1 
ATOM   1313 C CB    . SER A 1 167 ? 26.445  -5.841  -18.829 1.00 18.14 ? 179 SER A CB    1 
ATOM   1314 O OG    . SER A 1 167 ? 27.219  -5.447  -17.720 1.00 29.37 ? 179 SER A OG    1 
ATOM   1315 N N     . PRO A 1 168 ? 24.327  -5.296  -20.910 1.00 19.58 ? 180 PRO A N     1 
ATOM   1316 C CA    . PRO A 1 168 ? 22.969  -4.961  -21.355 1.00 19.97 ? 180 PRO A CA    1 
ATOM   1317 C C     . PRO A 1 168 ? 22.052  -4.466  -20.212 1.00 21.23 ? 180 PRO A C     1 
ATOM   1318 O O     . PRO A 1 168 ? 22.250  -4.774  -19.040 1.00 17.95 ? 180 PRO A O     1 
ATOM   1319 C CB    . PRO A 1 168 ? 22.436  -6.298  -21.911 1.00 20.33 ? 180 PRO A CB    1 
ATOM   1320 C CG    . PRO A 1 168 ? 23.660  -7.142  -22.198 1.00 19.32 ? 180 PRO A CG    1 
ATOM   1321 C CD    . PRO A 1 168 ? 24.702  -6.693  -21.212 1.00 17.46 ? 180 PRO A CD    1 
ATOM   1322 N N     . MET A 1 169 ? 21.017  -3.740  -20.601 1.00 19.59 ? 181 MET A N     1 
ATOM   1323 C CA    . MET A 1 169 ? 19.987  -3.237  -19.697 1.00 19.86 ? 181 MET A CA    1 
ATOM   1324 C C     . MET A 1 169 ? 19.407  -4.325  -18.792 1.00 19.15 ? 181 MET A C     1 
ATOM   1325 O O     . MET A 1 169 ? 19.098  -5.436  -19.231 1.00 22.38 ? 181 MET A O     1 
ATOM   1326 C CB    . MET A 1 169 ? 18.865  -2.574  -20.531 1.00 18.41 ? 181 MET A CB    1 
ATOM   1327 C CG    . MET A 1 169 ? 17.756  -1.828  -19.728 1.00 25.33 ? 181 MET A CG    1 
ATOM   1328 S SD    . MET A 1 169 ? 16.585  -0.854  -20.778 1.00 28.67 ? 181 MET A SD    1 
ATOM   1329 C CE    . MET A 1 169 ? 17.616  -0.503  -22.177 1.00 22.79 ? 181 MET A CE    1 
ATOM   1330 N N     . VAL A 1 170 ? 19.235  -3.976  -17.530 1.00 18.52 ? 182 VAL A N     1 
ATOM   1331 C CA    . VAL A 1 170 ? 18.700  -4.873  -16.531 1.00 23.50 ? 182 VAL A CA    1 
ATOM   1332 C C     . VAL A 1 170 ? 17.264  -4.453  -16.239 1.00 23.35 ? 182 VAL A C     1 
ATOM   1333 O O     . VAL A 1 170 ? 17.005  -3.280  -15.988 1.00 22.13 ? 182 VAL A O     1 
ATOM   1334 C CB    . VAL A 1 170 ? 19.549  -4.808  -15.235 1.00 24.66 ? 182 VAL A CB    1 
ATOM   1335 C CG1   . VAL A 1 170 ? 18.743  -5.282  -14.047 1.00 21.59 ? 182 VAL A CG1   1 
ATOM   1336 C CG2   . VAL A 1 170 ? 20.857  -5.616  -15.398 1.00 21.01 ? 182 VAL A CG2   1 
ATOM   1337 N N     . VAL A 1 171 ? 16.326  -5.397  -16.298 1.00 21.37 ? 183 VAL A N     1 
ATOM   1338 C CA    . VAL A 1 171 ? 14.935  -5.073  -15.996 1.00 21.50 ? 183 VAL A CA    1 
ATOM   1339 C C     . VAL A 1 171 ? 14.343  -6.148  -15.109 1.00 22.23 ? 183 VAL A C     1 
ATOM   1340 O O     . VAL A 1 171 ? 14.184  -7.290  -15.517 1.00 26.41 ? 183 VAL A O     1 
ATOM   1341 C CB    . VAL A 1 171 ? 14.074  -4.866  -17.279 1.00 24.83 ? 183 VAL A CB    1 
ATOM   1342 C CG1   . VAL A 1 171 ? 12.606  -4.512  -16.918 1.00 22.51 ? 183 VAL A CG1   1 
ATOM   1343 C CG2   . VAL A 1 171 ? 14.676  -3.793  -18.164 1.00 19.30 ? 183 VAL A CG2   1 
ATOM   1344 N N     . LYS A 1 172 ? 14.029  -5.781  -13.880 1.00 21.45 ? 184 LYS A N     1 
ATOM   1345 C CA    . LYS A 1 172 ? 13.581  -6.752  -12.894 1.00 27.11 ? 184 LYS A CA    1 
ATOM   1346 C C     . LYS A 1 172 ? 12.721  -6.067  -11.853 1.00 25.61 ? 184 LYS A C     1 
ATOM   1347 O O     . LYS A 1 172 ? 12.742  -4.844  -11.735 1.00 23.73 ? 184 LYS A O     1 
ATOM   1348 C CB    . LYS A 1 172 ? 14.798  -7.394  -12.209 1.00 25.33 ? 184 LYS A CB    1 
ATOM   1349 C CG    . LYS A 1 172 ? 15.762  -6.382  -11.639 1.00 29.61 ? 184 LYS A CG    1 
ATOM   1350 C CD    . LYS A 1 172 ? 17.110  -7.013  -11.238 1.00 33.10 ? 184 LYS A CD    1 
ATOM   1351 C CE    . LYS A 1 172 ? 16.924  -8.069  -10.163 1.00 32.46 ? 184 LYS A CE    1 
ATOM   1352 N NZ    . LYS A 1 172 ? 18.092  -8.114  -9.234  1.00 38.30 ? 184 LYS A NZ    1 
ATOM   1353 N N     . PHE A 1 173 ? 11.999  -6.847  -11.062 1.00 27.11 ? 185 PHE A N     1 
ATOM   1354 C CA    . PHE A 1 173 ? 11.245  -6.248  -9.967  1.00 29.74 ? 185 PHE A CA    1 
ATOM   1355 C C     . PHE A 1 173 ? 12.178  -5.596  -8.946  1.00 32.20 ? 185 PHE A C     1 
ATOM   1356 O O     . PHE A 1 173 ? 13.211  -6.161  -8.564  1.00 29.36 ? 185 PHE A O     1 
ATOM   1357 C CB    . PHE A 1 173 ? 10.303  -7.259  -9.309  1.00 31.77 ? 185 PHE A CB    1 
ATOM   1358 C CG    . PHE A 1 173 ? 9.101   -7.593  -10.149 1.00 34.74 ? 185 PHE A CG    1 
ATOM   1359 C CD1   . PHE A 1 173 ? 8.033   -6.704  -10.239 1.00 37.36 ? 185 PHE A CD1   1 
ATOM   1360 C CD2   . PHE A 1 173 ? 9.038   -8.783  -10.853 1.00 34.80 ? 185 PHE A CD2   1 
ATOM   1361 C CE1   . PHE A 1 173 ? 6.923   -6.997  -11.020 1.00 36.77 ? 185 PHE A CE1   1 
ATOM   1362 C CE2   . PHE A 1 173 ? 7.928   -9.090  -11.635 1.00 38.19 ? 185 PHE A CE2   1 
ATOM   1363 C CZ    . PHE A 1 173 ? 6.869   -8.191  -11.717 1.00 41.55 ? 185 PHE A CZ    1 
ATOM   1364 N N     . ALA A 1 174 ? 11.815  -4.390  -8.523  1.00 28.42 ? 186 ALA A N     1 
ATOM   1365 C CA    . ALA A 1 174 ? 12.621  -3.665  -7.563  1.00 29.24 ? 186 ALA A CA    1 
ATOM   1366 C C     . ALA A 1 174 ? 12.722  -4.429  -6.234  1.00 37.32 ? 186 ALA A C     1 
ATOM   1367 O O     . ALA A 1 174 ? 11.796  -5.138  -5.844  1.00 30.37 ? 186 ALA A O     1 
ATOM   1368 C CB    . ALA A 1 174 ? 12.053  -2.260  -7.352  1.00 29.35 ? 186 ALA A CB    1 
ATOM   1369 N N     . ASP A 1 175 ? 13.866  -4.301  -5.563  1.00 35.29 ? 187 ASP A N     1 
ATOM   1370 C CA    . ASP A 1 175 ? 14.014  -4.793  -4.200  1.00 41.53 ? 187 ASP A CA    1 
ATOM   1371 C C     . ASP A 1 175 ? 12.965  -4.127  -3.304  1.00 42.29 ? 187 ASP A C     1 
ATOM   1372 O O     . ASP A 1 175 ? 12.511  -4.718  -2.321  1.00 48.74 ? 187 ASP A O     1 
ATOM   1373 C CB    . ASP A 1 175 ? 15.419  -4.493  -3.657  1.00 39.34 ? 187 ASP A CB    1 
ATOM   1374 C CG    . ASP A 1 175 ? 16.506  -5.320  -4.328  1.00 44.28 ? 187 ASP A CG    1 
ATOM   1375 O OD1   . ASP A 1 175 ? 16.186  -6.373  -4.936  1.00 44.76 ? 187 ASP A OD1   1 
ATOM   1376 O OD2   . ASP A 1 175 ? 17.688  -4.917  -4.234  1.00 43.11 ? 187 ASP A OD2   1 
ATOM   1377 P P     . U   B 2 7   ? 31.231  4.705   -11.120 1.00 60.02 ? 1   U   B P     1 
ATOM   1378 O OP1   . U   B 2 7   ? 29.843  4.934   -11.609 1.00 47.48 ? 1   U   B OP1   1 
ATOM   1379 O OP2   . U   B 2 7   ? 31.570  5.044   -9.711  1.00 42.48 ? 1   U   B OP2   1 
ATOM   1380 O "O5'" . U   B 2 7   ? 31.696  3.222   -11.462 1.00 42.27 ? 1   U   B "O5'" 1 
ATOM   1381 C "C5'" . U   B 2 7   ? 31.985  2.840   -12.803 1.00 30.81 ? 1   U   B "C5'" 1 
ATOM   1382 C "C4'" . U   B 2 7   ? 32.069  1.344   -12.937 1.00 34.35 ? 1   U   B "C4'" 1 
ATOM   1383 O "O4'" . U   B 2 7   ? 33.339  0.883   -12.372 1.00 27.83 ? 1   U   B "O4'" 1 
ATOM   1384 C "C3'" . U   B 2 7   ? 30.970  0.572   -12.204 1.00 28.18 ? 1   U   B "C3'" 1 
ATOM   1385 O "O3'" . U   B 2 7   ? 30.703  -0.637  -12.909 1.00 26.87 ? 1   U   B "O3'" 1 
ATOM   1386 C "C2'" . U   B 2 7   ? 31.650  0.227   -10.876 1.00 25.07 ? 1   U   B "C2'" 1 
ATOM   1387 O "O2'" . U   B 2 7   ? 31.100  -0.889  -10.217 1.00 24.84 ? 1   U   B "O2'" 1 
ATOM   1388 C "C1'" . U   B 2 7   ? 33.083  -0.050  -11.341 1.00 27.58 ? 1   U   B "C1'" 1 
ATOM   1389 N N1    . U   B 2 7   ? 34.123  0.102   -10.280 1.00 27.00 ? 1   U   B N1    1 
ATOM   1390 C C2    . U   B 2 7   ? 34.704  -1.063  -9.804  1.00 25.43 ? 1   U   B C2    1 
ATOM   1391 O O2    . U   B 2 7   ? 34.406  -2.184  -10.200 1.00 24.86 ? 1   U   B O2    1 
ATOM   1392 N N3    . U   B 2 7   ? 35.654  -0.877  -8.840  1.00 22.24 ? 1   U   B N3    1 
ATOM   1393 C C4    . U   B 2 7   ? 36.072  0.323   -8.298  1.00 26.47 ? 1   U   B C4    1 
ATOM   1394 O O4    . U   B 2 7   ? 36.936  0.312   -7.430  1.00 23.71 ? 1   U   B O4    1 
ATOM   1395 C C5    . U   B 2 7   ? 35.438  1.485   -8.839  1.00 25.13 ? 1   U   B C5    1 
ATOM   1396 C C6    . U   B 2 7   ? 34.505  1.326   -9.781  1.00 27.58 ? 1   U   B C6    1 
ATOM   1397 P P     . U   B 2 8   ? 29.390  -0.811  -13.820 1.00 27.20 ? 2   U   B P     1 
ATOM   1398 O OP1   . U   B 2 8   ? 29.746  -1.771  -14.891 1.00 28.39 ? 2   U   B OP1   1 
ATOM   1399 O OP2   . U   B 2 8   ? 28.926  0.547   -14.193 1.00 31.00 ? 2   U   B OP2   1 
ATOM   1400 O "O5'" . U   B 2 8   ? 28.349  -1.494  -12.833 1.00 24.73 ? 2   U   B "O5'" 1 
ATOM   1401 C "C5'" . U   B 2 8   ? 27.667  -0.748  -11.833 1.00 21.19 ? 2   U   B "C5'" 1 
ATOM   1402 C "C4'" . U   B 2 8   ? 26.992  -1.668  -10.841 1.00 23.56 ? 2   U   B "C4'" 1 
ATOM   1403 O "O4'" . U   B 2 8   ? 25.942  -2.423  -11.525 1.00 22.30 ? 2   U   B "O4'" 1 
ATOM   1404 C "C3'" . U   B 2 8   ? 27.912  -2.710  -10.187 1.00 22.16 ? 2   U   B "C3'" 1 
ATOM   1405 O "O3'" . U   B 2 8   ? 27.521  -2.901  -8.828  1.00 23.53 ? 2   U   B "O3'" 1 
ATOM   1406 C "C2'" . U   B 2 8   ? 27.604  -3.982  -10.986 1.00 21.38 ? 2   U   B "C2'" 1 
ATOM   1407 O "O2'" . U   B 2 8   ? 27.837  -5.189  -10.300 1.00 21.57 ? 2   U   B "O2'" 1 
ATOM   1408 C "C1'" . U   B 2 8   ? 26.125  -3.808  -11.287 1.00 22.55 ? 2   U   B "C1'" 1 
ATOM   1409 N N1    . U   B 2 8   ? 25.655  -4.574  -12.469 1.00 22.35 ? 2   U   B N1    1 
ATOM   1410 C C2    . U   B 2 8   ? 24.730  -5.579  -12.233 1.00 21.85 ? 2   U   B C2    1 
ATOM   1411 O O2    . U   B 2 8   ? 24.294  -5.835  -11.128 1.00 18.99 ? 2   U   B O2    1 
ATOM   1412 N N3    . U   B 2 8   ? 24.320  -6.276  -13.342 1.00 20.62 ? 2   U   B N3    1 
ATOM   1413 C C4    . U   B 2 8   ? 24.740  -6.079  -14.638 1.00 24.94 ? 2   U   B C4    1 
ATOM   1414 O O4    . U   B 2 8   ? 24.270  -6.787  -15.534 1.00 28.50 ? 2   U   B O4    1 
ATOM   1415 C C5    . U   B 2 8   ? 25.707  -5.039  -14.803 1.00 22.42 ? 2   U   B C5    1 
ATOM   1416 C C6    . U   B 2 8   ? 26.126  -4.341  -13.740 1.00 23.47 ? 2   U   B C6    1 
ATOM   1417 P P     . G   B 2 9   ? 28.080  -1.941  -7.662  1.00 22.58 ? 3   G   B P     1 
ATOM   1418 O OP1   . G   B 2 9   ? 29.523  -1.686  -7.948  1.00 26.53 ? 3   G   B OP1   1 
ATOM   1419 O OP2   . G   B 2 9   ? 27.708  -2.577  -6.386  1.00 25.87 ? 3   G   B OP2   1 
ATOM   1420 O "O5'" . G   B 2 9   ? 27.248  -0.582  -7.862  1.00 20.59 ? 3   G   B "O5'" 1 
ATOM   1421 C "C5'" . G   B 2 9   ? 25.904  -0.474  -7.397  1.00 22.16 ? 3   G   B "C5'" 1 
ATOM   1422 C "C4'" . G   B 2 9   ? 25.228  0.792   -7.887  1.00 23.33 ? 3   G   B "C4'" 1 
ATOM   1423 O "O4'" . G   B 2 9   ? 25.345  0.891   -9.327  1.00 25.42 ? 3   G   B "O4'" 1 
ATOM   1424 C "C3'" . G   B 2 9   ? 23.731  0.882   -7.604  1.00 25.81 ? 3   G   B "C3'" 1 
ATOM   1425 O "O3'" . G   B 2 9   ? 23.460  1.433   -6.320  1.00 25.26 ? 3   G   B "O3'" 1 
ATOM   1426 C "C2'" . G   B 2 9   ? 23.172  1.715   -8.761  1.00 23.44 ? 3   G   B "C2'" 1 
ATOM   1427 O "O2'" . G   B 2 9   ? 23.168  3.098   -8.438  1.00 29.06 ? 3   G   B "O2'" 1 
ATOM   1428 C "C1'" . G   B 2 9   ? 24.190  1.471   -9.885  1.00 20.42 ? 3   G   B "C1'" 1 
ATOM   1429 N N9    . G   B 2 9   ? 23.677  0.578   -10.949 1.00 20.04 ? 3   G   B N9    1 
ATOM   1430 C C8    . G   B 2 9   ? 23.474  0.922   -12.268 1.00 19.82 ? 3   G   B C8    1 
ATOM   1431 N N7    . G   B 2 9   ? 23.013  -0.048  -13.007 1.00 17.93 ? 3   G   B N7    1 
ATOM   1432 C C5    . G   B 2 9   ? 22.922  -1.123  -12.136 1.00 21.41 ? 3   G   B C5    1 
ATOM   1433 C C6    . G   B 2 9   ? 22.498  -2.468  -12.362 1.00 19.66 ? 3   G   B C6    1 
ATOM   1434 O O6    . G   B 2 9   ? 22.095  -3.006  -13.409 1.00 20.53 ? 3   G   B O6    1 
ATOM   1435 N N1    . G   B 2 9   ? 22.555  -3.212  -11.192 1.00 20.23 ? 3   G   B N1    1 
ATOM   1436 C C2    . G   B 2 9   ? 22.964  -2.759  -9.962  1.00 21.90 ? 3   G   B C2    1 
ATOM   1437 N N2    . G   B 2 9   ? 22.953  -3.652  -8.952  1.00 20.36 ? 3   G   B N2    1 
ATOM   1438 N N3    . G   B 2 9   ? 23.361  -1.512  -9.747  1.00 20.29 ? 3   G   B N3    1 
ATOM   1439 C C4    . G   B 2 9   ? 23.321  -0.751  -10.860 1.00 21.25 ? 3   G   B C4    1 
ATOM   1440 P P     . U   B 2 10  ? 22.551  0.632   -5.255  1.00 29.88 ? 4   U   B P     1 
ATOM   1441 O OP1   . U   B 2 10  ? 22.420  1.500   -4.062  1.00 33.61 ? 4   U   B OP1   1 
ATOM   1442 O OP2   . U   B 2 10  ? 23.145  -0.723  -5.092  1.00 28.98 ? 4   U   B OP2   1 
ATOM   1443 O "O5'" . U   B 2 10  ? 21.150  0.525   -6.000  1.00 30.29 ? 4   U   B "O5'" 1 
ATOM   1444 C "C5'" . U   B 2 10  ? 20.379  1.687   -6.288  1.00 26.26 ? 4   U   B "C5'" 1 
ATOM   1445 C "C4'" . U   B 2 10  ? 18.938  1.499   -5.892  1.00 32.67 ? 4   U   B "C4'" 1 
ATOM   1446 O "O4'" . U   B 2 10  ? 18.351  0.456   -6.728  1.00 29.74 ? 4   U   B "O4'" 1 
ATOM   1447 C "C3'" . U   B 2 10  ? 18.721  1.061   -4.443  1.00 32.00 ? 4   U   B "C3'" 1 
ATOM   1448 O "O3'" . U   B 2 10  ? 17.488  1.605   -3.953  1.00 43.08 ? 4   U   B "O3'" 1 
ATOM   1449 C "C2'" . U   B 2 10  ? 18.608  -0.458  -4.578  1.00 33.35 ? 4   U   B "C2'" 1 
ATOM   1450 O "O2'" . U   B 2 10  ? 17.928  -1.097  -3.529  1.00 31.29 ? 4   U   B "O2'" 1 
ATOM   1451 C "C1'" . U   B 2 10  ? 17.871  -0.600  -5.913  1.00 33.36 ? 4   U   B "C1'" 1 
ATOM   1452 N N1    . U   B 2 10  ? 18.140  -1.884  -6.613  1.00 30.21 ? 4   U   B N1    1 
ATOM   1453 C C2    . U   B 2 10  ? 17.097  -2.776  -6.859  1.00 29.33 ? 4   U   B C2    1 
ATOM   1454 O O2    . U   B 2 10  ? 15.927  -2.584  -6.569  1.00 31.04 ? 4   U   B O2    1 
ATOM   1455 N N3    . U   B 2 10  ? 17.463  -3.928  -7.500  1.00 28.31 ? 4   U   B N3    1 
ATOM   1456 C C4    . U   B 2 10  ? 18.731  -4.281  -7.907  1.00 32.35 ? 4   U   B C4    1 
ATOM   1457 O O4    . U   B 2 10  ? 18.882  -5.369  -8.472  1.00 30.00 ? 4   U   B O4    1 
ATOM   1458 C C5    . U   B 2 10  ? 19.761  -3.314  -7.611  1.00 27.94 ? 4   U   B C5    1 
ATOM   1459 C C6    . U   B 2 10  ? 19.435  -2.183  -6.990  1.00 25.57 ? 4   U   B C6    1 
ATOM   1460 P P     . G   B 2 11  ? 17.452  2.474   -2.578  1.00 45.30 ? 5   G   B P     1 
ATOM   1461 O OP1   . G   B 2 11  ? 18.518  1.929   -1.689  1.00 42.89 ? 5   G   B OP1   1 
ATOM   1462 O OP2   . G   B 2 11  ? 16.052  2.459   -2.099  1.00 48.77 ? 5   G   B OP2   1 
ATOM   1463 O "O5'" . G   B 2 11  ? 17.842  3.954   -3.055  1.00 52.70 ? 5   G   B "O5'" 1 
ATOM   1464 C "C5'" . G   B 2 11  ? 17.367  4.476   -4.294  1.00 52.72 ? 5   G   B "C5'" 1 
ATOM   1465 C "C4'" . G   B 2 11  ? 16.827  5.889   -4.167  1.00 58.56 ? 5   G   B "C4'" 1 
ATOM   1466 O "O4'" . G   B 2 11  ? 15.570  5.978   -4.900  1.00 56.90 ? 5   G   B "O4'" 1 
ATOM   1467 C "C3'" . G   B 2 11  ? 16.503  6.354   -2.750  1.00 64.83 ? 5   G   B "C3'" 1 
ATOM   1468 O "O3'" . G   B 2 11  ? 16.551  7.788   -2.714  1.00 71.84 ? 5   G   B "O3'" 1 
ATOM   1469 C "C2'" . G   B 2 11  ? 15.051  5.914   -2.613  1.00 67.67 ? 5   G   B "C2'" 1 
ATOM   1470 O "O2'" . G   B 2 11  ? 14.335  6.563   -1.583  1.00 70.34 ? 5   G   B "O2'" 1 
ATOM   1471 C "C1'" . G   B 2 11  ? 14.512  6.273   -3.999  1.00 61.67 ? 5   G   B "C1'" 1 
ATOM   1472 N N9    . G   B 2 11  ? 13.332  5.506   -4.417  1.00 61.42 ? 5   G   B N9    1 
ATOM   1473 C C8    . G   B 2 11  ? 13.020  4.190   -4.142  1.00 58.65 ? 5   G   B C8    1 
ATOM   1474 N N7    . G   B 2 11  ? 11.899  3.801   -4.700  1.00 55.26 ? 5   G   B N7    1 
ATOM   1475 C C5    . G   B 2 11  ? 11.443  4.919   -5.393  1.00 59.28 ? 5   G   B C5    1 
ATOM   1476 C C6    . G   B 2 11  ? 10.273  5.120   -6.190  1.00 64.72 ? 5   G   B C6    1 
ATOM   1477 O O6    . G   B 2 11  ? 9.357   4.332   -6.469  1.00 61.78 ? 5   G   B O6    1 
ATOM   1478 N N1    . G   B 2 11  ? 10.209  6.414   -6.702  1.00 64.78 ? 5   G   B N1    1 
ATOM   1479 C C2    . G   B 2 11  ? 11.139  7.400   -6.479  1.00 63.43 ? 5   G   B C2    1 
ATOM   1480 N N2    . G   B 2 11  ? 10.883  8.578   -7.066  1.00 63.23 ? 5   G   B N2    1 
ATOM   1481 N N3    . G   B 2 11  ? 12.229  7.231   -5.745  1.00 63.96 ? 5   G   B N3    1 
ATOM   1482 C C4    . G   B 2 11  ? 12.319  5.977   -5.230  1.00 62.17 ? 5   G   B C4    1 
ATOM   1483 P P     . U   B 2 12  ? 17.870  8.573   -2.215  1.00 80.57 ? 6   U   B P     1 
ATOM   1484 O OP1   . U   B 2 12  ? 17.857  9.901   -2.885  1.00 75.14 ? 6   U   B OP1   1 
ATOM   1485 O OP2   . U   B 2 12  ? 19.041  7.674   -2.431  1.00 66.87 ? 6   U   B OP2   1 
ATOM   1486 O "O5'" . U   B 2 12  ? 17.603  8.752   -0.651  1.00 79.11 ? 6   U   B "O5'" 1 
ATOM   1487 C "C5'" . U   B 2 12  ? 16.588  9.636   -0.173  1.00 76.99 ? 6   U   B "C5'" 1 
ATOM   1488 C "C4'" . U   B 2 12  ? 17.173  10.803  0.585   1.00 80.15 ? 6   U   B "C4'" 1 
ATOM   1489 O "O4'" . U   B 2 12  ? 17.892  10.303  1.745   1.00 73.78 ? 6   U   B "O4'" 1 
ATOM   1490 C "C3'" . U   B 2 12  ? 18.167  11.654  -0.207  1.00 86.59 ? 6   U   B "C3'" 1 
ATOM   1491 O "O3'" . U   B 2 12  ? 18.011  13.032  0.130   1.00 86.65 ? 6   U   B "O3'" 1 
ATOM   1492 C "C2'" . U   B 2 12  ? 19.528  11.149  0.269   1.00 82.21 ? 6   U   B "C2'" 1 
ATOM   1493 O "O2'" . U   B 2 12  ? 20.572  12.101  0.192   1.00 82.15 ? 6   U   B "O2'" 1 
ATOM   1494 C "C1'" . U   B 2 12  ? 19.240  10.737  1.713   1.00 75.01 ? 6   U   B "C1'" 1 
ATOM   1495 N N1    . U   B 2 12  ? 20.092  9.622   2.182   1.00 71.78 ? 6   U   B N1    1 
ATOM   1496 C C2    . U   B 2 12  ? 21.064  9.875   3.138   1.00 73.40 ? 6   U   B C2    1 
ATOM   1497 O O2    . U   B 2 12  ? 21.246  10.980  3.637   1.00 71.03 ? 6   U   B O2    1 
ATOM   1498 N N3    . U   B 2 12  ? 21.814  8.774   3.492   1.00 72.51 ? 6   U   B N3    1 
ATOM   1499 C C4    . U   B 2 12  ? 21.695  7.484   2.999   1.00 70.45 ? 6   U   B C4    1 
ATOM   1500 O O4    . U   B 2 12  ? 22.445  6.596   3.419   1.00 73.20 ? 6   U   B O4    1 
ATOM   1501 C C5    . U   B 2 12  ? 20.670  7.311   2.013   1.00 66.50 ? 6   U   B C5    1 
ATOM   1502 C C6    . U   B 2 12  ? 19.928  8.361   1.650   1.00 70.32 ? 6   U   B C6    1 
ATOM   1503 P P     . G   B 2 13  ? 17.945  14.136  -1.041  1.00 99.79 ? 7   G   B P     1 
ATOM   1504 O OP1   . G   B 2 13  ? 16.521  14.320  -1.417  1.00 90.11 ? 7   G   B OP1   1 
ATOM   1505 O OP2   . G   B 2 13  ? 18.922  13.749  -2.088  1.00 89.95 ? 7   G   B OP2   1 
ATOM   1506 O "O5'" . G   B 2 13  ? 18.486  15.467  -0.331  1.00 95.91 ? 7   G   B "O5'" 1 
HETATM 1507 O O     . HOH C 3 .   ? -1.019  0.623   26.809  1.00 16.58 ? 2   HOH A O     1 
HETATM 1508 O O     . HOH C 3 .   ? 22.925  -1.283  -21.288 1.00 16.05 ? 3   HOH A O     1 
HETATM 1509 O O     . HOH C 3 .   ? -10.696 -4.307  23.296  1.00 19.22 ? 4   HOH A O     1 
HETATM 1510 O O     . HOH C 3 .   ? -7.312  -18.308 30.820  1.00 25.92 ? 5   HOH A O     1 
HETATM 1511 O O     . HOH C 3 .   ? 22.306  4.700   -25.576 1.00 26.83 ? 6   HOH A O     1 
HETATM 1512 O O     . HOH C 3 .   ? -10.682 6.447   21.809  1.00 24.78 ? 7   HOH A O     1 
HETATM 1513 O O     . HOH C 3 .   ? 12.354  -9.662  -11.603 1.00 33.28 ? 8   HOH A O     1 
HETATM 1514 O O     . HOH C 3 .   ? 22.137  5.534   -5.681  1.00 41.68 ? 9   HOH A O     1 
HETATM 1515 O O     . HOH C 3 .   ? -13.272 -7.561  10.661  1.00 24.95 ? 10  HOH A O     1 
HETATM 1516 O O     . HOH C 3 .   ? 25.751  4.568   -7.690  1.00 33.56 ? 11  HOH A O     1 
HETATM 1517 O O     . HOH C 3 .   ? -4.500  -18.647 27.994  1.00 29.00 ? 12  HOH A O     1 
HETATM 1518 O O     . HOH C 3 .   ? 14.213  -9.879  -14.522 1.00 28.41 ? 188 HOH A O     1 
HETATM 1519 O O     . HOH C 3 .   ? 1.057   -18.139 30.895  1.00 25.61 ? 189 HOH A O     1 
HETATM 1520 O O     . HOH C 3 .   ? 28.873  3.576   -26.250 1.00 29.42 ? 190 HOH A O     1 
HETATM 1521 O O     . HOH C 3 .   ? -1.377  -12.422 32.358  1.00 21.75 ? 191 HOH A O     1 
HETATM 1522 O O     . HOH C 3 .   ? -26.599 6.355   17.534  1.00 31.00 ? 192 HOH A O     1 
HETATM 1523 O O     . HOH C 3 .   ? 24.500  2.395   -16.072 1.00 25.95 ? 193 HOH A O     1 
HETATM 1524 O O     . HOH C 3 .   ? 26.377  13.203  -9.234  1.00 36.03 ? 194 HOH A O     1 
HETATM 1525 O O     . HOH C 3 .   ? 20.250  7.952   -16.778 1.00 25.45 ? 195 HOH A O     1 
HETATM 1526 O O     . HOH C 3 .   ? -11.738 -7.756  25.608  1.00 36.80 ? 196 HOH A O     1 
HETATM 1527 O O     . HOH C 3 .   ? -22.219 -1.780  5.683   1.00 29.09 ? 197 HOH A O     1 
HETATM 1528 O O     . HOH C 3 .   ? -24.932 -5.274  11.487  1.00 29.32 ? 198 HOH A O     1 
HETATM 1529 O O     . HOH C 3 .   ? 26.292  5.851   -19.875 1.00 27.08 ? 199 HOH A O     1 
HETATM 1530 O O     . HOH C 3 .   ? 15.714  -6.119  -7.586  1.00 32.80 ? 200 HOH A O     1 
HETATM 1531 O O     . HOH C 3 .   ? -26.493 -0.755  11.127  1.00 29.73 ? 201 HOH A O     1 
HETATM 1532 O O     . HOH C 3 .   ? -3.690  -0.378  28.962  1.00 25.70 ? 202 HOH A O     1 
HETATM 1533 O O     . HOH C 3 .   ? -26.907 -2.535  17.117  1.00 37.48 ? 203 HOH A O     1 
HETATM 1534 O O     . HOH C 3 .   ? -14.007 -9.663  7.278   1.00 38.28 ? 204 HOH A O     1 
HETATM 1535 O O     . HOH C 3 .   ? -24.090 3.311   5.904   1.00 33.92 ? 205 HOH A O     1 
HETATM 1536 O O     . HOH C 3 .   ? 29.060  -6.019  -16.034 1.00 33.91 ? 206 HOH A O     1 
HETATM 1537 O O     . HOH C 3 .   ? -4.105  -21.208 24.638  1.00 39.08 ? 207 HOH A O     1 
HETATM 1538 O O     . HOH C 3 .   ? 7.206   10.135  -12.685 1.00 47.40 ? 208 HOH A O     1 
HETATM 1539 O O     . HOH C 3 .   ? -2.759  -16.743 26.251  1.00 24.69 ? 209 HOH A O     1 
HETATM 1540 O O     . HOH C 3 .   ? 0.420   -18.828 27.095  1.00 42.77 ? 210 HOH A O     1 
HETATM 1541 O O     . HOH C 3 .   ? -24.241 1.644   3.949   1.00 32.49 ? 211 HOH A O     1 
HETATM 1542 O O     . HOH C 3 .   ? 12.279  13.977  -18.697 1.00 40.86 ? 212 HOH A O     1 
HETATM 1543 O O     . HOH C 3 .   ? -6.566  -8.352  8.786   1.00 32.58 ? 213 HOH A O     1 
HETATM 1544 O O     . HOH C 3 .   ? -15.743 11.734  22.589  1.00 38.83 ? 214 HOH A O     1 
HETATM 1545 O O     . HOH C 3 .   ? 2.430   -4.952  20.477  1.00 31.41 ? 215 HOH A O     1 
HETATM 1546 O O     . HOH C 3 .   ? 0.071   -5.261  9.177   1.00 28.11 ? 216 HOH A O     1 
HETATM 1547 O O     . HOH C 3 .   ? 27.040  -8.505  -16.822 1.00 37.03 ? 217 HOH A O     1 
HETATM 1548 O O     . HOH C 3 .   ? -2.227  8.920   28.357  1.00 37.38 ? 218 HOH A O     1 
HETATM 1549 O O     . HOH C 3 .   ? -13.082 -12.319 14.212  1.00 40.56 ? 219 HOH A O     1 
HETATM 1550 O O     . HOH C 3 .   ? -8.413  -8.288  27.265  1.00 37.26 ? 220 HOH A O     1 
HETATM 1551 O O     . HOH C 3 .   ? 20.419  2.797   -27.178 1.00 43.42 ? 221 HOH A O     1 
HETATM 1552 O O     . HOH C 3 .   ? 13.536  11.402  -13.026 1.00 40.72 ? 222 HOH A O     1 
HETATM 1553 O O     . HOH C 3 .   ? -7.220  -10.494 14.876  1.00 27.83 ? 223 HOH A O     1 
HETATM 1554 O O     . HOH C 3 .   ? -8.550  13.621  10.555  1.00 47.97 ? 224 HOH A O     1 
HETATM 1555 O O     . HOH C 3 .   ? -17.097 -7.315  -0.594  1.00 43.36 ? 225 HOH A O     1 
HETATM 1556 O O     . HOH C 3 .   ? -4.390  -9.523  30.947  1.00 30.61 ? 226 HOH A O     1 
HETATM 1557 O O     . HOH C 3 .   ? 8.902   4.057   -9.747  1.00 40.86 ? 227 HOH A O     1 
HETATM 1558 O O     . HOH C 3 .   ? -2.763  -1.362  -2.223  1.00 57.57 ? 228 HOH A O     1 
HETATM 1559 O O     . HOH D 3 .   ? 27.498  -7.149  -12.026 0.64 26.09 ? 8   HOH B O     1 
HETATM 1560 O O     . HOH D 3 .   ? 38.252  -1.750  -5.636  1.00 28.77 ? 15  HOH B O     1 
HETATM 1561 O O     . HOH D 3 .   ? 21.168  -5.716  -10.778 1.00 25.93 ? 16  HOH B O     1 
HETATM 1562 O O     . HOH D 3 .   ? 23.696  -8.324  -9.840  1.00 31.77 ? 23  HOH B O     1 
HETATM 1563 O O     . HOH D 3 .   ? 28.887  0.226   -16.946 1.00 23.90 ? 25  HOH B O     1 
HETATM 1564 O O     . HOH D 3 .   ? 23.252  -7.214  -18.037 1.00 21.50 ? 28  HOH B O     1 
HETATM 1565 O O     . HOH D 3 .   ? 31.659  -2.859  -8.174  1.00 27.91 ? 29  HOH B O     1 
HETATM 1566 O O     . HOH D 3 .   ? 25.654  -4.360  -6.000  1.00 36.01 ? 47  HOH B O     1 
HETATM 1567 O O     . HOH D 3 .   ? 22.133  -6.716  -7.665  1.00 40.32 ? 51  HOH B O     1 
HETATM 1568 O O     . HOH D 3 .   ? 23.208  -2.991  -6.113  1.00 28.30 ? 54  HOH B O     1 
HETATM 1569 O O     . HOH D 3 .   ? 25.018  -1.258  -3.311  1.00 40.84 ? 59  HOH B O     1 
# 
loop_
_pdbx_poly_seq_scheme.asym_id 
_pdbx_poly_seq_scheme.entity_id 
_pdbx_poly_seq_scheme.seq_id 
_pdbx_poly_seq_scheme.mon_id 
_pdbx_poly_seq_scheme.ndb_seq_num 
_pdbx_poly_seq_scheme.pdb_seq_num 
_pdbx_poly_seq_scheme.auth_seq_num 
_pdbx_poly_seq_scheme.pdb_mon_id 
_pdbx_poly_seq_scheme.auth_mon_id 
_pdbx_poly_seq_scheme.pdb_strand_id 
_pdbx_poly_seq_scheme.pdb_ins_code 
_pdbx_poly_seq_scheme.hetero 
A 1 1   SER 1   13  13  SER SER A . n 
A 1 2   ASP 2   14  14  ASP ASP A . n 
A 1 3   ALA 3   15  15  ALA ALA A . n 
A 1 4   ILE 4   16  16  ILE ILE A . n 
A 1 5   LYS 5   17  17  LYS LYS A . n 
A 1 6   MET 6   18  18  MET MET A . n 
A 1 7   PHE 7   19  19  PHE PHE A . n 
A 1 8   VAL 8   20  20  VAL VAL A . n 
A 1 9   GLY 9   21  21  GLY GLY A . n 
A 1 10  GLN 10  22  22  GLN GLN A . n 
A 1 11  VAL 11  23  23  VAL VAL A . n 
A 1 12  PRO 12  24  24  PRO PRO A . n 
A 1 13  ARG 13  25  25  ARG ARG A . n 
A 1 14  THR 14  26  26  THR THR A . n 
A 1 15  TRP 15  27  27  TRP TRP A . n 
A 1 16  SER 16  28  28  SER SER A . n 
A 1 17  GLU 17  29  29  GLU GLU A . n 
A 1 18  LYS 18  30  30  LYS LYS A . n 
A 1 19  ASP 19  31  31  ASP ASP A . n 
A 1 20  LEU 20  32  32  LEU LEU A . n 
A 1 21  ARG 21  33  33  ARG ARG A . n 
A 1 22  GLU 22  34  34  GLU GLU A . n 
A 1 23  LEU 23  35  35  LEU LEU A . n 
A 1 24  PHE 24  36  36  PHE PHE A . n 
A 1 25  GLU 25  37  37  GLU GLU A . n 
A 1 26  GLN 26  38  38  GLN GLN A . n 
A 1 27  TYR 27  39  39  TYR TYR A . n 
A 1 28  GLY 28  40  40  GLY GLY A . n 
A 1 29  ALA 29  41  41  ALA ALA A . n 
A 1 30  VAL 30  42  42  VAL VAL A . n 
A 1 31  TYR 31  43  43  TYR TYR A . n 
A 1 32  GLU 32  44  44  GLU GLU A . n 
A 1 33  ILE 33  45  45  ILE ILE A . n 
A 1 34  ASN 34  46  46  ASN ASN A . n 
A 1 35  VAL 35  47  47  VAL VAL A . n 
A 1 36  LEU 36  48  48  LEU LEU A . n 
A 1 37  ARG 37  49  49  ARG ARG A . n 
A 1 38  ASP 38  50  50  ASP ASP A . n 
A 1 39  ARG 39  51  51  ARG ARG A . n 
A 1 40  SER 40  52  52  SER SER A . n 
A 1 41  GLN 41  53  53  GLN GLN A . n 
A 1 42  ASN 42  54  54  ASN ASN A . n 
A 1 43  PRO 43  55  55  PRO PRO A . n 
A 1 44  PRO 44  56  56  PRO PRO A . n 
A 1 45  GLN 45  57  57  GLN GLN A . n 
A 1 46  SER 46  58  58  SER SER A . n 
A 1 47  LYS 47  59  59  LYS LYS A . n 
A 1 48  GLY 48  60  60  GLY GLY A . n 
A 1 49  CYS 49  61  61  CYS CYS A . n 
A 1 50  CYS 50  62  62  CYS CYS A . n 
A 1 51  PHE 51  63  63  PHE PHE A . n 
A 1 52  VAL 52  64  64  VAL VAL A . n 
A 1 53  THR 53  65  65  THR THR A . n 
A 1 54  PHE 54  66  66  PHE PHE A . n 
A 1 55  TYR 55  67  67  TYR TYR A . n 
A 1 56  THR 56  68  68  THR THR A . n 
A 1 57  ARG 57  69  69  ARG ARG A . n 
A 1 58  LYS 58  70  70  LYS LYS A . n 
A 1 59  ALA 59  71  71  ALA ALA A . n 
A 1 60  ALA 60  72  72  ALA ALA A . n 
A 1 61  LEU 61  73  73  LEU LEU A . n 
A 1 62  GLU 62  74  74  GLU GLU A . n 
A 1 63  ALA 63  75  75  ALA ALA A . n 
A 1 64  GLN 64  76  76  GLN GLN A . n 
A 1 65  ASN 65  77  77  ASN ASN A . n 
A 1 66  ALA 66  78  78  ALA ALA A . n 
A 1 67  LEU 67  79  79  LEU LEU A . n 
A 1 68  HIS 68  80  80  HIS HIS A . n 
A 1 69  ASN 69  81  81  ASN ASN A . n 
A 1 70  MET 70  82  82  MET MET A . n 
A 1 71  LYS 71  83  83  LYS LYS A . n 
A 1 72  VAL 72  84  84  VAL VAL A . n 
A 1 73  LEU 73  85  85  LEU LEU A . n 
A 1 74  PRO 74  86  86  PRO PRO A . n 
A 1 75  GLY 75  87  87  GLY GLY A . n 
A 1 76  MET 76  88  88  MET MET A . n 
A 1 77  HIS 77  89  89  HIS HIS A . n 
A 1 78  HIS 78  90  90  HIS HIS A . n 
A 1 79  PRO 79  91  91  PRO PRO A . n 
A 1 80  ILE 80  92  92  ILE ILE A . n 
A 1 81  GLN 81  93  93  GLN GLN A . n 
A 1 82  MET 82  94  94  MET MET A . n 
A 1 83  LYS 83  95  95  LYS LYS A . n 
A 1 84  PRO 84  96  96  PRO PRO A . n 
A 1 85  ALA 85  97  97  ALA ALA A . n 
A 1 86  ASP 86  98  98  ASP ASP A . n 
A 1 87  SER 87  99  99  SER SER A . n 
A 1 88  GLU 88  100 100 GLU GLU A . n 
A 1 89  LYS 89  101 101 LYS LYS A . n 
A 1 90  ASN 90  102 102 ASN ASN A . n 
A 1 91  ASN 91  103 103 ASN ASN A . n 
A 1 92  ALA 92  104 104 ALA ALA A . n 
A 1 93  VAL 93  105 105 VAL VAL A . n 
A 1 94  GLU 94  106 106 GLU GLU A . n 
A 1 95  ASP 95  107 107 ASP ASP A . n 
A 1 96  ARG 96  108 108 ARG ARG A . n 
A 1 97  LYS 97  109 109 LYS LYS A . n 
A 1 98  LEU 98  110 110 LEU LEU A . n 
A 1 99  PHE 99  111 111 PHE PHE A . n 
A 1 100 ILE 100 112 112 ILE ILE A . n 
A 1 101 GLY 101 113 113 GLY GLY A . n 
A 1 102 MET 102 114 114 MET MET A . n 
A 1 103 ILE 103 115 115 ILE ILE A . n 
A 1 104 SER 104 116 116 SER SER A . n 
A 1 105 LYS 105 117 117 LYS LYS A . n 
A 1 106 LYS 106 118 118 LYS LYS A . n 
A 1 107 CYS 107 119 119 CYS CYS A . n 
A 1 108 THR 108 120 120 THR THR A . n 
A 1 109 GLU 109 121 121 GLU GLU A . n 
A 1 110 ASN 110 122 122 ASN ASN A . n 
A 1 111 ASP 111 123 123 ASP ASP A . n 
A 1 112 ILE 112 124 124 ILE ILE A . n 
A 1 113 ARG 113 125 125 ARG ARG A . n 
A 1 114 VAL 114 126 126 VAL VAL A . n 
A 1 115 MET 115 127 127 MET MET A . n 
A 1 116 PHE 116 128 128 PHE PHE A . n 
A 1 117 SER 117 129 129 SER SER A . n 
A 1 118 SER 118 130 130 SER SER A . n 
A 1 119 PHE 119 131 131 PHE PHE A . n 
A 1 120 GLY 120 132 132 GLY GLY A . n 
A 1 121 GLN 121 133 133 GLN GLN A . n 
A 1 122 ILE 122 134 134 ILE ILE A . n 
A 1 123 GLU 123 135 135 GLU GLU A . n 
A 1 124 GLU 124 136 136 GLU GLU A . n 
A 1 125 CYS 125 137 137 CYS CYS A . n 
A 1 126 ARG 126 138 138 ARG ARG A . n 
A 1 127 ILE 127 139 139 ILE ILE A . n 
A 1 128 LEU 128 140 140 LEU LEU A . n 
A 1 129 ARG 129 141 141 ARG ARG A . n 
A 1 130 GLY 130 142 142 GLY GLY A . n 
A 1 131 PRO 131 143 143 PRO PRO A . n 
A 1 132 ASP 132 144 144 ASP ASP A . n 
A 1 133 GLY 133 145 145 GLY GLY A . n 
A 1 134 LEU 134 146 146 LEU LEU A . n 
A 1 135 SER 135 147 147 SER SER A . n 
A 1 136 ARG 136 148 148 ARG ARG A . n 
A 1 137 GLY 137 149 149 GLY GLY A . n 
A 1 138 CYS 138 150 150 CYS CYS A . n 
A 1 139 ALA 139 151 151 ALA ALA A . n 
A 1 140 PHE 140 152 152 PHE PHE A . n 
A 1 141 VAL 141 153 153 VAL VAL A . n 
A 1 142 THR 142 154 154 THR THR A . n 
A 1 143 PHE 143 155 155 PHE PHE A . n 
A 1 144 THR 144 156 156 THR THR A . n 
A 1 145 THR 145 157 157 THR THR A . n 
A 1 146 ARG 146 158 158 ARG ARG A . n 
A 1 147 ALA 147 159 159 ALA ALA A . n 
A 1 148 MET 148 160 160 MET MET A . n 
A 1 149 ALA 149 161 161 ALA ALA A . n 
A 1 150 GLN 150 162 162 GLN GLN A . n 
A 1 151 THR 151 163 163 THR THR A . n 
A 1 152 ALA 152 164 164 ALA ALA A . n 
A 1 153 ILE 153 165 165 ILE ILE A . n 
A 1 154 LYS 154 166 166 LYS LYS A . n 
A 1 155 ALA 155 167 167 ALA ALA A . n 
A 1 156 MET 156 168 168 MET MET A . n 
A 1 157 HIS 157 169 169 HIS HIS A . n 
A 1 158 GLN 158 170 170 GLN GLN A . n 
A 1 159 ALA 159 171 171 ALA ALA A . n 
A 1 160 GLN 160 172 172 GLN GLN A . n 
A 1 161 THR 161 173 173 THR THR A . n 
A 1 162 MET 162 174 174 MET MET A . n 
A 1 163 GLU 163 175 175 GLU GLU A . n 
A 1 164 GLY 164 176 176 GLY GLY A . n 
A 1 165 CYS 165 177 177 CYS CYS A . n 
A 1 166 SER 166 178 178 SER SER A . n 
A 1 167 SER 167 179 179 SER SER A . n 
A 1 168 PRO 168 180 180 PRO PRO A . n 
A 1 169 MET 169 181 181 MET MET A . n 
A 1 170 VAL 170 182 182 VAL VAL A . n 
A 1 171 VAL 171 183 183 VAL VAL A . n 
A 1 172 LYS 172 184 184 LYS LYS A . n 
A 1 173 PHE 173 185 185 PHE PHE A . n 
A 1 174 ALA 174 186 186 ALA ALA A . n 
A 1 175 ASP 175 187 187 ASP ASP A . n 
B 2 1   U   1   -5  ?   ?   ?   B . n 
B 2 2   G   2   -4  ?   ?   ?   B . n 
B 2 3   U   3   -3  ?   ?   ?   B . n 
B 2 4   G   4   -2  ?   ?   ?   B . n 
B 2 5   U   5   -1  ?   ?   ?   B . n 
B 2 6   G   6   0   ?   ?   ?   B . n 
B 2 7   U   7   1   1   U   U   B . n 
B 2 8   U   8   2   2   U   U   B . n 
B 2 9   G   9   3   3   G   G   B . n 
B 2 10  U   10  4   4   U   U   B . n 
B 2 11  G   11  5   5   G   G   B . n 
B 2 12  U   12  6   6   U   U   B . n 
B 2 13  G   13  7   7   G   G   B . n 
# 
loop_
_pdbx_nonpoly_scheme.asym_id 
_pdbx_nonpoly_scheme.entity_id 
_pdbx_nonpoly_scheme.mon_id 
_pdbx_nonpoly_scheme.ndb_seq_num 
_pdbx_nonpoly_scheme.pdb_seq_num 
_pdbx_nonpoly_scheme.auth_seq_num 
_pdbx_nonpoly_scheme.pdb_mon_id 
_pdbx_nonpoly_scheme.auth_mon_id 
_pdbx_nonpoly_scheme.pdb_strand_id 
_pdbx_nonpoly_scheme.pdb_ins_code 
C 3 HOH 1  2   2  HOH HOH A . 
C 3 HOH 2  3   3  HOH HOH A . 
C 3 HOH 3  4   4  HOH HOH A . 
C 3 HOH 4  5   5  HOH HOH A . 
C 3 HOH 5  6   6  HOH HOH A . 
C 3 HOH 6  7   7  HOH HOH A . 
C 3 HOH 7  8   8  HOH HOH A . 
C 3 HOH 8  9   9  HOH HOH A . 
C 3 HOH 9  10  10 HOH HOH A . 
C 3 HOH 10 11  11 HOH HOH A . 
C 3 HOH 11 12  12 HOH HOH A . 
C 3 HOH 12 188 13 HOH HOH A . 
C 3 HOH 13 189 14 HOH HOH A . 
C 3 HOH 14 190 17 HOH HOH A . 
C 3 HOH 15 191 18 HOH HOH A . 
C 3 HOH 16 192 19 HOH HOH A . 
C 3 HOH 17 193 20 HOH HOH A . 
C 3 HOH 18 194 21 HOH HOH A . 
C 3 HOH 19 195 22 HOH HOH A . 
C 3 HOH 20 196 24 HOH HOH A . 
C 3 HOH 21 197 26 HOH HOH A . 
C 3 HOH 22 198 27 HOH HOH A . 
C 3 HOH 23 199 30 HOH HOH A . 
C 3 HOH 24 200 31 HOH HOH A . 
C 3 HOH 25 201 32 HOH HOH A . 
C 3 HOH 26 202 33 HOH HOH A . 
C 3 HOH 27 203 34 HOH HOH A . 
C 3 HOH 28 204 35 HOH HOH A . 
C 3 HOH 29 205 36 HOH HOH A . 
C 3 HOH 30 206 37 HOH HOH A . 
C 3 HOH 31 207 38 HOH HOH A . 
C 3 HOH 32 208 39 HOH HOH A . 
C 3 HOH 33 209 40 HOH HOH A . 
C 3 HOH 34 210 41 HOH HOH A . 
C 3 HOH 35 211 42 HOH HOH A . 
C 3 HOH 36 212 43 HOH HOH A . 
C 3 HOH 37 213 44 HOH HOH A . 
C 3 HOH 38 214 45 HOH HOH A . 
C 3 HOH 39 215 46 HOH HOH A . 
C 3 HOH 40 216 48 HOH HOH A . 
C 3 HOH 41 217 49 HOH HOH A . 
C 3 HOH 42 218 50 HOH HOH A . 
C 3 HOH 43 219 52 HOH HOH A . 
C 3 HOH 44 220 53 HOH HOH A . 
C 3 HOH 45 221 55 HOH HOH A . 
C 3 HOH 46 222 56 HOH HOH A . 
C 3 HOH 47 223 57 HOH HOH A . 
C 3 HOH 48 224 58 HOH HOH A . 
C 3 HOH 49 225 60 HOH HOH A . 
C 3 HOH 50 226 61 HOH HOH A . 
C 3 HOH 51 227 63 HOH HOH A . 
C 3 HOH 52 228 64 HOH HOH A . 
D 3 HOH 1  8   1  HOH HOH B . 
D 3 HOH 2  15  15 HOH HOH B . 
D 3 HOH 3  16  16 HOH HOH B . 
D 3 HOH 4  23  23 HOH HOH B . 
D 3 HOH 5  25  25 HOH HOH B . 
D 3 HOH 6  28  28 HOH HOH B . 
D 3 HOH 7  29  29 HOH HOH B . 
D 3 HOH 8  47  47 HOH HOH B . 
D 3 HOH 9  51  51 HOH HOH B . 
D 3 HOH 10 54  54 HOH HOH B . 
D 3 HOH 11 59  59 HOH HOH B . 
# 
loop_
_pdbx_struct_assembly.id 
_pdbx_struct_assembly.details 
_pdbx_struct_assembly.method_details 
_pdbx_struct_assembly.oligomeric_details 
_pdbx_struct_assembly.oligomeric_count 
1 author_and_software_defined_assembly PISA dimeric   2 
2 software_defined_assembly            PISA octameric 8 
# 
loop_
_pdbx_struct_assembly_gen.assembly_id 
_pdbx_struct_assembly_gen.oper_expression 
_pdbx_struct_assembly_gen.asym_id_list 
1 1       A,B,C,D 
2 1,2,3,4 A,B,C,D 
# 
loop_
_pdbx_struct_assembly_prop.biol_id 
_pdbx_struct_assembly_prop.type 
_pdbx_struct_assembly_prop.value 
_pdbx_struct_assembly_prop.details 
1 'ABSA (A^2)' 1140  ? 
1 MORE         -10   ? 
1 'SSA (A^2)'  11440 ? 
2 'ABSA (A^2)' 14910 ? 
2 MORE         -56   ? 
2 'SSA (A^2)'  35420 ? 
# 
loop_
_pdbx_struct_oper_list.id 
_pdbx_struct_oper_list.type 
_pdbx_struct_oper_list.name 
_pdbx_struct_oper_list.symmetry_operation 
_pdbx_struct_oper_list.matrix[1][1] 
_pdbx_struct_oper_list.matrix[1][2] 
_pdbx_struct_oper_list.matrix[1][3] 
_pdbx_struct_oper_list.vector[1] 
_pdbx_struct_oper_list.matrix[2][1] 
_pdbx_struct_oper_list.matrix[2][2] 
_pdbx_struct_oper_list.matrix[2][3] 
_pdbx_struct_oper_list.vector[2] 
_pdbx_struct_oper_list.matrix[3][1] 
_pdbx_struct_oper_list.matrix[3][2] 
_pdbx_struct_oper_list.matrix[3][3] 
_pdbx_struct_oper_list.vector[3] 
1 'identity operation'         1_555 x,y,z       1.0000000000  0.0000000000  0.0000000000  0.0000000000  0.0000000000  1.0000000000  0.0000000000  0.0000000000   0.0000000000  0.0000000000  1.0000000000  0.0000000000   
2 'crystal symmetry operation' 2_665 -x+1,-y+1,z -0.2965571279 -0.0306811106 -0.9545221524 23.9004934646 -0.0306811106 -0.9986618237 0.0416320940  -12.9626159754 -0.9545221524 0.0416320940  0.2952189516  18.0303193380  
3 'crystal symmetry operation' 3_656 -x+1,y,-z+1 0.2516929813  0.3237861948  0.9120379067  13.3593017046 0.3237861948  -0.9162434387 0.2359246938  -18.8757163992 0.9120379067  0.2359246938  -0.3354495426 -11.6333408012 
4 'crystal symmetry operation' 4_566 x,-y+1,-z+1 -0.9551358534 -0.2931050842 0.0424842457  31.6221067641 -0.2931050842 0.9149052624  -0.2775567877 4.9936428376   0.0424842457  -0.2775567877 -0.9597694090 1.0583516468 
# 
_pdbx_struct_special_symmetry.id              1 
_pdbx_struct_special_symmetry.PDB_model_num   1 
_pdbx_struct_special_symmetry.auth_asym_id    B 
_pdbx_struct_special_symmetry.auth_comp_id    HOH 
_pdbx_struct_special_symmetry.auth_seq_id     8 
_pdbx_struct_special_symmetry.PDB_ins_code    ? 
_pdbx_struct_special_symmetry.label_asym_id   D 
_pdbx_struct_special_symmetry.label_comp_id   HOH 
_pdbx_struct_special_symmetry.label_seq_id    . 
# 
loop_
_pdbx_audit_revision_history.ordinal 
_pdbx_audit_revision_history.data_content_type 
_pdbx_audit_revision_history.major_revision 
_pdbx_audit_revision_history.minor_revision 
_pdbx_audit_revision_history.revision_date 
1 'Structure model' 1 0 2010-10-27 
2 'Structure model' 1 1 2011-07-13 
3 'Structure model' 1 2 2014-10-08 
4 'Structure model' 1 3 2023-09-06 
# 
_pdbx_audit_revision_details.ordinal             1 
_pdbx_audit_revision_details.revision_ordinal    1 
_pdbx_audit_revision_details.data_content_type   'Structure model' 
_pdbx_audit_revision_details.provider            repository 
_pdbx_audit_revision_details.type                'Initial release' 
_pdbx_audit_revision_details.description         ? 
_pdbx_audit_revision_details.details             ? 
# 
loop_
_pdbx_audit_revision_group.ordinal 
_pdbx_audit_revision_group.revision_ordinal 
_pdbx_audit_revision_group.data_content_type 
_pdbx_audit_revision_group.group 
1 2 'Structure model' 'Version format compliance' 
2 3 'Structure model' 'Structure summary'         
3 4 'Structure model' 'Data collection'           
4 4 'Structure model' 'Database references'       
5 4 'Structure model' 'Refinement description'    
# 
loop_
_pdbx_audit_revision_category.ordinal 
_pdbx_audit_revision_category.revision_ordinal 
_pdbx_audit_revision_category.data_content_type 
_pdbx_audit_revision_category.category 
1 4 'Structure model' chem_comp_atom                
2 4 'Structure model' chem_comp_bond                
3 4 'Structure model' database_2                    
4 4 'Structure model' pdbx_initial_refinement_model 
5 4 'Structure model' struct_ref_seq_dif            
# 
loop_
_pdbx_audit_revision_item.ordinal 
_pdbx_audit_revision_item.revision_ordinal 
_pdbx_audit_revision_item.data_content_type 
_pdbx_audit_revision_item.item 
1 4 'Structure model' '_database_2.pdbx_DOI'                
2 4 'Structure model' '_database_2.pdbx_database_accession' 
3 4 'Structure model' '_struct_ref_seq_dif.details'         
# 
loop_
_software.name 
_software.classification 
_software.version 
_software.citation_id 
_software.pdbx_ordinal 
ADSC     'data collection' Quantum                      ? 1 
MOLREP   phasing           .                            ? 2 
PHENIX   refinement        '(phenix.refine: 1.6.2_432)' ? 3 
HKL-2000 'data reduction'  .                            ? 4 
HKL-2000 'data scaling'    .                            ? 5 
# 
loop_
_pdbx_validate_torsion.id 
_pdbx_validate_torsion.PDB_model_num 
_pdbx_validate_torsion.auth_comp_id 
_pdbx_validate_torsion.auth_asym_id 
_pdbx_validate_torsion.auth_seq_id 
_pdbx_validate_torsion.PDB_ins_code 
_pdbx_validate_torsion.label_alt_id 
_pdbx_validate_torsion.phi 
_pdbx_validate_torsion.psi 
1 1 ASN A 81  ? ? 48.44   7.10    
2 1 ASN A 102 ? ? -105.41 -102.38 
# 
loop_
_pdbx_unobs_or_zero_occ_atoms.id 
_pdbx_unobs_or_zero_occ_atoms.PDB_model_num 
_pdbx_unobs_or_zero_occ_atoms.polymer_flag 
_pdbx_unobs_or_zero_occ_atoms.occupancy_flag 
_pdbx_unobs_or_zero_occ_atoms.auth_asym_id 
_pdbx_unobs_or_zero_occ_atoms.auth_comp_id 
_pdbx_unobs_or_zero_occ_atoms.auth_seq_id 
_pdbx_unobs_or_zero_occ_atoms.PDB_ins_code 
_pdbx_unobs_or_zero_occ_atoms.auth_atom_id 
_pdbx_unobs_or_zero_occ_atoms.label_alt_id 
_pdbx_unobs_or_zero_occ_atoms.label_asym_id 
_pdbx_unobs_or_zero_occ_atoms.label_comp_id 
_pdbx_unobs_or_zero_occ_atoms.label_seq_id 
_pdbx_unobs_or_zero_occ_atoms.label_atom_id 
1  1 Y 1 B G 7 ? "C5'" ? B G 13 "C5'" 
2  1 Y 1 B G 7 ? "C4'" ? B G 13 "C4'" 
3  1 Y 1 B G 7 ? "O4'" ? B G 13 "O4'" 
4  1 Y 1 B G 7 ? "C3'" ? B G 13 "C3'" 
5  1 Y 1 B G 7 ? "O3'" ? B G 13 "O3'" 
6  1 Y 1 B G 7 ? "C2'" ? B G 13 "C2'" 
7  1 Y 1 B G 7 ? "O2'" ? B G 13 "O2'" 
8  1 Y 1 B G 7 ? "C1'" ? B G 13 "C1'" 
9  1 Y 1 B G 7 ? N9    ? B G 13 N9    
10 1 Y 1 B G 7 ? C8    ? B G 13 C8    
11 1 Y 1 B G 7 ? N7    ? B G 13 N7    
12 1 Y 1 B G 7 ? C5    ? B G 13 C5    
13 1 Y 1 B G 7 ? C6    ? B G 13 C6    
14 1 Y 1 B G 7 ? O6    ? B G 13 O6    
15 1 Y 1 B G 7 ? N1    ? B G 13 N1    
16 1 Y 1 B G 7 ? C2    ? B G 13 C2    
17 1 Y 1 B G 7 ? N2    ? B G 13 N2    
18 1 Y 1 B G 7 ? N3    ? B G 13 N3    
19 1 Y 1 B G 7 ? C4    ? B G 13 C4    
# 
loop_
_pdbx_unobs_or_zero_occ_residues.id 
_pdbx_unobs_or_zero_occ_residues.PDB_model_num 
_pdbx_unobs_or_zero_occ_residues.polymer_flag 
_pdbx_unobs_or_zero_occ_residues.occupancy_flag 
_pdbx_unobs_or_zero_occ_residues.auth_asym_id 
_pdbx_unobs_or_zero_occ_residues.auth_comp_id 
_pdbx_unobs_or_zero_occ_residues.auth_seq_id 
_pdbx_unobs_or_zero_occ_residues.PDB_ins_code 
_pdbx_unobs_or_zero_occ_residues.label_asym_id 
_pdbx_unobs_or_zero_occ_residues.label_comp_id 
_pdbx_unobs_or_zero_occ_residues.label_seq_id 
1 1 Y 1 B U -5 ? B U 1 
2 1 Y 1 B G -4 ? B G 2 
3 1 Y 1 B U -3 ? B U 3 
4 1 Y 1 B G -2 ? B G 4 
5 1 Y 1 B U -1 ? B U 5 
6 1 Y 1 B G 0  ? B G 6 
# 
loop_
_chem_comp_atom.comp_id 
_chem_comp_atom.atom_id 
_chem_comp_atom.type_symbol 
_chem_comp_atom.pdbx_aromatic_flag 
_chem_comp_atom.pdbx_stereo_config 
_chem_comp_atom.pdbx_ordinal 
ALA N      N N N 1   
ALA CA     C N S 2   
ALA C      C N N 3   
ALA O      O N N 4   
ALA CB     C N N 5   
ALA OXT    O N N 6   
ALA H      H N N 7   
ALA H2     H N N 8   
ALA HA     H N N 9   
ALA HB1    H N N 10  
ALA HB2    H N N 11  
ALA HB3    H N N 12  
ALA HXT    H N N 13  
ARG N      N N N 14  
ARG CA     C N S 15  
ARG C      C N N 16  
ARG O      O N N 17  
ARG CB     C N N 18  
ARG CG     C N N 19  
ARG CD     C N N 20  
ARG NE     N N N 21  
ARG CZ     C N N 22  
ARG NH1    N N N 23  
ARG NH2    N N N 24  
ARG OXT    O N N 25  
ARG H      H N N 26  
ARG H2     H N N 27  
ARG HA     H N N 28  
ARG HB2    H N N 29  
ARG HB3    H N N 30  
ARG HG2    H N N 31  
ARG HG3    H N N 32  
ARG HD2    H N N 33  
ARG HD3    H N N 34  
ARG HE     H N N 35  
ARG HH11   H N N 36  
ARG HH12   H N N 37  
ARG HH21   H N N 38  
ARG HH22   H N N 39  
ARG HXT    H N N 40  
ASN N      N N N 41  
ASN CA     C N S 42  
ASN C      C N N 43  
ASN O      O N N 44  
ASN CB     C N N 45  
ASN CG     C N N 46  
ASN OD1    O N N 47  
ASN ND2    N N N 48  
ASN OXT    O N N 49  
ASN H      H N N 50  
ASN H2     H N N 51  
ASN HA     H N N 52  
ASN HB2    H N N 53  
ASN HB3    H N N 54  
ASN HD21   H N N 55  
ASN HD22   H N N 56  
ASN HXT    H N N 57  
ASP N      N N N 58  
ASP CA     C N S 59  
ASP C      C N N 60  
ASP O      O N N 61  
ASP CB     C N N 62  
ASP CG     C N N 63  
ASP OD1    O N N 64  
ASP OD2    O N N 65  
ASP OXT    O N N 66  
ASP H      H N N 67  
ASP H2     H N N 68  
ASP HA     H N N 69  
ASP HB2    H N N 70  
ASP HB3    H N N 71  
ASP HD2    H N N 72  
ASP HXT    H N N 73  
CYS N      N N N 74  
CYS CA     C N R 75  
CYS C      C N N 76  
CYS O      O N N 77  
CYS CB     C N N 78  
CYS SG     S N N 79  
CYS OXT    O N N 80  
CYS H      H N N 81  
CYS H2     H N N 82  
CYS HA     H N N 83  
CYS HB2    H N N 84  
CYS HB3    H N N 85  
CYS HG     H N N 86  
CYS HXT    H N N 87  
G   OP3    O N N 88  
G   P      P N N 89  
G   OP1    O N N 90  
G   OP2    O N N 91  
G   "O5'"  O N N 92  
G   "C5'"  C N N 93  
G   "C4'"  C N R 94  
G   "O4'"  O N N 95  
G   "C3'"  C N S 96  
G   "O3'"  O N N 97  
G   "C2'"  C N R 98  
G   "O2'"  O N N 99  
G   "C1'"  C N R 100 
G   N9     N Y N 101 
G   C8     C Y N 102 
G   N7     N Y N 103 
G   C5     C Y N 104 
G   C6     C N N 105 
G   O6     O N N 106 
G   N1     N N N 107 
G   C2     C N N 108 
G   N2     N N N 109 
G   N3     N N N 110 
G   C4     C Y N 111 
G   HOP3   H N N 112 
G   HOP2   H N N 113 
G   "H5'"  H N N 114 
G   "H5''" H N N 115 
G   "H4'"  H N N 116 
G   "H3'"  H N N 117 
G   "HO3'" H N N 118 
G   "H2'"  H N N 119 
G   "HO2'" H N N 120 
G   "H1'"  H N N 121 
G   H8     H N N 122 
G   H1     H N N 123 
G   H21    H N N 124 
G   H22    H N N 125 
GLN N      N N N 126 
GLN CA     C N S 127 
GLN C      C N N 128 
GLN O      O N N 129 
GLN CB     C N N 130 
GLN CG     C N N 131 
GLN CD     C N N 132 
GLN OE1    O N N 133 
GLN NE2    N N N 134 
GLN OXT    O N N 135 
GLN H      H N N 136 
GLN H2     H N N 137 
GLN HA     H N N 138 
GLN HB2    H N N 139 
GLN HB3    H N N 140 
GLN HG2    H N N 141 
GLN HG3    H N N 142 
GLN HE21   H N N 143 
GLN HE22   H N N 144 
GLN HXT    H N N 145 
GLU N      N N N 146 
GLU CA     C N S 147 
GLU C      C N N 148 
GLU O      O N N 149 
GLU CB     C N N 150 
GLU CG     C N N 151 
GLU CD     C N N 152 
GLU OE1    O N N 153 
GLU OE2    O N N 154 
GLU OXT    O N N 155 
GLU H      H N N 156 
GLU H2     H N N 157 
GLU HA     H N N 158 
GLU HB2    H N N 159 
GLU HB3    H N N 160 
GLU HG2    H N N 161 
GLU HG3    H N N 162 
GLU HE2    H N N 163 
GLU HXT    H N N 164 
GLY N      N N N 165 
GLY CA     C N N 166 
GLY C      C N N 167 
GLY O      O N N 168 
GLY OXT    O N N 169 
GLY H      H N N 170 
GLY H2     H N N 171 
GLY HA2    H N N 172 
GLY HA3    H N N 173 
GLY HXT    H N N 174 
HIS N      N N N 175 
HIS CA     C N S 176 
HIS C      C N N 177 
HIS O      O N N 178 
HIS CB     C N N 179 
HIS CG     C Y N 180 
HIS ND1    N Y N 181 
HIS CD2    C Y N 182 
HIS CE1    C Y N 183 
HIS NE2    N Y N 184 
HIS OXT    O N N 185 
HIS H      H N N 186 
HIS H2     H N N 187 
HIS HA     H N N 188 
HIS HB2    H N N 189 
HIS HB3    H N N 190 
HIS HD1    H N N 191 
HIS HD2    H N N 192 
HIS HE1    H N N 193 
HIS HE2    H N N 194 
HIS HXT    H N N 195 
HOH O      O N N 196 
HOH H1     H N N 197 
HOH H2     H N N 198 
ILE N      N N N 199 
ILE CA     C N S 200 
ILE C      C N N 201 
ILE O      O N N 202 
ILE CB     C N S 203 
ILE CG1    C N N 204 
ILE CG2    C N N 205 
ILE CD1    C N N 206 
ILE OXT    O N N 207 
ILE H      H N N 208 
ILE H2     H N N 209 
ILE HA     H N N 210 
ILE HB     H N N 211 
ILE HG12   H N N 212 
ILE HG13   H N N 213 
ILE HG21   H N N 214 
ILE HG22   H N N 215 
ILE HG23   H N N 216 
ILE HD11   H N N 217 
ILE HD12   H N N 218 
ILE HD13   H N N 219 
ILE HXT    H N N 220 
LEU N      N N N 221 
LEU CA     C N S 222 
LEU C      C N N 223 
LEU O      O N N 224 
LEU CB     C N N 225 
LEU CG     C N N 226 
LEU CD1    C N N 227 
LEU CD2    C N N 228 
LEU OXT    O N N 229 
LEU H      H N N 230 
LEU H2     H N N 231 
LEU HA     H N N 232 
LEU HB2    H N N 233 
LEU HB3    H N N 234 
LEU HG     H N N 235 
LEU HD11   H N N 236 
LEU HD12   H N N 237 
LEU HD13   H N N 238 
LEU HD21   H N N 239 
LEU HD22   H N N 240 
LEU HD23   H N N 241 
LEU HXT    H N N 242 
LYS N      N N N 243 
LYS CA     C N S 244 
LYS C      C N N 245 
LYS O      O N N 246 
LYS CB     C N N 247 
LYS CG     C N N 248 
LYS CD     C N N 249 
LYS CE     C N N 250 
LYS NZ     N N N 251 
LYS OXT    O N N 252 
LYS H      H N N 253 
LYS H2     H N N 254 
LYS HA     H N N 255 
LYS HB2    H N N 256 
LYS HB3    H N N 257 
LYS HG2    H N N 258 
LYS HG3    H N N 259 
LYS HD2    H N N 260 
LYS HD3    H N N 261 
LYS HE2    H N N 262 
LYS HE3    H N N 263 
LYS HZ1    H N N 264 
LYS HZ2    H N N 265 
LYS HZ3    H N N 266 
LYS HXT    H N N 267 
MET N      N N N 268 
MET CA     C N S 269 
MET C      C N N 270 
MET O      O N N 271 
MET CB     C N N 272 
MET CG     C N N 273 
MET SD     S N N 274 
MET CE     C N N 275 
MET OXT    O N N 276 
MET H      H N N 277 
MET H2     H N N 278 
MET HA     H N N 279 
MET HB2    H N N 280 
MET HB3    H N N 281 
MET HG2    H N N 282 
MET HG3    H N N 283 
MET HE1    H N N 284 
MET HE2    H N N 285 
MET HE3    H N N 286 
MET HXT    H N N 287 
PHE N      N N N 288 
PHE CA     C N S 289 
PHE C      C N N 290 
PHE O      O N N 291 
PHE CB     C N N 292 
PHE CG     C Y N 293 
PHE CD1    C Y N 294 
PHE CD2    C Y N 295 
PHE CE1    C Y N 296 
PHE CE2    C Y N 297 
PHE CZ     C Y N 298 
PHE OXT    O N N 299 
PHE H      H N N 300 
PHE H2     H N N 301 
PHE HA     H N N 302 
PHE HB2    H N N 303 
PHE HB3    H N N 304 
PHE HD1    H N N 305 
PHE HD2    H N N 306 
PHE HE1    H N N 307 
PHE HE2    H N N 308 
PHE HZ     H N N 309 
PHE HXT    H N N 310 
PRO N      N N N 311 
PRO CA     C N S 312 
PRO C      C N N 313 
PRO O      O N N 314 
PRO CB     C N N 315 
PRO CG     C N N 316 
PRO CD     C N N 317 
PRO OXT    O N N 318 
PRO H      H N N 319 
PRO HA     H N N 320 
PRO HB2    H N N 321 
PRO HB3    H N N 322 
PRO HG2    H N N 323 
PRO HG3    H N N 324 
PRO HD2    H N N 325 
PRO HD3    H N N 326 
PRO HXT    H N N 327 
SER N      N N N 328 
SER CA     C N S 329 
SER C      C N N 330 
SER O      O N N 331 
SER CB     C N N 332 
SER OG     O N N 333 
SER OXT    O N N 334 
SER H      H N N 335 
SER H2     H N N 336 
SER HA     H N N 337 
SER HB2    H N N 338 
SER HB3    H N N 339 
SER HG     H N N 340 
SER HXT    H N N 341 
THR N      N N N 342 
THR CA     C N S 343 
THR C      C N N 344 
THR O      O N N 345 
THR CB     C N R 346 
THR OG1    O N N 347 
THR CG2    C N N 348 
THR OXT    O N N 349 
THR H      H N N 350 
THR H2     H N N 351 
THR HA     H N N 352 
THR HB     H N N 353 
THR HG1    H N N 354 
THR HG21   H N N 355 
THR HG22   H N N 356 
THR HG23   H N N 357 
THR HXT    H N N 358 
TRP N      N N N 359 
TRP CA     C N S 360 
TRP C      C N N 361 
TRP O      O N N 362 
TRP CB     C N N 363 
TRP CG     C Y N 364 
TRP CD1    C Y N 365 
TRP CD2    C Y N 366 
TRP NE1    N Y N 367 
TRP CE2    C Y N 368 
TRP CE3    C Y N 369 
TRP CZ2    C Y N 370 
TRP CZ3    C Y N 371 
TRP CH2    C Y N 372 
TRP OXT    O N N 373 
TRP H      H N N 374 
TRP H2     H N N 375 
TRP HA     H N N 376 
TRP HB2    H N N 377 
TRP HB3    H N N 378 
TRP HD1    H N N 379 
TRP HE1    H N N 380 
TRP HE3    H N N 381 
TRP HZ2    H N N 382 
TRP HZ3    H N N 383 
TRP HH2    H N N 384 
TRP HXT    H N N 385 
TYR N      N N N 386 
TYR CA     C N S 387 
TYR C      C N N 388 
TYR O      O N N 389 
TYR CB     C N N 390 
TYR CG     C Y N 391 
TYR CD1    C Y N 392 
TYR CD2    C Y N 393 
TYR CE1    C Y N 394 
TYR CE2    C Y N 395 
TYR CZ     C Y N 396 
TYR OH     O N N 397 
TYR OXT    O N N 398 
TYR H      H N N 399 
TYR H2     H N N 400 
TYR HA     H N N 401 
TYR HB2    H N N 402 
TYR HB3    H N N 403 
TYR HD1    H N N 404 
TYR HD2    H N N 405 
TYR HE1    H N N 406 
TYR HE2    H N N 407 
TYR HH     H N N 408 
TYR HXT    H N N 409 
U   OP3    O N N 410 
U   P      P N N 411 
U   OP1    O N N 412 
U   OP2    O N N 413 
U   "O5'"  O N N 414 
U   "C5'"  C N N 415 
U   "C4'"  C N R 416 
U   "O4'"  O N N 417 
U   "C3'"  C N S 418 
U   "O3'"  O N N 419 
U   "C2'"  C N R 420 
U   "O2'"  O N N 421 
U   "C1'"  C N R 422 
U   N1     N N N 423 
U   C2     C N N 424 
U   O2     O N N 425 
U   N3     N N N 426 
U   C4     C N N 427 
U   O4     O N N 428 
U   C5     C N N 429 
U   C6     C N N 430 
U   HOP3   H N N 431 
U   HOP2   H N N 432 
U   "H5'"  H N N 433 
U   "H5''" H N N 434 
U   "H4'"  H N N 435 
U   "H3'"  H N N 436 
U   "HO3'" H N N 437 
U   "H2'"  H N N 438 
U   "HO2'" H N N 439 
U   "H1'"  H N N 440 
U   H3     H N N 441 
U   H5     H N N 442 
U   H6     H N N 443 
VAL N      N N N 444 
VAL CA     C N S 445 
VAL C      C N N 446 
VAL O      O N N 447 
VAL CB     C N N 448 
VAL CG1    C N N 449 
VAL CG2    C N N 450 
VAL OXT    O N N 451 
VAL H      H N N 452 
VAL H2     H N N 453 
VAL HA     H N N 454 
VAL HB     H N N 455 
VAL HG11   H N N 456 
VAL HG12   H N N 457 
VAL HG13   H N N 458 
VAL HG21   H N N 459 
VAL HG22   H N N 460 
VAL HG23   H N N 461 
VAL HXT    H N N 462 
# 
loop_
_chem_comp_bond.comp_id 
_chem_comp_bond.atom_id_1 
_chem_comp_bond.atom_id_2 
_chem_comp_bond.value_order 
_chem_comp_bond.pdbx_aromatic_flag 
_chem_comp_bond.pdbx_stereo_config 
_chem_comp_bond.pdbx_ordinal 
ALA N     CA     sing N N 1   
ALA N     H      sing N N 2   
ALA N     H2     sing N N 3   
ALA CA    C      sing N N 4   
ALA CA    CB     sing N N 5   
ALA CA    HA     sing N N 6   
ALA C     O      doub N N 7   
ALA C     OXT    sing N N 8   
ALA CB    HB1    sing N N 9   
ALA CB    HB2    sing N N 10  
ALA CB    HB3    sing N N 11  
ALA OXT   HXT    sing N N 12  
ARG N     CA     sing N N 13  
ARG N     H      sing N N 14  
ARG N     H2     sing N N 15  
ARG CA    C      sing N N 16  
ARG CA    CB     sing N N 17  
ARG CA    HA     sing N N 18  
ARG C     O      doub N N 19  
ARG C     OXT    sing N N 20  
ARG CB    CG     sing N N 21  
ARG CB    HB2    sing N N 22  
ARG CB    HB3    sing N N 23  
ARG CG    CD     sing N N 24  
ARG CG    HG2    sing N N 25  
ARG CG    HG3    sing N N 26  
ARG CD    NE     sing N N 27  
ARG CD    HD2    sing N N 28  
ARG CD    HD3    sing N N 29  
ARG NE    CZ     sing N N 30  
ARG NE    HE     sing N N 31  
ARG CZ    NH1    sing N N 32  
ARG CZ    NH2    doub N N 33  
ARG NH1   HH11   sing N N 34  
ARG NH1   HH12   sing N N 35  
ARG NH2   HH21   sing N N 36  
ARG NH2   HH22   sing N N 37  
ARG OXT   HXT    sing N N 38  
ASN N     CA     sing N N 39  
ASN N     H      sing N N 40  
ASN N     H2     sing N N 41  
ASN CA    C      sing N N 42  
ASN CA    CB     sing N N 43  
ASN CA    HA     sing N N 44  
ASN C     O      doub N N 45  
ASN C     OXT    sing N N 46  
ASN CB    CG     sing N N 47  
ASN CB    HB2    sing N N 48  
ASN CB    HB3    sing N N 49  
ASN CG    OD1    doub N N 50  
ASN CG    ND2    sing N N 51  
ASN ND2   HD21   sing N N 52  
ASN ND2   HD22   sing N N 53  
ASN OXT   HXT    sing N N 54  
ASP N     CA     sing N N 55  
ASP N     H      sing N N 56  
ASP N     H2     sing N N 57  
ASP CA    C      sing N N 58  
ASP CA    CB     sing N N 59  
ASP CA    HA     sing N N 60  
ASP C     O      doub N N 61  
ASP C     OXT    sing N N 62  
ASP CB    CG     sing N N 63  
ASP CB    HB2    sing N N 64  
ASP CB    HB3    sing N N 65  
ASP CG    OD1    doub N N 66  
ASP CG    OD2    sing N N 67  
ASP OD2   HD2    sing N N 68  
ASP OXT   HXT    sing N N 69  
CYS N     CA     sing N N 70  
CYS N     H      sing N N 71  
CYS N     H2     sing N N 72  
CYS CA    C      sing N N 73  
CYS CA    CB     sing N N 74  
CYS CA    HA     sing N N 75  
CYS C     O      doub N N 76  
CYS C     OXT    sing N N 77  
CYS CB    SG     sing N N 78  
CYS CB    HB2    sing N N 79  
CYS CB    HB3    sing N N 80  
CYS SG    HG     sing N N 81  
CYS OXT   HXT    sing N N 82  
G   OP3   P      sing N N 83  
G   OP3   HOP3   sing N N 84  
G   P     OP1    doub N N 85  
G   P     OP2    sing N N 86  
G   P     "O5'"  sing N N 87  
G   OP2   HOP2   sing N N 88  
G   "O5'" "C5'"  sing N N 89  
G   "C5'" "C4'"  sing N N 90  
G   "C5'" "H5'"  sing N N 91  
G   "C5'" "H5''" sing N N 92  
G   "C4'" "O4'"  sing N N 93  
G   "C4'" "C3'"  sing N N 94  
G   "C4'" "H4'"  sing N N 95  
G   "O4'" "C1'"  sing N N 96  
G   "C3'" "O3'"  sing N N 97  
G   "C3'" "C2'"  sing N N 98  
G   "C3'" "H3'"  sing N N 99  
G   "O3'" "HO3'" sing N N 100 
G   "C2'" "O2'"  sing N N 101 
G   "C2'" "C1'"  sing N N 102 
G   "C2'" "H2'"  sing N N 103 
G   "O2'" "HO2'" sing N N 104 
G   "C1'" N9     sing N N 105 
G   "C1'" "H1'"  sing N N 106 
G   N9    C8     sing Y N 107 
G   N9    C4     sing Y N 108 
G   C8    N7     doub Y N 109 
G   C8    H8     sing N N 110 
G   N7    C5     sing Y N 111 
G   C5    C6     sing N N 112 
G   C5    C4     doub Y N 113 
G   C6    O6     doub N N 114 
G   C6    N1     sing N N 115 
G   N1    C2     sing N N 116 
G   N1    H1     sing N N 117 
G   C2    N2     sing N N 118 
G   C2    N3     doub N N 119 
G   N2    H21    sing N N 120 
G   N2    H22    sing N N 121 
G   N3    C4     sing N N 122 
GLN N     CA     sing N N 123 
GLN N     H      sing N N 124 
GLN N     H2     sing N N 125 
GLN CA    C      sing N N 126 
GLN CA    CB     sing N N 127 
GLN CA    HA     sing N N 128 
GLN C     O      doub N N 129 
GLN C     OXT    sing N N 130 
GLN CB    CG     sing N N 131 
GLN CB    HB2    sing N N 132 
GLN CB    HB3    sing N N 133 
GLN CG    CD     sing N N 134 
GLN CG    HG2    sing N N 135 
GLN CG    HG3    sing N N 136 
GLN CD    OE1    doub N N 137 
GLN CD    NE2    sing N N 138 
GLN NE2   HE21   sing N N 139 
GLN NE2   HE22   sing N N 140 
GLN OXT   HXT    sing N N 141 
GLU N     CA     sing N N 142 
GLU N     H      sing N N 143 
GLU N     H2     sing N N 144 
GLU CA    C      sing N N 145 
GLU CA    CB     sing N N 146 
GLU CA    HA     sing N N 147 
GLU C     O      doub N N 148 
GLU C     OXT    sing N N 149 
GLU CB    CG     sing N N 150 
GLU CB    HB2    sing N N 151 
GLU CB    HB3    sing N N 152 
GLU CG    CD     sing N N 153 
GLU CG    HG2    sing N N 154 
GLU CG    HG3    sing N N 155 
GLU CD    OE1    doub N N 156 
GLU CD    OE2    sing N N 157 
GLU OE2   HE2    sing N N 158 
GLU OXT   HXT    sing N N 159 
GLY N     CA     sing N N 160 
GLY N     H      sing N N 161 
GLY N     H2     sing N N 162 
GLY CA    C      sing N N 163 
GLY CA    HA2    sing N N 164 
GLY CA    HA3    sing N N 165 
GLY C     O      doub N N 166 
GLY C     OXT    sing N N 167 
GLY OXT   HXT    sing N N 168 
HIS N     CA     sing N N 169 
HIS N     H      sing N N 170 
HIS N     H2     sing N N 171 
HIS CA    C      sing N N 172 
HIS CA    CB     sing N N 173 
HIS CA    HA     sing N N 174 
HIS C     O      doub N N 175 
HIS C     OXT    sing N N 176 
HIS CB    CG     sing N N 177 
HIS CB    HB2    sing N N 178 
HIS CB    HB3    sing N N 179 
HIS CG    ND1    sing Y N 180 
HIS CG    CD2    doub Y N 181 
HIS ND1   CE1    doub Y N 182 
HIS ND1   HD1    sing N N 183 
HIS CD2   NE2    sing Y N 184 
HIS CD2   HD2    sing N N 185 
HIS CE1   NE2    sing Y N 186 
HIS CE1   HE1    sing N N 187 
HIS NE2   HE2    sing N N 188 
HIS OXT   HXT    sing N N 189 
HOH O     H1     sing N N 190 
HOH O     H2     sing N N 191 
ILE N     CA     sing N N 192 
ILE N     H      sing N N 193 
ILE N     H2     sing N N 194 
ILE CA    C      sing N N 195 
ILE CA    CB     sing N N 196 
ILE CA    HA     sing N N 197 
ILE C     O      doub N N 198 
ILE C     OXT    sing N N 199 
ILE CB    CG1    sing N N 200 
ILE CB    CG2    sing N N 201 
ILE CB    HB     sing N N 202 
ILE CG1   CD1    sing N N 203 
ILE CG1   HG12   sing N N 204 
ILE CG1   HG13   sing N N 205 
ILE CG2   HG21   sing N N 206 
ILE CG2   HG22   sing N N 207 
ILE CG2   HG23   sing N N 208 
ILE CD1   HD11   sing N N 209 
ILE CD1   HD12   sing N N 210 
ILE CD1   HD13   sing N N 211 
ILE OXT   HXT    sing N N 212 
LEU N     CA     sing N N 213 
LEU N     H      sing N N 214 
LEU N     H2     sing N N 215 
LEU CA    C      sing N N 216 
LEU CA    CB     sing N N 217 
LEU CA    HA     sing N N 218 
LEU C     O      doub N N 219 
LEU C     OXT    sing N N 220 
LEU CB    CG     sing N N 221 
LEU CB    HB2    sing N N 222 
LEU CB    HB3    sing N N 223 
LEU CG    CD1    sing N N 224 
LEU CG    CD2    sing N N 225 
LEU CG    HG     sing N N 226 
LEU CD1   HD11   sing N N 227 
LEU CD1   HD12   sing N N 228 
LEU CD1   HD13   sing N N 229 
LEU CD2   HD21   sing N N 230 
LEU CD2   HD22   sing N N 231 
LEU CD2   HD23   sing N N 232 
LEU OXT   HXT    sing N N 233 
LYS N     CA     sing N N 234 
LYS N     H      sing N N 235 
LYS N     H2     sing N N 236 
LYS CA    C      sing N N 237 
LYS CA    CB     sing N N 238 
LYS CA    HA     sing N N 239 
LYS C     O      doub N N 240 
LYS C     OXT    sing N N 241 
LYS CB    CG     sing N N 242 
LYS CB    HB2    sing N N 243 
LYS CB    HB3    sing N N 244 
LYS CG    CD     sing N N 245 
LYS CG    HG2    sing N N 246 
LYS CG    HG3    sing N N 247 
LYS CD    CE     sing N N 248 
LYS CD    HD2    sing N N 249 
LYS CD    HD3    sing N N 250 
LYS CE    NZ     sing N N 251 
LYS CE    HE2    sing N N 252 
LYS CE    HE3    sing N N 253 
LYS NZ    HZ1    sing N N 254 
LYS NZ    HZ2    sing N N 255 
LYS NZ    HZ3    sing N N 256 
LYS OXT   HXT    sing N N 257 
MET N     CA     sing N N 258 
MET N     H      sing N N 259 
MET N     H2     sing N N 260 
MET CA    C      sing N N 261 
MET CA    CB     sing N N 262 
MET CA    HA     sing N N 263 
MET C     O      doub N N 264 
MET C     OXT    sing N N 265 
MET CB    CG     sing N N 266 
MET CB    HB2    sing N N 267 
MET CB    HB3    sing N N 268 
MET CG    SD     sing N N 269 
MET CG    HG2    sing N N 270 
MET CG    HG3    sing N N 271 
MET SD    CE     sing N N 272 
MET CE    HE1    sing N N 273 
MET CE    HE2    sing N N 274 
MET CE    HE3    sing N N 275 
MET OXT   HXT    sing N N 276 
PHE N     CA     sing N N 277 
PHE N     H      sing N N 278 
PHE N     H2     sing N N 279 
PHE CA    C      sing N N 280 
PHE CA    CB     sing N N 281 
PHE CA    HA     sing N N 282 
PHE C     O      doub N N 283 
PHE C     OXT    sing N N 284 
PHE CB    CG     sing N N 285 
PHE CB    HB2    sing N N 286 
PHE CB    HB3    sing N N 287 
PHE CG    CD1    doub Y N 288 
PHE CG    CD2    sing Y N 289 
PHE CD1   CE1    sing Y N 290 
PHE CD1   HD1    sing N N 291 
PHE CD2   CE2    doub Y N 292 
PHE CD2   HD2    sing N N 293 
PHE CE1   CZ     doub Y N 294 
PHE CE1   HE1    sing N N 295 
PHE CE2   CZ     sing Y N 296 
PHE CE2   HE2    sing N N 297 
PHE CZ    HZ     sing N N 298 
PHE OXT   HXT    sing N N 299 
PRO N     CA     sing N N 300 
PRO N     CD     sing N N 301 
PRO N     H      sing N N 302 
PRO CA    C      sing N N 303 
PRO CA    CB     sing N N 304 
PRO CA    HA     sing N N 305 
PRO C     O      doub N N 306 
PRO C     OXT    sing N N 307 
PRO CB    CG     sing N N 308 
PRO CB    HB2    sing N N 309 
PRO CB    HB3    sing N N 310 
PRO CG    CD     sing N N 311 
PRO CG    HG2    sing N N 312 
PRO CG    HG3    sing N N 313 
PRO CD    HD2    sing N N 314 
PRO CD    HD3    sing N N 315 
PRO OXT   HXT    sing N N 316 
SER N     CA     sing N N 317 
SER N     H      sing N N 318 
SER N     H2     sing N N 319 
SER CA    C      sing N N 320 
SER CA    CB     sing N N 321 
SER CA    HA     sing N N 322 
SER C     O      doub N N 323 
SER C     OXT    sing N N 324 
SER CB    OG     sing N N 325 
SER CB    HB2    sing N N 326 
SER CB    HB3    sing N N 327 
SER OG    HG     sing N N 328 
SER OXT   HXT    sing N N 329 
THR N     CA     sing N N 330 
THR N     H      sing N N 331 
THR N     H2     sing N N 332 
THR CA    C      sing N N 333 
THR CA    CB     sing N N 334 
THR CA    HA     sing N N 335 
THR C     O      doub N N 336 
THR C     OXT    sing N N 337 
THR CB    OG1    sing N N 338 
THR CB    CG2    sing N N 339 
THR CB    HB     sing N N 340 
THR OG1   HG1    sing N N 341 
THR CG2   HG21   sing N N 342 
THR CG2   HG22   sing N N 343 
THR CG2   HG23   sing N N 344 
THR OXT   HXT    sing N N 345 
TRP N     CA     sing N N 346 
TRP N     H      sing N N 347 
TRP N     H2     sing N N 348 
TRP CA    C      sing N N 349 
TRP CA    CB     sing N N 350 
TRP CA    HA     sing N N 351 
TRP C     O      doub N N 352 
TRP C     OXT    sing N N 353 
TRP CB    CG     sing N N 354 
TRP CB    HB2    sing N N 355 
TRP CB    HB3    sing N N 356 
TRP CG    CD1    doub Y N 357 
TRP CG    CD2    sing Y N 358 
TRP CD1   NE1    sing Y N 359 
TRP CD1   HD1    sing N N 360 
TRP CD2   CE2    doub Y N 361 
TRP CD2   CE3    sing Y N 362 
TRP NE1   CE2    sing Y N 363 
TRP NE1   HE1    sing N N 364 
TRP CE2   CZ2    sing Y N 365 
TRP CE3   CZ3    doub Y N 366 
TRP CE3   HE3    sing N N 367 
TRP CZ2   CH2    doub Y N 368 
TRP CZ2   HZ2    sing N N 369 
TRP CZ3   CH2    sing Y N 370 
TRP CZ3   HZ3    sing N N 371 
TRP CH2   HH2    sing N N 372 
TRP OXT   HXT    sing N N 373 
TYR N     CA     sing N N 374 
TYR N     H      sing N N 375 
TYR N     H2     sing N N 376 
TYR CA    C      sing N N 377 
TYR CA    CB     sing N N 378 
TYR CA    HA     sing N N 379 
TYR C     O      doub N N 380 
TYR C     OXT    sing N N 381 
TYR CB    CG     sing N N 382 
TYR CB    HB2    sing N N 383 
TYR CB    HB3    sing N N 384 
TYR CG    CD1    doub Y N 385 
TYR CG    CD2    sing Y N 386 
TYR CD1   CE1    sing Y N 387 
TYR CD1   HD1    sing N N 388 
TYR CD2   CE2    doub Y N 389 
TYR CD2   HD2    sing N N 390 
TYR CE1   CZ     doub Y N 391 
TYR CE1   HE1    sing N N 392 
TYR CE2   CZ     sing Y N 393 
TYR CE2   HE2    sing N N 394 
TYR CZ    OH     sing N N 395 
TYR OH    HH     sing N N 396 
TYR OXT   HXT    sing N N 397 
U   OP3   P      sing N N 398 
U   OP3   HOP3   sing N N 399 
U   P     OP1    doub N N 400 
U   P     OP2    sing N N 401 
U   P     "O5'"  sing N N 402 
U   OP2   HOP2   sing N N 403 
U   "O5'" "C5'"  sing N N 404 
U   "C5'" "C4'"  sing N N 405 
U   "C5'" "H5'"  sing N N 406 
U   "C5'" "H5''" sing N N 407 
U   "C4'" "O4'"  sing N N 408 
U   "C4'" "C3'"  sing N N 409 
U   "C4'" "H4'"  sing N N 410 
U   "O4'" "C1'"  sing N N 411 
U   "C3'" "O3'"  sing N N 412 
U   "C3'" "C2'"  sing N N 413 
U   "C3'" "H3'"  sing N N 414 
U   "O3'" "HO3'" sing N N 415 
U   "C2'" "O2'"  sing N N 416 
U   "C2'" "C1'"  sing N N 417 
U   "C2'" "H2'"  sing N N 418 
U   "O2'" "HO2'" sing N N 419 
U   "C1'" N1     sing N N 420 
U   "C1'" "H1'"  sing N N 421 
U   N1    C2     sing N N 422 
U   N1    C6     sing N N 423 
U   C2    O2     doub N N 424 
U   C2    N3     sing N N 425 
U   N3    C4     sing N N 426 
U   N3    H3     sing N N 427 
U   C4    O4     doub N N 428 
U   C4    C5     sing N N 429 
U   C5    C6     doub N N 430 
U   C5    H5     sing N N 431 
U   C6    H6     sing N N 432 
VAL N     CA     sing N N 433 
VAL N     H      sing N N 434 
VAL N     H2     sing N N 435 
VAL CA    C      sing N N 436 
VAL CA    CB     sing N N 437 
VAL CA    HA     sing N N 438 
VAL C     O      doub N N 439 
VAL C     OXT    sing N N 440 
VAL CB    CG1    sing N N 441 
VAL CB    CG2    sing N N 442 
VAL CB    HB     sing N N 443 
VAL CG1   HG11   sing N N 444 
VAL CG1   HG12   sing N N 445 
VAL CG1   HG13   sing N N 446 
VAL CG2   HG21   sing N N 447 
VAL CG2   HG22   sing N N 448 
VAL CG2   HG23   sing N N 449 
VAL OXT   HXT    sing N N 450 
# 
_pdbx_entity_nonpoly.entity_id   3 
_pdbx_entity_nonpoly.name        water 
_pdbx_entity_nonpoly.comp_id     HOH 
# 
_pdbx_initial_refinement_model.id               1 
_pdbx_initial_refinement_model.entity_id_list   ? 
_pdbx_initial_refinement_model.type             'experimental model' 
_pdbx_initial_refinement_model.source_name      PDB 
_pdbx_initial_refinement_model.accession_code   3NMR 
_pdbx_initial_refinement_model.details          'PDB ENTRY 3NMR' 
# 
